data_3F8K
# 
_entry.id   3F8K 
# 
_audit_conform.dict_name       mmcif_pdbx.dic 
_audit_conform.dict_version    5.397 
_audit_conform.dict_location   http://mmcif.pdb.org/dictionaries/ascii/mmcif_pdbx.dic 
# 
loop_
_database_2.database_id 
_database_2.database_code 
_database_2.pdbx_database_accession 
_database_2.pdbx_DOI 
PDB   3F8K         pdb_00003f8k 10.2210/pdb3f8k/pdb 
RCSB  RCSB050281   ?            ?                   
WWPDB D_1000050281 ?            ?                   
# 
loop_
_pdbx_audit_revision_history.ordinal 
_pdbx_audit_revision_history.data_content_type 
_pdbx_audit_revision_history.major_revision 
_pdbx_audit_revision_history.minor_revision 
_pdbx_audit_revision_history.revision_date 
1 'Structure model' 1 0 2009-05-26 
2 'Structure model' 1 1 2011-07-13 
3 'Structure model' 1 2 2017-11-01 
4 'Structure model' 1 3 2023-12-27 
5 'Structure model' 1 4 2024-10-30 
# 
_pdbx_audit_revision_details.ordinal             1 
_pdbx_audit_revision_details.revision_ordinal    1 
_pdbx_audit_revision_details.data_content_type   'Structure model' 
_pdbx_audit_revision_details.provider            repository 
_pdbx_audit_revision_details.type                'Initial release' 
_pdbx_audit_revision_details.description         ? 
_pdbx_audit_revision_details.details             ? 
# 
loop_
_pdbx_audit_revision_group.ordinal 
_pdbx_audit_revision_group.revision_ordinal 
_pdbx_audit_revision_group.data_content_type 
_pdbx_audit_revision_group.group 
1 2 'Structure model' 'Version format compliance' 
2 3 'Structure model' 'Refinement description'    
3 4 'Structure model' 'Data collection'           
4 4 'Structure model' 'Database references'       
5 4 'Structure model' 'Derived calculations'      
6 5 'Structure model' 'Structure summary'         
# 
loop_
_pdbx_audit_revision_category.ordinal 
_pdbx_audit_revision_category.revision_ordinal 
_pdbx_audit_revision_category.data_content_type 
_pdbx_audit_revision_category.category 
1 3 'Structure model' software                  
2 4 'Structure model' chem_comp_atom            
3 4 'Structure model' chem_comp_bond            
4 4 'Structure model' database_2                
5 4 'Structure model' struct_conn               
6 4 'Structure model' struct_site               
7 5 'Structure model' pdbx_entry_details        
8 5 'Structure model' pdbx_modification_feature 
# 
loop_
_pdbx_audit_revision_item.ordinal 
_pdbx_audit_revision_item.revision_ordinal 
_pdbx_audit_revision_item.data_content_type 
_pdbx_audit_revision_item.item 
1 3 'Structure model' '_software.name'                      
2 4 'Structure model' '_database_2.pdbx_DOI'                
3 4 'Structure model' '_database_2.pdbx_database_accession' 
4 4 'Structure model' '_struct_conn.pdbx_leaving_atom_flag' 
5 4 'Structure model' '_struct_site.pdbx_auth_asym_id'      
6 4 'Structure model' '_struct_site.pdbx_auth_comp_id'      
7 4 'Structure model' '_struct_site.pdbx_auth_seq_id'       
# 
_pdbx_database_status.status_code                     REL 
_pdbx_database_status.entry_id                        3F8K 
_pdbx_database_status.recvd_initial_deposition_date   2008-11-12 
_pdbx_database_status.deposit_site                    RCSB 
_pdbx_database_status.process_site                    RCSB 
_pdbx_database_status.status_code_sf                  REL 
_pdbx_database_status.status_code_mr                  ? 
_pdbx_database_status.SG_entry                        ? 
_pdbx_database_status.pdb_format_compatible           Y 
_pdbx_database_status.status_code_cs                  ? 
_pdbx_database_status.methods_development_category    ? 
_pdbx_database_status.status_code_nmr_data            ? 
# 
_audit_author.name           'Brent, M.M.' 
_audit_author.pdbx_ordinal   1 
# 
_citation.id                        primary 
_citation.title                     
'Structure and Biochemical Characterization of Protein Acetyltransferase from Sulfolobus solfataricus.' 
_citation.journal_abbrev            J.Biol.Chem. 
_citation.journal_volume            284 
_citation.page_first                19412 
_citation.page_last                 19419 
_citation.year                      2009 
_citation.journal_id_ASTM           JBCHA3 
_citation.country                   US 
_citation.journal_id_ISSN           0021-9258 
_citation.journal_id_CSD            0071 
_citation.book_publisher            ? 
_citation.pdbx_database_id_PubMed   19473964 
_citation.pdbx_database_id_DOI      10.1074/jbc.M109.014951 
# 
loop_
_citation_author.citation_id 
_citation_author.name 
_citation_author.ordinal 
_citation_author.identifier_ORCID 
primary 'Brent, M.M.'     1 ? 
primary 'Iwata, A.'       2 ? 
primary 'Carten, J.'      3 ? 
primary 'Zhao, K.'        4 ? 
primary 'Marmorstein, R.' 5 ? 
# 
loop_
_entity.id 
_entity.type 
_entity.src_method 
_entity.pdbx_description 
_entity.formula_weight 
_entity.pdbx_number_of_molecules 
_entity.pdbx_ec 
_entity.pdbx_mutation 
_entity.pdbx_fragment 
_entity.details 
1 polymer     man 'Protein acetyltransferase' 18818.879 1  ? ? ? ? 
2 non-polymer syn 'COENZYME A'                767.534   1  ? ? ? ? 
3 water       nat water                       18.015    73 ? ? ? ? 
# 
_entity_poly.entity_id                      1 
_entity_poly.type                           'polypeptide(L)' 
_entity_poly.nstd_linkage                   no 
_entity_poly.nstd_monomer                   yes 
_entity_poly.pdbx_seq_one_letter_code       
;(MSE)NDQIKIRKATKEDWEKIYQLYNSLSDEDLYLRFFHLYRITEEDAKKIASNEDHVTFLAEVDGKVVGEASLHKDGE
FSLVVHRNYRTLGIGTLLVKTLIEEAKKSGLSTVKFYTLPENTP(MSE)IKIGRKLGFK(MSE)RFYEDEVYGE(MSE)R
LTERELNVNLATFSAP
;
_entity_poly.pdbx_seq_one_letter_code_can   
;MNDQIKIRKATKEDWEKIYQLYNSLSDEDLYLRFFHLYRITEEDAKKIASNEDHVTFLAEVDGKVVGEASLHKDGEFSLV
VHRNYRTLGIGTLLVKTLIEEAKKSGLSTVKFYTLPENTPMIKIGRKLGFKMRFYEDEVYGEMRLTERELNVNLATFSAP
;
_entity_poly.pdbx_strand_id                 A 
_entity_poly.pdbx_target_identifier         ? 
# 
loop_
_pdbx_entity_nonpoly.entity_id 
_pdbx_entity_nonpoly.name 
_pdbx_entity_nonpoly.comp_id 
2 'COENZYME A' COA 
3 water        HOH 
# 
loop_
_entity_poly_seq.entity_id 
_entity_poly_seq.num 
_entity_poly_seq.mon_id 
_entity_poly_seq.hetero 
1 1   MSE n 
1 2   ASN n 
1 3   ASP n 
1 4   GLN n 
1 5   ILE n 
1 6   LYS n 
1 7   ILE n 
1 8   ARG n 
1 9   LYS n 
1 10  ALA n 
1 11  THR n 
1 12  LYS n 
1 13  GLU n 
1 14  ASP n 
1 15  TRP n 
1 16  GLU n 
1 17  LYS n 
1 18  ILE n 
1 19  TYR n 
1 20  GLN n 
1 21  LEU n 
1 22  TYR n 
1 23  ASN n 
1 24  SER n 
1 25  LEU n 
1 26  SER n 
1 27  ASP n 
1 28  GLU n 
1 29  ASP n 
1 30  LEU n 
1 31  TYR n 
1 32  LEU n 
1 33  ARG n 
1 34  PHE n 
1 35  PHE n 
1 36  HIS n 
1 37  LEU n 
1 38  TYR n 
1 39  ARG n 
1 40  ILE n 
1 41  THR n 
1 42  GLU n 
1 43  GLU n 
1 44  ASP n 
1 45  ALA n 
1 46  LYS n 
1 47  LYS n 
1 48  ILE n 
1 49  ALA n 
1 50  SER n 
1 51  ASN n 
1 52  GLU n 
1 53  ASP n 
1 54  HIS n 
1 55  VAL n 
1 56  THR n 
1 57  PHE n 
1 58  LEU n 
1 59  ALA n 
1 60  GLU n 
1 61  VAL n 
1 62  ASP n 
1 63  GLY n 
1 64  LYS n 
1 65  VAL n 
1 66  VAL n 
1 67  GLY n 
1 68  GLU n 
1 69  ALA n 
1 70  SER n 
1 71  LEU n 
1 72  HIS n 
1 73  LYS n 
1 74  ASP n 
1 75  GLY n 
1 76  GLU n 
1 77  PHE n 
1 78  SER n 
1 79  LEU n 
1 80  VAL n 
1 81  VAL n 
1 82  HIS n 
1 83  ARG n 
1 84  ASN n 
1 85  TYR n 
1 86  ARG n 
1 87  THR n 
1 88  LEU n 
1 89  GLY n 
1 90  ILE n 
1 91  GLY n 
1 92  THR n 
1 93  LEU n 
1 94  LEU n 
1 95  VAL n 
1 96  LYS n 
1 97  THR n 
1 98  LEU n 
1 99  ILE n 
1 100 GLU n 
1 101 GLU n 
1 102 ALA n 
1 103 LYS n 
1 104 LYS n 
1 105 SER n 
1 106 GLY n 
1 107 LEU n 
1 108 SER n 
1 109 THR n 
1 110 VAL n 
1 111 LYS n 
1 112 PHE n 
1 113 TYR n 
1 114 THR n 
1 115 LEU n 
1 116 PRO n 
1 117 GLU n 
1 118 ASN n 
1 119 THR n 
1 120 PRO n 
1 121 MSE n 
1 122 ILE n 
1 123 LYS n 
1 124 ILE n 
1 125 GLY n 
1 126 ARG n 
1 127 LYS n 
1 128 LEU n 
1 129 GLY n 
1 130 PHE n 
1 131 LYS n 
1 132 MSE n 
1 133 ARG n 
1 134 PHE n 
1 135 TYR n 
1 136 GLU n 
1 137 ASP n 
1 138 GLU n 
1 139 VAL n 
1 140 TYR n 
1 141 GLY n 
1 142 GLU n 
1 143 MSE n 
1 144 ARG n 
1 145 LEU n 
1 146 THR n 
1 147 GLU n 
1 148 ARG n 
1 149 GLU n 
1 150 LEU n 
1 151 ASN n 
1 152 VAL n 
1 153 ASN n 
1 154 LEU n 
1 155 ALA n 
1 156 THR n 
1 157 PHE n 
1 158 SER n 
1 159 ALA n 
1 160 PRO n 
# 
_entity_src_gen.entity_id                          1 
_entity_src_gen.pdbx_src_id                        1 
_entity_src_gen.pdbx_alt_source_flag               sample 
_entity_src_gen.pdbx_seq_type                      ? 
_entity_src_gen.pdbx_beg_seq_num                   ? 
_entity_src_gen.pdbx_end_seq_num                   ? 
_entity_src_gen.gene_src_common_name               ? 
_entity_src_gen.gene_src_genus                     ? 
_entity_src_gen.pdbx_gene_src_gene                 SSO2813 
_entity_src_gen.gene_src_species                   ? 
_entity_src_gen.gene_src_strain                    'DSM 1617 / JCM 11322 / P2' 
_entity_src_gen.gene_src_tissue                    ? 
_entity_src_gen.gene_src_tissue_fraction           ? 
_entity_src_gen.gene_src_details                   ? 
_entity_src_gen.pdbx_gene_src_fragment             ? 
_entity_src_gen.pdbx_gene_src_scientific_name      'Sulfolobus solfataricus P2' 
_entity_src_gen.pdbx_gene_src_ncbi_taxonomy_id     273057 
_entity_src_gen.pdbx_gene_src_variant              ? 
_entity_src_gen.pdbx_gene_src_cell_line            ? 
_entity_src_gen.pdbx_gene_src_atcc                 35092 
_entity_src_gen.pdbx_gene_src_organ                ? 
_entity_src_gen.pdbx_gene_src_organelle            ? 
_entity_src_gen.pdbx_gene_src_cell                 ? 
_entity_src_gen.pdbx_gene_src_cellular_location    ? 
_entity_src_gen.host_org_common_name               ? 
_entity_src_gen.pdbx_host_org_scientific_name      'Escherichia coli' 
_entity_src_gen.pdbx_host_org_ncbi_taxonomy_id     562 
_entity_src_gen.host_org_genus                     ? 
_entity_src_gen.pdbx_host_org_gene                 ? 
_entity_src_gen.pdbx_host_org_organ                ? 
_entity_src_gen.host_org_species                   ? 
_entity_src_gen.pdbx_host_org_tissue               ? 
_entity_src_gen.pdbx_host_org_tissue_fraction      ? 
_entity_src_gen.pdbx_host_org_strain               'BL21(DE3)' 
_entity_src_gen.pdbx_host_org_variant              ? 
_entity_src_gen.pdbx_host_org_cell_line            ? 
_entity_src_gen.pdbx_host_org_atcc                 ? 
_entity_src_gen.pdbx_host_org_culture_collection   ? 
_entity_src_gen.pdbx_host_org_cell                 ? 
_entity_src_gen.pdbx_host_org_organelle            ? 
_entity_src_gen.pdbx_host_org_cellular_location    ? 
_entity_src_gen.pdbx_host_org_vector_type          Plasmid 
_entity_src_gen.pdbx_host_org_vector               ? 
_entity_src_gen.host_org_details                   ? 
_entity_src_gen.expression_system_id               ? 
_entity_src_gen.plasmid_name                       pET28a 
_entity_src_gen.plasmid_details                    ? 
_entity_src_gen.pdbx_description                   ? 
# 
loop_
_chem_comp.id 
_chem_comp.type 
_chem_comp.mon_nstd_flag 
_chem_comp.name 
_chem_comp.pdbx_synonyms 
_chem_comp.formula 
_chem_comp.formula_weight 
ALA 'L-peptide linking' y ALANINE          ? 'C3 H7 N O2'          89.093  
ARG 'L-peptide linking' y ARGININE         ? 'C6 H15 N4 O2 1'      175.209 
ASN 'L-peptide linking' y ASPARAGINE       ? 'C4 H8 N2 O3'         132.118 
ASP 'L-peptide linking' y 'ASPARTIC ACID'  ? 'C4 H7 N O4'          133.103 
COA non-polymer         . 'COENZYME A'     ? 'C21 H36 N7 O16 P3 S' 767.534 
GLN 'L-peptide linking' y GLUTAMINE        ? 'C5 H10 N2 O3'        146.144 
GLU 'L-peptide linking' y 'GLUTAMIC ACID'  ? 'C5 H9 N O4'          147.129 
GLY 'peptide linking'   y GLYCINE          ? 'C2 H5 N O2'          75.067  
HIS 'L-peptide linking' y HISTIDINE        ? 'C6 H10 N3 O2 1'      156.162 
HOH non-polymer         . WATER            ? 'H2 O'                18.015  
ILE 'L-peptide linking' y ISOLEUCINE       ? 'C6 H13 N O2'         131.173 
LEU 'L-peptide linking' y LEUCINE          ? 'C6 H13 N O2'         131.173 
LYS 'L-peptide linking' y LYSINE           ? 'C6 H15 N2 O2 1'      147.195 
MSE 'L-peptide linking' n SELENOMETHIONINE ? 'C5 H11 N O2 Se'      196.106 
PHE 'L-peptide linking' y PHENYLALANINE    ? 'C9 H11 N O2'         165.189 
PRO 'L-peptide linking' y PROLINE          ? 'C5 H9 N O2'          115.130 
SER 'L-peptide linking' y SERINE           ? 'C3 H7 N O3'          105.093 
THR 'L-peptide linking' y THREONINE        ? 'C4 H9 N O3'          119.119 
TRP 'L-peptide linking' y TRYPTOPHAN       ? 'C11 H12 N2 O2'       204.225 
TYR 'L-peptide linking' y TYROSINE         ? 'C9 H11 N O3'         181.189 
VAL 'L-peptide linking' y VALINE           ? 'C5 H11 N O2'         117.146 
# 
loop_
_pdbx_poly_seq_scheme.asym_id 
_pdbx_poly_seq_scheme.entity_id 
_pdbx_poly_seq_scheme.seq_id 
_pdbx_poly_seq_scheme.mon_id 
_pdbx_poly_seq_scheme.ndb_seq_num 
_pdbx_poly_seq_scheme.pdb_seq_num 
_pdbx_poly_seq_scheme.auth_seq_num 
_pdbx_poly_seq_scheme.pdb_mon_id 
_pdbx_poly_seq_scheme.auth_mon_id 
_pdbx_poly_seq_scheme.pdb_strand_id 
_pdbx_poly_seq_scheme.pdb_ins_code 
_pdbx_poly_seq_scheme.hetero 
A 1 1   MSE 1   1   ?   ?   ?   A . n 
A 1 2   ASN 2   2   ?   ?   ?   A . n 
A 1 3   ASP 3   3   ?   ?   ?   A . n 
A 1 4   GLN 4   4   ?   ?   ?   A . n 
A 1 5   ILE 5   5   5   ILE ILE A . n 
A 1 6   LYS 6   6   6   LYS LYS A . n 
A 1 7   ILE 7   7   7   ILE ILE A . n 
A 1 8   ARG 8   8   8   ARG ARG A . n 
A 1 9   LYS 9   9   9   LYS LYS A . n 
A 1 10  ALA 10  10  10  ALA ALA A . n 
A 1 11  THR 11  11  11  THR THR A . n 
A 1 12  LYS 12  12  12  LYS LYS A . n 
A 1 13  GLU 13  13  13  GLU GLU A . n 
A 1 14  ASP 14  14  14  ASP ASP A . n 
A 1 15  TRP 15  15  15  TRP TRP A . n 
A 1 16  GLU 16  16  16  GLU GLU A . n 
A 1 17  LYS 17  17  17  LYS LYS A . n 
A 1 18  ILE 18  18  18  ILE ILE A . n 
A 1 19  TYR 19  19  19  TYR TYR A . n 
A 1 20  GLN 20  20  20  GLN GLN A . n 
A 1 21  LEU 21  21  21  LEU LEU A . n 
A 1 22  TYR 22  22  22  TYR TYR A . n 
A 1 23  ASN 23  23  23  ASN ASN A . n 
A 1 24  SER 24  24  24  SER SER A . n 
A 1 25  LEU 25  25  25  LEU LEU A . n 
A 1 26  SER 26  26  26  SER SER A . n 
A 1 27  ASP 27  27  27  ASP ASP A . n 
A 1 28  GLU 28  28  28  GLU GLU A . n 
A 1 29  ASP 29  29  29  ASP ASP A . n 
A 1 30  LEU 30  30  30  LEU LEU A . n 
A 1 31  TYR 31  31  31  TYR TYR A . n 
A 1 32  LEU 32  32  32  LEU LEU A . n 
A 1 33  ARG 33  33  33  ARG ARG A . n 
A 1 34  PHE 34  34  34  PHE PHE A . n 
A 1 35  PHE 35  35  35  PHE PHE A . n 
A 1 36  HIS 36  36  36  HIS HIS A . n 
A 1 37  LEU 37  37  37  LEU LEU A . n 
A 1 38  TYR 38  38  38  TYR TYR A . n 
A 1 39  ARG 39  39  39  ARG ARG A . n 
A 1 40  ILE 40  40  40  ILE ILE A . n 
A 1 41  THR 41  41  41  THR THR A . n 
A 1 42  GLU 42  42  42  GLU GLU A . n 
A 1 43  GLU 43  43  ?   ?   ?   A . n 
A 1 44  ASP 44  44  ?   ?   ?   A . n 
A 1 45  ALA 45  45  ?   ?   ?   A . n 
A 1 46  LYS 46  46  ?   ?   ?   A . n 
A 1 47  LYS 47  47  ?   ?   ?   A . n 
A 1 48  ILE 48  48  ?   ?   ?   A . n 
A 1 49  ALA 49  49  ?   ?   ?   A . n 
A 1 50  SER 50  50  ?   ?   ?   A . n 
A 1 51  ASN 51  51  ?   ?   ?   A . n 
A 1 52  GLU 52  52  ?   ?   ?   A . n 
A 1 53  ASP 53  53  53  ASP ASP A . n 
A 1 54  HIS 54  54  54  HIS HIS A . n 
A 1 55  VAL 55  55  55  VAL VAL A . n 
A 1 56  THR 56  56  56  THR THR A . n 
A 1 57  PHE 57  57  57  PHE PHE A . n 
A 1 58  LEU 58  58  58  LEU LEU A . n 
A 1 59  ALA 59  59  59  ALA ALA A . n 
A 1 60  GLU 60  60  60  GLU GLU A . n 
A 1 61  VAL 61  61  61  VAL VAL A . n 
A 1 62  ASP 62  62  62  ASP ASP A . n 
A 1 63  GLY 63  63  63  GLY GLY A . n 
A 1 64  LYS 64  64  64  LYS LYS A . n 
A 1 65  VAL 65  65  65  VAL VAL A . n 
A 1 66  VAL 66  66  66  VAL VAL A . n 
A 1 67  GLY 67  67  67  GLY GLY A . n 
A 1 68  GLU 68  68  68  GLU GLU A . n 
A 1 69  ALA 69  69  69  ALA ALA A . n 
A 1 70  SER 70  70  70  SER SER A . n 
A 1 71  LEU 71  71  71  LEU LEU A . n 
A 1 72  HIS 72  72  72  HIS HIS A . n 
A 1 73  LYS 73  73  73  LYS LYS A . n 
A 1 74  ASP 74  74  74  ASP ASP A . n 
A 1 75  GLY 75  75  75  GLY GLY A . n 
A 1 76  GLU 76  76  76  GLU GLU A . n 
A 1 77  PHE 77  77  77  PHE PHE A . n 
A 1 78  SER 78  78  78  SER SER A . n 
A 1 79  LEU 79  79  79  LEU LEU A . n 
A 1 80  VAL 80  80  80  VAL VAL A . n 
A 1 81  VAL 81  81  81  VAL VAL A . n 
A 1 82  HIS 82  82  82  HIS HIS A . n 
A 1 83  ARG 83  83  83  ARG ARG A . n 
A 1 84  ASN 84  84  84  ASN ASN A . n 
A 1 85  TYR 85  85  85  TYR TYR A . n 
A 1 86  ARG 86  86  86  ARG ARG A . n 
A 1 87  THR 87  87  87  THR THR A . n 
A 1 88  LEU 88  88  88  LEU LEU A . n 
A 1 89  GLY 89  89  89  GLY GLY A . n 
A 1 90  ILE 90  90  90  ILE ILE A . n 
A 1 91  GLY 91  91  91  GLY GLY A . n 
A 1 92  THR 92  92  92  THR THR A . n 
A 1 93  LEU 93  93  93  LEU LEU A . n 
A 1 94  LEU 94  94  94  LEU LEU A . n 
A 1 95  VAL 95  95  95  VAL VAL A . n 
A 1 96  LYS 96  96  96  LYS LYS A . n 
A 1 97  THR 97  97  97  THR THR A . n 
A 1 98  LEU 98  98  98  LEU LEU A . n 
A 1 99  ILE 99  99  99  ILE ILE A . n 
A 1 100 GLU 100 100 100 GLU GLU A . n 
A 1 101 GLU 101 101 101 GLU GLU A . n 
A 1 102 ALA 102 102 102 ALA ALA A . n 
A 1 103 LYS 103 103 103 LYS LYS A . n 
A 1 104 LYS 104 104 104 LYS LYS A . n 
A 1 105 SER 105 105 105 SER SER A . n 
A 1 106 GLY 106 106 106 GLY GLY A . n 
A 1 107 LEU 107 107 107 LEU LEU A . n 
A 1 108 SER 108 108 108 SER SER A . n 
A 1 109 THR 109 109 109 THR THR A . n 
A 1 110 VAL 110 110 110 VAL VAL A . n 
A 1 111 LYS 111 111 111 LYS LYS A . n 
A 1 112 PHE 112 112 112 PHE PHE A . n 
A 1 113 TYR 113 113 113 TYR TYR A . n 
A 1 114 THR 114 114 114 THR THR A . n 
A 1 115 LEU 115 115 115 LEU LEU A . n 
A 1 116 PRO 116 116 116 PRO PRO A . n 
A 1 117 GLU 117 117 117 GLU GLU A . n 
A 1 118 ASN 118 118 118 ASN ASN A . n 
A 1 119 THR 119 119 119 THR THR A . n 
A 1 120 PRO 120 120 120 PRO PRO A . n 
A 1 121 MSE 121 121 121 MSE MSE A . n 
A 1 122 ILE 122 122 122 ILE ILE A . n 
A 1 123 LYS 123 123 123 LYS LYS A . n 
A 1 124 ILE 124 124 124 ILE ILE A . n 
A 1 125 GLY 125 125 125 GLY GLY A . n 
A 1 126 ARG 126 126 126 ARG ARG A . n 
A 1 127 LYS 127 127 127 LYS LYS A . n 
A 1 128 LEU 128 128 128 LEU LEU A . n 
A 1 129 GLY 129 129 129 GLY GLY A . n 
A 1 130 PHE 130 130 130 PHE PHE A . n 
A 1 131 LYS 131 131 131 LYS LYS A . n 
A 1 132 MSE 132 132 132 MSE MSE A . n 
A 1 133 ARG 133 133 133 ARG ARG A . n 
A 1 134 PHE 134 134 134 PHE PHE A . n 
A 1 135 TYR 135 135 135 TYR TYR A . n 
A 1 136 GLU 136 136 136 GLU GLU A . n 
A 1 137 ASP 137 137 137 ASP ASP A . n 
A 1 138 GLU 138 138 138 GLU GLU A . n 
A 1 139 VAL 139 139 139 VAL VAL A . n 
A 1 140 TYR 140 140 140 TYR TYR A . n 
A 1 141 GLY 141 141 141 GLY GLY A . n 
A 1 142 GLU 142 142 142 GLU GLU A . n 
A 1 143 MSE 143 143 143 MSE MSE A . n 
A 1 144 ARG 144 144 144 ARG ARG A . n 
A 1 145 LEU 145 145 145 LEU LEU A . n 
A 1 146 THR 146 146 146 THR THR A . n 
A 1 147 GLU 147 147 ?   ?   ?   A . n 
A 1 148 ARG 148 148 ?   ?   ?   A . n 
A 1 149 GLU 149 149 ?   ?   ?   A . n 
A 1 150 LEU 150 150 ?   ?   ?   A . n 
A 1 151 ASN 151 151 ?   ?   ?   A . n 
A 1 152 VAL 152 152 ?   ?   ?   A . n 
A 1 153 ASN 153 153 ?   ?   ?   A . n 
A 1 154 LEU 154 154 ?   ?   ?   A . n 
A 1 155 ALA 155 155 ?   ?   ?   A . n 
A 1 156 THR 156 156 ?   ?   ?   A . n 
A 1 157 PHE 157 157 ?   ?   ?   A . n 
A 1 158 SER 158 158 ?   ?   ?   A . n 
A 1 159 ALA 159 159 ?   ?   ?   A . n 
A 1 160 PRO 160 160 ?   ?   ?   A . n 
# 
loop_
_pdbx_nonpoly_scheme.asym_id 
_pdbx_nonpoly_scheme.entity_id 
_pdbx_nonpoly_scheme.mon_id 
_pdbx_nonpoly_scheme.ndb_seq_num 
_pdbx_nonpoly_scheme.pdb_seq_num 
_pdbx_nonpoly_scheme.auth_seq_num 
_pdbx_nonpoly_scheme.pdb_mon_id 
_pdbx_nonpoly_scheme.auth_mon_id 
_pdbx_nonpoly_scheme.pdb_strand_id 
_pdbx_nonpoly_scheme.pdb_ins_code 
B 2 COA 1  301 500 COA COA A . 
C 3 HOH 1  161 1   HOH HOH A . 
C 3 HOH 2  162 3   HOH HOH A . 
C 3 HOH 3  163 4   HOH HOH A . 
C 3 HOH 4  164 5   HOH HOH A . 
C 3 HOH 5  165 6   HOH HOH A . 
C 3 HOH 6  166 7   HOH HOH A . 
C 3 HOH 7  167 9   HOH HOH A . 
C 3 HOH 8  168 10  HOH HOH A . 
C 3 HOH 9  169 11  HOH HOH A . 
C 3 HOH 10 170 13  HOH HOH A . 
C 3 HOH 11 171 14  HOH HOH A . 
C 3 HOH 12 172 15  HOH HOH A . 
C 3 HOH 13 173 16  HOH HOH A . 
C 3 HOH 14 174 18  HOH HOH A . 
C 3 HOH 15 175 20  HOH HOH A . 
C 3 HOH 16 176 21  HOH HOH A . 
C 3 HOH 17 177 22  HOH HOH A . 
C 3 HOH 18 178 23  HOH HOH A . 
C 3 HOH 19 179 24  HOH HOH A . 
C 3 HOH 20 180 25  HOH HOH A . 
C 3 HOH 21 181 26  HOH HOH A . 
C 3 HOH 22 182 29  HOH HOH A . 
C 3 HOH 23 183 31  HOH HOH A . 
C 3 HOH 24 184 32  HOH HOH A . 
C 3 HOH 25 185 33  HOH HOH A . 
C 3 HOH 26 186 34  HOH HOH A . 
C 3 HOH 27 187 36  HOH HOH A . 
C 3 HOH 28 188 37  HOH HOH A . 
C 3 HOH 29 189 38  HOH HOH A . 
C 3 HOH 30 190 39  HOH HOH A . 
C 3 HOH 31 191 40  HOH HOH A . 
C 3 HOH 32 192 41  HOH HOH A . 
C 3 HOH 33 193 43  HOH HOH A . 
C 3 HOH 34 194 45  HOH HOH A . 
C 3 HOH 35 195 48  HOH HOH A . 
C 3 HOH 36 196 49  HOH HOH A . 
C 3 HOH 37 197 50  HOH HOH A . 
C 3 HOH 38 198 51  HOH HOH A . 
C 3 HOH 39 199 52  HOH HOH A . 
C 3 HOH 40 200 53  HOH HOH A . 
C 3 HOH 41 201 54  HOH HOH A . 
C 3 HOH 42 202 55  HOH HOH A . 
C 3 HOH 43 203 56  HOH HOH A . 
C 3 HOH 44 204 57  HOH HOH A . 
C 3 HOH 45 205 58  HOH HOH A . 
C 3 HOH 46 206 59  HOH HOH A . 
C 3 HOH 47 207 60  HOH HOH A . 
C 3 HOH 48 208 61  HOH HOH A . 
C 3 HOH 49 209 62  HOH HOH A . 
C 3 HOH 50 210 63  HOH HOH A . 
C 3 HOH 51 211 64  HOH HOH A . 
C 3 HOH 52 212 65  HOH HOH A . 
C 3 HOH 53 213 66  HOH HOH A . 
C 3 HOH 54 214 67  HOH HOH A . 
C 3 HOH 55 215 68  HOH HOH A . 
C 3 HOH 56 216 69  HOH HOH A . 
C 3 HOH 57 217 70  HOH HOH A . 
C 3 HOH 58 218 71  HOH HOH A . 
C 3 HOH 59 219 72  HOH HOH A . 
C 3 HOH 60 220 73  HOH HOH A . 
C 3 HOH 61 221 74  HOH HOH A . 
C 3 HOH 62 222 75  HOH HOH A . 
C 3 HOH 63 223 76  HOH HOH A . 
C 3 HOH 64 224 77  HOH HOH A . 
C 3 HOH 65 225 78  HOH HOH A . 
C 3 HOH 66 226 79  HOH HOH A . 
C 3 HOH 67 227 80  HOH HOH A . 
C 3 HOH 68 228 81  HOH HOH A . 
C 3 HOH 69 229 82  HOH HOH A . 
C 3 HOH 70 230 83  HOH HOH A . 
C 3 HOH 71 231 84  HOH HOH A . 
C 3 HOH 72 232 85  HOH HOH A . 
C 3 HOH 73 233 86  HOH HOH A . 
# 
loop_
_pdbx_unobs_or_zero_occ_atoms.id 
_pdbx_unobs_or_zero_occ_atoms.PDB_model_num 
_pdbx_unobs_or_zero_occ_atoms.polymer_flag 
_pdbx_unobs_or_zero_occ_atoms.occupancy_flag 
_pdbx_unobs_or_zero_occ_atoms.auth_asym_id 
_pdbx_unobs_or_zero_occ_atoms.auth_comp_id 
_pdbx_unobs_or_zero_occ_atoms.auth_seq_id 
_pdbx_unobs_or_zero_occ_atoms.PDB_ins_code 
_pdbx_unobs_or_zero_occ_atoms.auth_atom_id 
_pdbx_unobs_or_zero_occ_atoms.label_alt_id 
_pdbx_unobs_or_zero_occ_atoms.label_asym_id 
_pdbx_unobs_or_zero_occ_atoms.label_comp_id 
_pdbx_unobs_or_zero_occ_atoms.label_seq_id 
_pdbx_unobs_or_zero_occ_atoms.label_atom_id 
1  1 Y 1 A ILE 5   ? CG1 ? A ILE 5   CG1 
2  1 Y 1 A ILE 5   ? CG2 ? A ILE 5   CG2 
3  1 Y 1 A ILE 5   ? CD1 ? A ILE 5   CD1 
4  1 Y 1 A LYS 6   ? CG  ? A LYS 6   CG  
5  1 Y 1 A LYS 6   ? CD  ? A LYS 6   CD  
6  1 Y 1 A LYS 6   ? CE  ? A LYS 6   CE  
7  1 Y 1 A LYS 6   ? NZ  ? A LYS 6   NZ  
8  1 Y 1 A LYS 12  ? CG  ? A LYS 12  CG  
9  1 Y 1 A LYS 12  ? CD  ? A LYS 12  CD  
10 1 Y 1 A LYS 12  ? CE  ? A LYS 12  CE  
11 1 Y 1 A LYS 12  ? NZ  ? A LYS 12  NZ  
12 1 Y 1 A GLU 16  ? CG  ? A GLU 16  CG  
13 1 Y 1 A GLU 16  ? CD  ? A GLU 16  CD  
14 1 Y 1 A GLU 16  ? OE1 ? A GLU 16  OE1 
15 1 Y 1 A GLU 16  ? OE2 ? A GLU 16  OE2 
16 1 Y 1 A GLU 42  ? CA  ? A GLU 42  CA  
17 1 Y 1 A GLU 42  ? C   ? A GLU 42  C   
18 1 Y 1 A GLU 42  ? O   ? A GLU 42  O   
19 1 Y 1 A GLU 42  ? CB  ? A GLU 42  CB  
20 1 Y 1 A GLU 42  ? CG  ? A GLU 42  CG  
21 1 Y 1 A GLU 42  ? CD  ? A GLU 42  CD  
22 1 Y 1 A GLU 42  ? OE1 ? A GLU 42  OE1 
23 1 Y 1 A GLU 42  ? OE2 ? A GLU 42  OE2 
24 1 Y 1 A ASP 53  ? CG  ? A ASP 53  CG  
25 1 Y 1 A ASP 53  ? OD1 ? A ASP 53  OD1 
26 1 Y 1 A ASP 53  ? OD2 ? A ASP 53  OD2 
27 1 Y 1 A LYS 73  ? CG  ? A LYS 73  CG  
28 1 Y 1 A LYS 73  ? CD  ? A LYS 73  CD  
29 1 Y 1 A LYS 73  ? CE  ? A LYS 73  CE  
30 1 Y 1 A LYS 73  ? NZ  ? A LYS 73  NZ  
31 1 Y 1 A LYS 131 ? CG  ? A LYS 131 CG  
32 1 Y 1 A LYS 131 ? CD  ? A LYS 131 CD  
33 1 Y 1 A LYS 131 ? CE  ? A LYS 131 CE  
34 1 Y 1 A LYS 131 ? NZ  ? A LYS 131 NZ  
35 1 Y 1 A ARG 144 ? CG  ? A ARG 144 CG  
36 1 Y 1 A ARG 144 ? CD  ? A ARG 144 CD  
37 1 Y 1 A ARG 144 ? NE  ? A ARG 144 NE  
38 1 Y 1 A ARG 144 ? CZ  ? A ARG 144 CZ  
39 1 Y 1 A ARG 144 ? NH1 ? A ARG 144 NH1 
40 1 Y 1 A ARG 144 ? NH2 ? A ARG 144 NH2 
# 
loop_
_software.name 
_software.classification 
_software.version 
_software.citation_id 
_software.pdbx_ordinal 
MAR345   'data collection' CCD ? 1 
SOLVE    phasing           .   ? 2 
CNS      refinement        1.1 ? 3 
HKL-2000 'data reduction'  .   ? 4 
HKL-2000 'data scaling'    .   ? 5 
# 
_cell.entry_id           3F8K 
_cell.length_a           44.701 
_cell.length_b           46.750 
_cell.length_c           68.624 
_cell.angle_alpha        90.00 
_cell.angle_beta         90.00 
_cell.angle_gamma        90.00 
_cell.Z_PDB              4 
_cell.pdbx_unique_axis   ? 
_cell.length_a_esd       ? 
_cell.length_b_esd       ? 
_cell.length_c_esd       ? 
_cell.angle_alpha_esd    ? 
_cell.angle_beta_esd     ? 
_cell.angle_gamma_esd    ? 
# 
_symmetry.entry_id                         3F8K 
_symmetry.space_group_name_H-M             'P 21 21 21' 
_symmetry.pdbx_full_space_group_name_H-M   ? 
_symmetry.cell_setting                     ? 
_symmetry.Int_Tables_number                19 
_symmetry.space_group_name_Hall            ? 
# 
_exptl.entry_id          3F8K 
_exptl.method            'X-RAY DIFFRACTION' 
_exptl.crystals_number   1 
# 
_exptl_crystal.id                    1 
_exptl_crystal.density_meas          ? 
_exptl_crystal.density_Matthews      1.91 
_exptl_crystal.density_percent_sol   35.44 
_exptl_crystal.description           'The structure factor file contains Friedel pairs' 
_exptl_crystal.F_000                 ? 
_exptl_crystal.preparation           ? 
# 
_exptl_crystal_grow.crystal_id      1 
_exptl_crystal_grow.method          'VAPOR DIFFUSION, HANGING DROP' 
_exptl_crystal_grow.temp            300 
_exptl_crystal_grow.temp_details    ? 
_exptl_crystal_grow.pH              6.5 
_exptl_crystal_grow.pdbx_details    '12% PEG 20000, 0.05M MES pH 6.5, VAPOR DIFFUSION, HANGING DROP, temperature 300K' 
_exptl_crystal_grow.pdbx_pH_range   ? 
# 
_diffrn.id                     1 
_diffrn.ambient_temp           100 
_diffrn.ambient_temp_details   ? 
_diffrn.crystal_id             1 
# 
_diffrn_detector.diffrn_id              1 
_diffrn_detector.detector               CCD 
_diffrn_detector.type                   'MARMOSAIC 325 mm CCD' 
_diffrn_detector.pdbx_collection_date   2006-07-03 
_diffrn_detector.details                'Adjustable focus K-B pair Si plus Pt, Rh coatings' 
# 
_diffrn_radiation.diffrn_id                        1 
_diffrn_radiation.wavelength_id                    1 
_diffrn_radiation.pdbx_monochromatic_or_laue_m_l   M 
_diffrn_radiation.monochromator                    'Double crystal cryo-cooled Si(111)' 
_diffrn_radiation.pdbx_diffrn_protocol             MAD 
_diffrn_radiation.pdbx_scattering_type             x-ray 
# 
loop_
_diffrn_radiation_wavelength.id 
_diffrn_radiation_wavelength.wavelength 
_diffrn_radiation_wavelength.wt 
1 0.97932 1.0 
2 0.97945 1.0 
3 0.94932 1.0 
# 
_diffrn_source.diffrn_id                   1 
_diffrn_source.source                      SYNCHROTRON 
_diffrn_source.type                        'APS BEAMLINE 23-ID-D' 
_diffrn_source.pdbx_synchrotron_site       APS 
_diffrn_source.pdbx_synchrotron_beamline   23-ID-D 
_diffrn_source.pdbx_wavelength             ? 
_diffrn_source.pdbx_wavelength_list        '0.97932, 0.97945, 0.94932' 
# 
_reflns.entry_id                     3F8K 
_reflns.observed_criterion_sigma_I   ? 
_reflns.observed_criterion_sigma_F   ? 
_reflns.d_resolution_low             30.0 
_reflns.d_resolution_high            1.84 
_reflns.number_obs                   23521 
_reflns.number_all                   23855 
_reflns.percent_possible_obs         98.6 
_reflns.pdbx_Rmerge_I_obs            0.068 
_reflns.pdbx_Rsym_value              ? 
_reflns.pdbx_netI_over_sigmaI        23.1 
_reflns.B_iso_Wilson_estimate        ? 
_reflns.pdbx_redundancy              5.9 
_reflns.R_free_details               ? 
_reflns.limit_h_max                  ? 
_reflns.limit_h_min                  ? 
_reflns.limit_k_max                  ? 
_reflns.limit_k_min                  ? 
_reflns.limit_l_max                  ? 
_reflns.limit_l_min                  ? 
_reflns.observed_criterion_F_max     ? 
_reflns.observed_criterion_F_min     ? 
_reflns.pdbx_chi_squared             ? 
_reflns.pdbx_scaling_rejects         ? 
_reflns.pdbx_diffrn_id               1 
_reflns.pdbx_ordinal                 1 
# 
_reflns_shell.d_res_high             1.84 
_reflns_shell.d_res_low              1.92 
_reflns_shell.percent_possible_all   89.2 
_reflns_shell.Rmerge_I_obs           0.423 
_reflns_shell.pdbx_Rsym_value        ? 
_reflns_shell.meanI_over_sigI_obs    2.5 
_reflns_shell.pdbx_redundancy        3.8 
_reflns_shell.percent_possible_obs   ? 
_reflns_shell.number_unique_all      ? 
_reflns_shell.number_measured_all    ? 
_reflns_shell.number_measured_obs    ? 
_reflns_shell.number_unique_obs      ? 
_reflns_shell.pdbx_chi_squared       ? 
_reflns_shell.pdbx_diffrn_id         ? 
_reflns_shell.pdbx_ordinal           1 
# 
_refine.entry_id                                 3F8K 
_refine.ls_number_reflns_obs                     22938 
_refine.ls_number_reflns_all                     ? 
_refine.pdbx_ls_sigma_I                          ? 
_refine.pdbx_ls_sigma_F                          ? 
_refine.pdbx_data_cutoff_high_absF               ? 
_refine.pdbx_data_cutoff_low_absF                ? 
_refine.pdbx_data_cutoff_high_rms_absF           ? 
_refine.ls_d_res_low                             30.0 
_refine.ls_d_res_high                            1.84 
_refine.ls_percent_reflns_obs                    ? 
_refine.ls_R_factor_obs                          0.202 
_refine.ls_R_factor_all                          ? 
_refine.ls_R_factor_R_work                       0.202 
_refine.ls_R_factor_R_free                       0.221 
_refine.ls_R_factor_R_free_error                 ? 
_refine.ls_R_factor_R_free_error_details         ? 
_refine.ls_percent_reflns_R_free                 ? 
_refine.ls_number_reflns_R_free                  2152 
_refine.ls_number_parameters                     ? 
_refine.ls_number_restraints                     ? 
_refine.occupancy_min                            ? 
_refine.occupancy_max                            ? 
_refine.correlation_coeff_Fo_to_Fc               ? 
_refine.correlation_coeff_Fo_to_Fc_free          ? 
_refine.B_iso_mean                               ? 
_refine.aniso_B[1][1]                            1.824 
_refine.aniso_B[2][2]                            -0.113 
_refine.aniso_B[3][3]                            -1.711 
_refine.aniso_B[1][2]                            0.000 
_refine.aniso_B[1][3]                            0.000 
_refine.aniso_B[2][3]                            0.000 
_refine.solvent_model_details                    ? 
_refine.solvent_model_param_ksol                 0.415774 
_refine.solvent_model_param_bsol                 68.0955 
_refine.pdbx_solvent_vdw_probe_radii             ? 
_refine.pdbx_solvent_ion_probe_radii             ? 
_refine.pdbx_solvent_shrinkage_radii             ? 
_refine.pdbx_ls_cross_valid_method               ? 
_refine.details                                  'The Friedel pairs were used in phasing' 
_refine.pdbx_starting_model                      ? 
_refine.pdbx_method_to_determine_struct          MAD 
_refine.pdbx_isotropic_thermal_model             ? 
_refine.pdbx_stereochemistry_target_values       ? 
_refine.pdbx_stereochem_target_val_spec_case     ? 
_refine.pdbx_R_Free_selection_details            ? 
_refine.pdbx_overall_ESU_R                       ? 
_refine.pdbx_overall_ESU_R_Free                  ? 
_refine.overall_SU_ML                            ? 
_refine.overall_SU_B                             ? 
_refine.ls_redundancy_reflns_obs                 ? 
_refine.B_iso_min                                ? 
_refine.B_iso_max                                ? 
_refine.overall_SU_R_Cruickshank_DPI             ? 
_refine.overall_SU_R_free                        ? 
_refine.ls_wR_factor_R_free                      ? 
_refine.ls_wR_factor_R_work                      ? 
_refine.overall_FOM_free_R_set                   ? 
_refine.overall_FOM_work_R_set                   ? 
_refine.pdbx_overall_phase_error                 ? 
_refine.pdbx_refine_id                           'X-RAY DIFFRACTION' 
_refine.pdbx_diffrn_id                           1 
_refine.pdbx_TLS_residual_ADP_flag               ? 
_refine.pdbx_overall_SU_R_free_Cruickshank_DPI   ? 
_refine.pdbx_overall_SU_R_Blow_DPI               ? 
_refine.pdbx_overall_SU_R_free_Blow_DPI          ? 
# 
_refine_hist.pdbx_refine_id                   'X-RAY DIFFRACTION' 
_refine_hist.cycle_id                         LAST 
_refine_hist.pdbx_number_atoms_protein        1053 
_refine_hist.pdbx_number_atoms_nucleic_acid   0 
_refine_hist.pdbx_number_atoms_ligand         48 
_refine_hist.number_atoms_solvent             73 
_refine_hist.number_atoms_total               1174 
_refine_hist.d_res_high                       1.84 
_refine_hist.d_res_low                        30.0 
# 
loop_
_refine_ls_restr.type 
_refine_ls_restr.dev_ideal 
_refine_ls_restr.dev_ideal_target 
_refine_ls_restr.weight 
_refine_ls_restr.number 
_refine_ls_restr.pdbx_refine_id 
_refine_ls_restr.pdbx_restraint_function 
c_bond_d     0.07  ?   ? ? 'X-RAY DIFFRACTION' ? 
c_angle_deg  1.9   ?   ? ? 'X-RAY DIFFRACTION' ? 
o_mcbond_it  1.404 1.5 ? ? 'X-RAY DIFFRACTION' ? 
o_mcangle_it 2.170 2.0 ? ? 'X-RAY DIFFRACTION' ? 
o_scbond_it  2.540 2.0 ? ? 'X-RAY DIFFRACTION' ? 
o_scangle_it 3.510 2.5 ? ? 'X-RAY DIFFRACTION' ? 
# 
_struct.entry_id                  3F8K 
_struct.title                     'Crystal structure of protein acetyltransferase (PAT) from Sulfolobus solfataricus' 
_struct.pdbx_model_details        ? 
_struct.pdbx_CASP_flag            ? 
_struct.pdbx_model_type_details   ? 
# 
_struct_keywords.entry_id        3F8K 
_struct_keywords.pdbx_keywords   TRANSFERASE 
_struct_keywords.text            'GCN5-related N-acetyltransferase, TRANSFERASE' 
# 
loop_
_struct_asym.id 
_struct_asym.pdbx_blank_PDB_chainid_flag 
_struct_asym.pdbx_modified 
_struct_asym.entity_id 
_struct_asym.details 
A N N 1 ? 
B N N 2 ? 
C N N 3 ? 
# 
_struct_ref.id                         1 
_struct_ref.db_name                    UNP 
_struct_ref.db_code                    Q97V23_SULSO 
_struct_ref.pdbx_db_accession          Q97V23 
_struct_ref.entity_id                  1 
_struct_ref.pdbx_seq_one_letter_code   
;MNDQIKIRKATKEDWEKIYQLYNSLSDEDLYLRFFHLYRITEEDAKKIASNEDHVTFLAEVDGKVVGEASLHKDGEFSLV
VHRNYRTLGIGTLLVKTLIEEAKKSGLSTVKFYTLPENTPMIKIGRKLGFKMRFYEDEVYGEMRLTERELNVNLATFSAP

;
_struct_ref.pdbx_align_begin           1 
_struct_ref.pdbx_db_isoform            ? 
# 
_struct_ref_seq.align_id                      1 
_struct_ref_seq.ref_id                        1 
_struct_ref_seq.pdbx_PDB_id_code              3F8K 
_struct_ref_seq.pdbx_strand_id                A 
_struct_ref_seq.seq_align_beg                 1 
_struct_ref_seq.pdbx_seq_align_beg_ins_code   ? 
_struct_ref_seq.seq_align_end                 160 
_struct_ref_seq.pdbx_seq_align_end_ins_code   ? 
_struct_ref_seq.pdbx_db_accession             Q97V23 
_struct_ref_seq.db_align_beg                  1 
_struct_ref_seq.pdbx_db_align_beg_ins_code    ? 
_struct_ref_seq.db_align_end                  160 
_struct_ref_seq.pdbx_db_align_end_ins_code    ? 
_struct_ref_seq.pdbx_auth_seq_align_beg       1 
_struct_ref_seq.pdbx_auth_seq_align_end       160 
# 
_pdbx_struct_assembly.id                   1 
_pdbx_struct_assembly.details              author_and_software_defined_assembly 
_pdbx_struct_assembly.method_details       PISA 
_pdbx_struct_assembly.oligomeric_details   monomeric 
_pdbx_struct_assembly.oligomeric_count     1 
# 
_pdbx_struct_assembly_gen.assembly_id       1 
_pdbx_struct_assembly_gen.oper_expression   1 
_pdbx_struct_assembly_gen.asym_id_list      A,B,C 
# 
_pdbx_struct_oper_list.id                   1 
_pdbx_struct_oper_list.type                 'identity operation' 
_pdbx_struct_oper_list.name                 1_555 
_pdbx_struct_oper_list.symmetry_operation   x,y,z 
_pdbx_struct_oper_list.matrix[1][1]         1.0000000000 
_pdbx_struct_oper_list.matrix[1][2]         0.0000000000 
_pdbx_struct_oper_list.matrix[1][3]         0.0000000000 
_pdbx_struct_oper_list.vector[1]            0.0000000000 
_pdbx_struct_oper_list.matrix[2][1]         0.0000000000 
_pdbx_struct_oper_list.matrix[2][2]         1.0000000000 
_pdbx_struct_oper_list.matrix[2][3]         0.0000000000 
_pdbx_struct_oper_list.vector[2]            0.0000000000 
_pdbx_struct_oper_list.matrix[3][1]         0.0000000000 
_pdbx_struct_oper_list.matrix[3][2]         0.0000000000 
_pdbx_struct_oper_list.matrix[3][3]         1.0000000000 
_pdbx_struct_oper_list.vector[3]            0.0000000000 
# 
_struct_biol.id        1 
_struct_biol.details   ? 
# 
loop_
_struct_conf.conf_type_id 
_struct_conf.id 
_struct_conf.pdbx_PDB_helix_id 
_struct_conf.beg_label_comp_id 
_struct_conf.beg_label_asym_id 
_struct_conf.beg_label_seq_id 
_struct_conf.pdbx_beg_PDB_ins_code 
_struct_conf.end_label_comp_id 
_struct_conf.end_label_asym_id 
_struct_conf.end_label_seq_id 
_struct_conf.pdbx_end_PDB_ins_code 
_struct_conf.beg_auth_comp_id 
_struct_conf.beg_auth_asym_id 
_struct_conf.beg_auth_seq_id 
_struct_conf.end_auth_comp_id 
_struct_conf.end_auth_asym_id 
_struct_conf.end_auth_seq_id 
_struct_conf.pdbx_PDB_helix_class 
_struct_conf.details 
_struct_conf.pdbx_PDB_helix_length 
HELX_P HELX_P1 1 THR A 11  ? GLU A 13  ? THR A 11  GLU A 13  5 ? 3  
HELX_P HELX_P2 2 ASP A 14  ? LEU A 25  ? ASP A 14  LEU A 25  1 ? 12 
HELX_P HELX_P3 3 SER A 26  ? PHE A 34  ? SER A 26  PHE A 34  1 ? 9  
HELX_P HELX_P4 4 PHE A 34  ? ILE A 40  ? PHE A 34  ILE A 40  1 ? 7  
HELX_P HELX_P5 5 ARG A 83  ? ARG A 86  ? ARG A 83  ARG A 86  5 ? 4  
HELX_P HELX_P6 6 GLY A 89  ? SER A 105 ? GLY A 89  SER A 105 1 ? 17 
HELX_P HELX_P7 7 ASN A 118 ? GLY A 129 ? ASN A 118 GLY A 129 1 ? 12 
# 
_struct_conf_type.id          HELX_P 
_struct_conf_type.criteria    ? 
_struct_conf_type.reference   ? 
# 
loop_
_struct_conn.id 
_struct_conn.conn_type_id 
_struct_conn.pdbx_leaving_atom_flag 
_struct_conn.pdbx_PDB_id 
_struct_conn.ptnr1_label_asym_id 
_struct_conn.ptnr1_label_comp_id 
_struct_conn.ptnr1_label_seq_id 
_struct_conn.ptnr1_label_atom_id 
_struct_conn.pdbx_ptnr1_label_alt_id 
_struct_conn.pdbx_ptnr1_PDB_ins_code 
_struct_conn.pdbx_ptnr1_standard_comp_id 
_struct_conn.ptnr1_symmetry 
_struct_conn.ptnr2_label_asym_id 
_struct_conn.ptnr2_label_comp_id 
_struct_conn.ptnr2_label_seq_id 
_struct_conn.ptnr2_label_atom_id 
_struct_conn.pdbx_ptnr2_label_alt_id 
_struct_conn.pdbx_ptnr2_PDB_ins_code 
_struct_conn.ptnr1_auth_asym_id 
_struct_conn.ptnr1_auth_comp_id 
_struct_conn.ptnr1_auth_seq_id 
_struct_conn.ptnr2_auth_asym_id 
_struct_conn.ptnr2_auth_comp_id 
_struct_conn.ptnr2_auth_seq_id 
_struct_conn.ptnr2_symmetry 
_struct_conn.pdbx_ptnr3_label_atom_id 
_struct_conn.pdbx_ptnr3_label_seq_id 
_struct_conn.pdbx_ptnr3_label_comp_id 
_struct_conn.pdbx_ptnr3_label_asym_id 
_struct_conn.pdbx_ptnr3_label_alt_id 
_struct_conn.pdbx_ptnr3_PDB_ins_code 
_struct_conn.details 
_struct_conn.pdbx_dist_value 
_struct_conn.pdbx_value_order 
_struct_conn.pdbx_role 
covale1 covale both ? A PRO 120 C ? ? ? 1_555 A MSE 121 N ? ? A PRO 120 A MSE 121 1_555 ? ? ? ? ? ? ? 1.329 ? ? 
covale2 covale both ? A MSE 121 C ? ? ? 1_555 A ILE 122 N ? ? A MSE 121 A ILE 122 1_555 ? ? ? ? ? ? ? 1.327 ? ? 
covale3 covale both ? A LYS 131 C ? ? ? 1_555 A MSE 132 N ? ? A LYS 131 A MSE 132 1_555 ? ? ? ? ? ? ? 1.328 ? ? 
covale4 covale both ? A MSE 132 C ? ? ? 1_555 A ARG 133 N ? ? A MSE 132 A ARG 133 1_555 ? ? ? ? ? ? ? 1.330 ? ? 
covale5 covale both ? A GLU 142 C ? ? ? 1_555 A MSE 143 N ? ? A GLU 142 A MSE 143 1_555 ? ? ? ? ? ? ? 1.328 ? ? 
covale6 covale both ? A MSE 143 C ? ? ? 1_555 A ARG 144 N ? ? A MSE 143 A ARG 144 1_555 ? ? ? ? ? ? ? 1.327 ? ? 
# 
_struct_conn_type.id          covale 
_struct_conn_type.criteria    ? 
_struct_conn_type.reference   ? 
# 
loop_
_pdbx_modification_feature.ordinal 
_pdbx_modification_feature.label_comp_id 
_pdbx_modification_feature.label_asym_id 
_pdbx_modification_feature.label_seq_id 
_pdbx_modification_feature.label_alt_id 
_pdbx_modification_feature.modified_residue_label_comp_id 
_pdbx_modification_feature.modified_residue_label_asym_id 
_pdbx_modification_feature.modified_residue_label_seq_id 
_pdbx_modification_feature.modified_residue_label_alt_id 
_pdbx_modification_feature.auth_comp_id 
_pdbx_modification_feature.auth_asym_id 
_pdbx_modification_feature.auth_seq_id 
_pdbx_modification_feature.PDB_ins_code 
_pdbx_modification_feature.symmetry 
_pdbx_modification_feature.modified_residue_auth_comp_id 
_pdbx_modification_feature.modified_residue_auth_asym_id 
_pdbx_modification_feature.modified_residue_auth_seq_id 
_pdbx_modification_feature.modified_residue_PDB_ins_code 
_pdbx_modification_feature.modified_residue_symmetry 
_pdbx_modification_feature.comp_id_linking_atom 
_pdbx_modification_feature.modified_residue_id_linking_atom 
_pdbx_modification_feature.modified_residue_id 
_pdbx_modification_feature.ref_pcm_id 
_pdbx_modification_feature.ref_comp_id 
_pdbx_modification_feature.type 
_pdbx_modification_feature.category 
1 MSE A 121 ? . . . . MSE A 121 ? 1_555 . . . . . . . MET 1 MSE Selenomethionine 'Named protein modification' 
2 MSE A 132 ? . . . . MSE A 132 ? 1_555 . . . . . . . MET 1 MSE Selenomethionine 'Named protein modification' 
3 MSE A 143 ? . . . . MSE A 143 ? 1_555 . . . . . . . MET 1 MSE Selenomethionine 'Named protein modification' 
# 
loop_
_struct_sheet.id 
_struct_sheet.type 
_struct_sheet.number_strands 
_struct_sheet.details 
A ? 4 ? 
B ? 3 ? 
# 
loop_
_struct_sheet_order.sheet_id 
_struct_sheet_order.range_id_1 
_struct_sheet_order.range_id_2 
_struct_sheet_order.offset 
_struct_sheet_order.sense 
A 1 2 ? anti-parallel 
A 2 3 ? anti-parallel 
A 3 4 ? anti-parallel 
B 1 2 ? anti-parallel 
B 2 3 ? anti-parallel 
# 
loop_
_struct_sheet_range.sheet_id 
_struct_sheet_range.id 
_struct_sheet_range.beg_label_comp_id 
_struct_sheet_range.beg_label_asym_id 
_struct_sheet_range.beg_label_seq_id 
_struct_sheet_range.pdbx_beg_PDB_ins_code 
_struct_sheet_range.end_label_comp_id 
_struct_sheet_range.end_label_asym_id 
_struct_sheet_range.end_label_seq_id 
_struct_sheet_range.pdbx_end_PDB_ins_code 
_struct_sheet_range.beg_auth_comp_id 
_struct_sheet_range.beg_auth_asym_id 
_struct_sheet_range.beg_auth_seq_id 
_struct_sheet_range.end_auth_comp_id 
_struct_sheet_range.end_auth_asym_id 
_struct_sheet_range.end_auth_seq_id 
A 1 LYS A 6   ? LYS A 9   ? LYS A 6   LYS A 9   
A 2 HIS A 54  ? VAL A 61  ? HIS A 54  VAL A 61  
A 3 LYS A 64  ? HIS A 72  ? LYS A 64  HIS A 72  
A 4 PHE A 77  ? VAL A 81  ? PHE A 77  VAL A 81  
B 1 THR A 109 ? THR A 114 ? THR A 109 THR A 114 
B 2 VAL A 139 ? ARG A 144 ? VAL A 139 ARG A 144 
B 3 LYS A 131 ? PHE A 134 ? LYS A 131 PHE A 134 
# 
loop_
_pdbx_struct_sheet_hbond.sheet_id 
_pdbx_struct_sheet_hbond.range_id_1 
_pdbx_struct_sheet_hbond.range_id_2 
_pdbx_struct_sheet_hbond.range_1_label_atom_id 
_pdbx_struct_sheet_hbond.range_1_label_comp_id 
_pdbx_struct_sheet_hbond.range_1_label_asym_id 
_pdbx_struct_sheet_hbond.range_1_label_seq_id 
_pdbx_struct_sheet_hbond.range_1_PDB_ins_code 
_pdbx_struct_sheet_hbond.range_1_auth_atom_id 
_pdbx_struct_sheet_hbond.range_1_auth_comp_id 
_pdbx_struct_sheet_hbond.range_1_auth_asym_id 
_pdbx_struct_sheet_hbond.range_1_auth_seq_id 
_pdbx_struct_sheet_hbond.range_2_label_atom_id 
_pdbx_struct_sheet_hbond.range_2_label_comp_id 
_pdbx_struct_sheet_hbond.range_2_label_asym_id 
_pdbx_struct_sheet_hbond.range_2_label_seq_id 
_pdbx_struct_sheet_hbond.range_2_PDB_ins_code 
_pdbx_struct_sheet_hbond.range_2_auth_atom_id 
_pdbx_struct_sheet_hbond.range_2_auth_comp_id 
_pdbx_struct_sheet_hbond.range_2_auth_asym_id 
_pdbx_struct_sheet_hbond.range_2_auth_seq_id 
A 1 2 N LYS A 6   ? N LYS A 6   O GLU A 60  ? O GLU A 60  
A 2 3 N PHE A 57  ? N PHE A 57  O ALA A 69  ? O ALA A 69  
A 3 4 N GLU A 68  ? N GLU A 68  O VAL A 80  ? O VAL A 80  
B 1 2 N THR A 114 ? N THR A 114 O VAL A 139 ? O VAL A 139 
B 2 3 O GLU A 142 ? O GLU A 142 N LYS A 131 ? N LYS A 131 
# 
_struct_site.id                   AC1 
_struct_site.pdbx_evidence_code   Software 
_struct_site.pdbx_auth_asym_id    A 
_struct_site.pdbx_auth_comp_id    COA 
_struct_site.pdbx_auth_seq_id     301 
_struct_site.pdbx_auth_ins_code   ? 
_struct_site.pdbx_num_residues    24 
_struct_site.details              'BINDING SITE FOR RESIDUE COA A 301' 
# 
loop_
_struct_site_gen.id 
_struct_site_gen.site_id 
_struct_site_gen.pdbx_num_res 
_struct_site_gen.label_comp_id 
_struct_site_gen.label_asym_id 
_struct_site_gen.label_seq_id 
_struct_site_gen.pdbx_auth_ins_code 
_struct_site_gen.auth_comp_id 
_struct_site_gen.auth_asym_id 
_struct_site_gen.auth_seq_id 
_struct_site_gen.label_atom_id 
_struct_site_gen.label_alt_id 
_struct_site_gen.symmetry 
_struct_site_gen.details 
1  AC1 24 LEU A 32  ? LEU A 32  . ? 1_555 ? 
2  AC1 24 ASP A 62  ? ASP A 62  . ? 3_645 ? 
3  AC1 24 LYS A 64  ? LYS A 64  . ? 3_645 ? 
4  AC1 24 SER A 78  ? SER A 78  . ? 1_555 ? 
5  AC1 24 LEU A 79  ? LEU A 79  . ? 1_555 ? 
6  AC1 24 VAL A 80  ? VAL A 80  . ? 1_555 ? 
7  AC1 24 VAL A 81  ? VAL A 81  . ? 1_555 ? 
8  AC1 24 ARG A 86  ? ARG A 86  . ? 1_555 ? 
9  AC1 24 THR A 87  ? THR A 87  . ? 1_555 ? 
10 AC1 24 LEU A 88  ? LEU A 88  . ? 1_555 ? 
11 AC1 24 GLY A 89  ? GLY A 89  . ? 1_555 ? 
12 AC1 24 GLY A 91  ? GLY A 91  . ? 1_555 ? 
13 AC1 24 THR A 92  ? THR A 92  . ? 1_555 ? 
14 AC1 24 TYR A 113 ? TYR A 113 . ? 1_555 ? 
15 AC1 24 ASN A 118 ? ASN A 118 . ? 1_555 ? 
16 AC1 24 PRO A 120 ? PRO A 120 . ? 1_555 ? 
17 AC1 24 LYS A 123 ? LYS A 123 . ? 1_555 ? 
18 AC1 24 ILE A 124 ? ILE A 124 . ? 1_555 ? 
19 AC1 24 LYS A 127 ? LYS A 127 . ? 1_555 ? 
20 AC1 24 HOH C .   ? HOH A 169 . ? 1_555 ? 
21 AC1 24 HOH C .   ? HOH A 171 . ? 1_555 ? 
22 AC1 24 HOH C .   ? HOH A 177 . ? 1_555 ? 
23 AC1 24 HOH C .   ? HOH A 180 . ? 1_555 ? 
24 AC1 24 HOH C .   ? HOH A 206 . ? 1_555 ? 
# 
_pdbx_entry_details.entry_id                   3F8K 
_pdbx_entry_details.compound_details           ? 
_pdbx_entry_details.source_details             ? 
_pdbx_entry_details.nonpolymer_details         ? 
_pdbx_entry_details.sequence_details           ? 
_pdbx_entry_details.has_ligand_of_interest     ? 
_pdbx_entry_details.has_protein_modification   Y 
# 
_pdbx_validate_torsion.id              1 
_pdbx_validate_torsion.PDB_model_num   1 
_pdbx_validate_torsion.auth_comp_id    ASP 
_pdbx_validate_torsion.auth_asym_id    A 
_pdbx_validate_torsion.auth_seq_id     62 
_pdbx_validate_torsion.PDB_ins_code    ? 
_pdbx_validate_torsion.label_alt_id    ? 
_pdbx_validate_torsion.phi             79.08 
_pdbx_validate_torsion.psi             -103.38 
# 
loop_
_pdbx_struct_mod_residue.id 
_pdbx_struct_mod_residue.label_asym_id 
_pdbx_struct_mod_residue.label_comp_id 
_pdbx_struct_mod_residue.label_seq_id 
_pdbx_struct_mod_residue.auth_asym_id 
_pdbx_struct_mod_residue.auth_comp_id 
_pdbx_struct_mod_residue.auth_seq_id 
_pdbx_struct_mod_residue.PDB_ins_code 
_pdbx_struct_mod_residue.parent_comp_id 
_pdbx_struct_mod_residue.details 
1 A MSE 121 A MSE 121 ? MET SELENOMETHIONINE 
2 A MSE 132 A MSE 132 ? MET SELENOMETHIONINE 
3 A MSE 143 A MSE 143 ? MET SELENOMETHIONINE 
# 
loop_
_pdbx_unobs_or_zero_occ_residues.id 
_pdbx_unobs_or_zero_occ_residues.PDB_model_num 
_pdbx_unobs_or_zero_occ_residues.polymer_flag 
_pdbx_unobs_or_zero_occ_residues.occupancy_flag 
_pdbx_unobs_or_zero_occ_residues.auth_asym_id 
_pdbx_unobs_or_zero_occ_residues.auth_comp_id 
_pdbx_unobs_or_zero_occ_residues.auth_seq_id 
_pdbx_unobs_or_zero_occ_residues.PDB_ins_code 
_pdbx_unobs_or_zero_occ_residues.label_asym_id 
_pdbx_unobs_or_zero_occ_residues.label_comp_id 
_pdbx_unobs_or_zero_occ_residues.label_seq_id 
1  1 Y 1 A MSE 1   ? A MSE 1   
2  1 Y 1 A ASN 2   ? A ASN 2   
3  1 Y 1 A ASP 3   ? A ASP 3   
4  1 Y 1 A GLN 4   ? A GLN 4   
5  1 Y 1 A GLU 43  ? A GLU 43  
6  1 Y 1 A ASP 44  ? A ASP 44  
7  1 Y 1 A ALA 45  ? A ALA 45  
8  1 Y 1 A LYS 46  ? A LYS 46  
9  1 Y 1 A LYS 47  ? A LYS 47  
10 1 Y 1 A ILE 48  ? A ILE 48  
11 1 Y 1 A ALA 49  ? A ALA 49  
12 1 Y 1 A SER 50  ? A SER 50  
13 1 Y 1 A ASN 51  ? A ASN 51  
14 1 Y 1 A GLU 52  ? A GLU 52  
15 1 Y 1 A GLU 147 ? A GLU 147 
16 1 Y 1 A ARG 148 ? A ARG 148 
17 1 Y 1 A GLU 149 ? A GLU 149 
18 1 Y 1 A LEU 150 ? A LEU 150 
19 1 Y 1 A ASN 151 ? A ASN 151 
20 1 Y 1 A VAL 152 ? A VAL 152 
21 1 Y 1 A ASN 153 ? A ASN 153 
22 1 Y 1 A LEU 154 ? A LEU 154 
23 1 Y 1 A ALA 155 ? A ALA 155 
24 1 Y 1 A THR 156 ? A THR 156 
25 1 Y 1 A PHE 157 ? A PHE 157 
26 1 Y 1 A SER 158 ? A SER 158 
27 1 Y 1 A ALA 159 ? A ALA 159 
28 1 Y 1 A PRO 160 ? A PRO 160 
# 
loop_
_chem_comp_atom.comp_id 
_chem_comp_atom.atom_id 
_chem_comp_atom.type_symbol 
_chem_comp_atom.pdbx_aromatic_flag 
_chem_comp_atom.pdbx_stereo_config 
_chem_comp_atom.pdbx_ordinal 
ALA N    N  N N 1   
ALA CA   C  N S 2   
ALA C    C  N N 3   
ALA O    O  N N 4   
ALA CB   C  N N 5   
ALA OXT  O  N N 6   
ALA H    H  N N 7   
ALA H2   H  N N 8   
ALA HA   H  N N 9   
ALA HB1  H  N N 10  
ALA HB2  H  N N 11  
ALA HB3  H  N N 12  
ALA HXT  H  N N 13  
ARG N    N  N N 14  
ARG CA   C  N S 15  
ARG C    C  N N 16  
ARG O    O  N N 17  
ARG CB   C  N N 18  
ARG CG   C  N N 19  
ARG CD   C  N N 20  
ARG NE   N  N N 21  
ARG CZ   C  N N 22  
ARG NH1  N  N N 23  
ARG NH2  N  N N 24  
ARG OXT  O  N N 25  
ARG H    H  N N 26  
ARG H2   H  N N 27  
ARG HA   H  N N 28  
ARG HB2  H  N N 29  
ARG HB3  H  N N 30  
ARG HG2  H  N N 31  
ARG HG3  H  N N 32  
ARG HD2  H  N N 33  
ARG HD3  H  N N 34  
ARG HE   H  N N 35  
ARG HH11 H  N N 36  
ARG HH12 H  N N 37  
ARG HH21 H  N N 38  
ARG HH22 H  N N 39  
ARG HXT  H  N N 40  
ASN N    N  N N 41  
ASN CA   C  N S 42  
ASN C    C  N N 43  
ASN O    O  N N 44  
ASN CB   C  N N 45  
ASN CG   C  N N 46  
ASN OD1  O  N N 47  
ASN ND2  N  N N 48  
ASN OXT  O  N N 49  
ASN H    H  N N 50  
ASN H2   H  N N 51  
ASN HA   H  N N 52  
ASN HB2  H  N N 53  
ASN HB3  H  N N 54  
ASN HD21 H  N N 55  
ASN HD22 H  N N 56  
ASN HXT  H  N N 57  
ASP N    N  N N 58  
ASP CA   C  N S 59  
ASP C    C  N N 60  
ASP O    O  N N 61  
ASP CB   C  N N 62  
ASP CG   C  N N 63  
ASP OD1  O  N N 64  
ASP OD2  O  N N 65  
ASP OXT  O  N N 66  
ASP H    H  N N 67  
ASP H2   H  N N 68  
ASP HA   H  N N 69  
ASP HB2  H  N N 70  
ASP HB3  H  N N 71  
ASP HD2  H  N N 72  
ASP HXT  H  N N 73  
COA N1A  N  Y N 74  
COA C2A  C  Y N 75  
COA N3A  N  Y N 76  
COA C4A  C  Y N 77  
COA C5A  C  Y N 78  
COA C6A  C  Y N 79  
COA N6A  N  N N 80  
COA N7A  N  Y N 81  
COA C8A  C  Y N 82  
COA N9A  N  Y N 83  
COA C1B  C  N R 84  
COA C2B  C  N R 85  
COA O2B  O  N N 86  
COA C3B  C  N S 87  
COA O3B  O  N N 88  
COA P3B  P  N N 89  
COA O7A  O  N N 90  
COA O8A  O  N N 91  
COA O9A  O  N N 92  
COA C4B  C  N R 93  
COA O4B  O  N N 94  
COA C5B  C  N N 95  
COA O5B  O  N N 96  
COA P1A  P  N S 97  
COA O1A  O  N N 98  
COA O2A  O  N N 99  
COA O3A  O  N N 100 
COA P2A  P  N S 101 
COA O4A  O  N N 102 
COA O5A  O  N N 103 
COA O6A  O  N N 104 
COA CBP  C  N N 105 
COA CCP  C  N N 106 
COA CDP  C  N N 107 
COA CEP  C  N N 108 
COA CAP  C  N R 109 
COA OAP  O  N N 110 
COA C9P  C  N N 111 
COA O9P  O  N N 112 
COA N8P  N  N N 113 
COA C7P  C  N N 114 
COA C6P  C  N N 115 
COA C5P  C  N N 116 
COA O5P  O  N N 117 
COA N4P  N  N N 118 
COA C3P  C  N N 119 
COA C2P  C  N N 120 
COA S1P  S  N N 121 
COA H2A  H  N N 122 
COA H61A H  N N 123 
COA H62A H  N N 124 
COA H8A  H  N N 125 
COA H1B  H  N N 126 
COA H2B  H  N N 127 
COA HO2A H  N N 128 
COA H3B  H  N N 129 
COA HOA8 H  N N 130 
COA HOA9 H  N N 131 
COA H4B  H  N N 132 
COA H51A H  N N 133 
COA H52A H  N N 134 
COA HOA2 H  N N 135 
COA HOA5 H  N N 136 
COA H121 H  N N 137 
COA H122 H  N N 138 
COA H131 H  N N 139 
COA H132 H  N N 140 
COA H133 H  N N 141 
COA H141 H  N N 142 
COA H142 H  N N 143 
COA H143 H  N N 144 
COA H10  H  N N 145 
COA HO1  H  N N 146 
COA HN8  H  N N 147 
COA H71  H  N N 148 
COA H72  H  N N 149 
COA H61  H  N N 150 
COA H62  H  N N 151 
COA HN4  H  N N 152 
COA H31  H  N N 153 
COA H32  H  N N 154 
COA H21  H  N N 155 
COA H22  H  N N 156 
COA HS1  H  N N 157 
GLN N    N  N N 158 
GLN CA   C  N S 159 
GLN C    C  N N 160 
GLN O    O  N N 161 
GLN CB   C  N N 162 
GLN CG   C  N N 163 
GLN CD   C  N N 164 
GLN OE1  O  N N 165 
GLN NE2  N  N N 166 
GLN OXT  O  N N 167 
GLN H    H  N N 168 
GLN H2   H  N N 169 
GLN HA   H  N N 170 
GLN HB2  H  N N 171 
GLN HB3  H  N N 172 
GLN HG2  H  N N 173 
GLN HG3  H  N N 174 
GLN HE21 H  N N 175 
GLN HE22 H  N N 176 
GLN HXT  H  N N 177 
GLU N    N  N N 178 
GLU CA   C  N S 179 
GLU C    C  N N 180 
GLU O    O  N N 181 
GLU CB   C  N N 182 
GLU CG   C  N N 183 
GLU CD   C  N N 184 
GLU OE1  O  N N 185 
GLU OE2  O  N N 186 
GLU OXT  O  N N 187 
GLU H    H  N N 188 
GLU H2   H  N N 189 
GLU HA   H  N N 190 
GLU HB2  H  N N 191 
GLU HB3  H  N N 192 
GLU HG2  H  N N 193 
GLU HG3  H  N N 194 
GLU HE2  H  N N 195 
GLU HXT  H  N N 196 
GLY N    N  N N 197 
GLY CA   C  N N 198 
GLY C    C  N N 199 
GLY O    O  N N 200 
GLY OXT  O  N N 201 
GLY H    H  N N 202 
GLY H2   H  N N 203 
GLY HA2  H  N N 204 
GLY HA3  H  N N 205 
GLY HXT  H  N N 206 
HIS N    N  N N 207 
HIS CA   C  N S 208 
HIS C    C  N N 209 
HIS O    O  N N 210 
HIS CB   C  N N 211 
HIS CG   C  Y N 212 
HIS ND1  N  Y N 213 
HIS CD2  C  Y N 214 
HIS CE1  C  Y N 215 
HIS NE2  N  Y N 216 
HIS OXT  O  N N 217 
HIS H    H  N N 218 
HIS H2   H  N N 219 
HIS HA   H  N N 220 
HIS HB2  H  N N 221 
HIS HB3  H  N N 222 
HIS HD1  H  N N 223 
HIS HD2  H  N N 224 
HIS HE1  H  N N 225 
HIS HE2  H  N N 226 
HIS HXT  H  N N 227 
HOH O    O  N N 228 
HOH H1   H  N N 229 
HOH H2   H  N N 230 
ILE N    N  N N 231 
ILE CA   C  N S 232 
ILE C    C  N N 233 
ILE O    O  N N 234 
ILE CB   C  N S 235 
ILE CG1  C  N N 236 
ILE CG2  C  N N 237 
ILE CD1  C  N N 238 
ILE OXT  O  N N 239 
ILE H    H  N N 240 
ILE H2   H  N N 241 
ILE HA   H  N N 242 
ILE HB   H  N N 243 
ILE HG12 H  N N 244 
ILE HG13 H  N N 245 
ILE HG21 H  N N 246 
ILE HG22 H  N N 247 
ILE HG23 H  N N 248 
ILE HD11 H  N N 249 
ILE HD12 H  N N 250 
ILE HD13 H  N N 251 
ILE HXT  H  N N 252 
LEU N    N  N N 253 
LEU CA   C  N S 254 
LEU C    C  N N 255 
LEU O    O  N N 256 
LEU CB   C  N N 257 
LEU CG   C  N N 258 
LEU CD1  C  N N 259 
LEU CD2  C  N N 260 
LEU OXT  O  N N 261 
LEU H    H  N N 262 
LEU H2   H  N N 263 
LEU HA   H  N N 264 
LEU HB2  H  N N 265 
LEU HB3  H  N N 266 
LEU HG   H  N N 267 
LEU HD11 H  N N 268 
LEU HD12 H  N N 269 
LEU HD13 H  N N 270 
LEU HD21 H  N N 271 
LEU HD22 H  N N 272 
LEU HD23 H  N N 273 
LEU HXT  H  N N 274 
LYS N    N  N N 275 
LYS CA   C  N S 276 
LYS C    C  N N 277 
LYS O    O  N N 278 
LYS CB   C  N N 279 
LYS CG   C  N N 280 
LYS CD   C  N N 281 
LYS CE   C  N N 282 
LYS NZ   N  N N 283 
LYS OXT  O  N N 284 
LYS H    H  N N 285 
LYS H2   H  N N 286 
LYS HA   H  N N 287 
LYS HB2  H  N N 288 
LYS HB3  H  N N 289 
LYS HG2  H  N N 290 
LYS HG3  H  N N 291 
LYS HD2  H  N N 292 
LYS HD3  H  N N 293 
LYS HE2  H  N N 294 
LYS HE3  H  N N 295 
LYS HZ1  H  N N 296 
LYS HZ2  H  N N 297 
LYS HZ3  H  N N 298 
LYS HXT  H  N N 299 
MSE N    N  N N 300 
MSE CA   C  N S 301 
MSE C    C  N N 302 
MSE O    O  N N 303 
MSE OXT  O  N N 304 
MSE CB   C  N N 305 
MSE CG   C  N N 306 
MSE SE   SE N N 307 
MSE CE   C  N N 308 
MSE H    H  N N 309 
MSE H2   H  N N 310 
MSE HA   H  N N 311 
MSE HXT  H  N N 312 
MSE HB2  H  N N 313 
MSE HB3  H  N N 314 
MSE HG2  H  N N 315 
MSE HG3  H  N N 316 
MSE HE1  H  N N 317 
MSE HE2  H  N N 318 
MSE HE3  H  N N 319 
PHE N    N  N N 320 
PHE CA   C  N S 321 
PHE C    C  N N 322 
PHE O    O  N N 323 
PHE CB   C  N N 324 
PHE CG   C  Y N 325 
PHE CD1  C  Y N 326 
PHE CD2  C  Y N 327 
PHE CE1  C  Y N 328 
PHE CE2  C  Y N 329 
PHE CZ   C  Y N 330 
PHE OXT  O  N N 331 
PHE H    H  N N 332 
PHE H2   H  N N 333 
PHE HA   H  N N 334 
PHE HB2  H  N N 335 
PHE HB3  H  N N 336 
PHE HD1  H  N N 337 
PHE HD2  H  N N 338 
PHE HE1  H  N N 339 
PHE HE2  H  N N 340 
PHE HZ   H  N N 341 
PHE HXT  H  N N 342 
PRO N    N  N N 343 
PRO CA   C  N S 344 
PRO C    C  N N 345 
PRO O    O  N N 346 
PRO CB   C  N N 347 
PRO CG   C  N N 348 
PRO CD   C  N N 349 
PRO OXT  O  N N 350 
PRO H    H  N N 351 
PRO HA   H  N N 352 
PRO HB2  H  N N 353 
PRO HB3  H  N N 354 
PRO HG2  H  N N 355 
PRO HG3  H  N N 356 
PRO HD2  H  N N 357 
PRO HD3  H  N N 358 
PRO HXT  H  N N 359 
SER N    N  N N 360 
SER CA   C  N S 361 
SER C    C  N N 362 
SER O    O  N N 363 
SER CB   C  N N 364 
SER OG   O  N N 365 
SER OXT  O  N N 366 
SER H    H  N N 367 
SER H2   H  N N 368 
SER HA   H  N N 369 
SER HB2  H  N N 370 
SER HB3  H  N N 371 
SER HG   H  N N 372 
SER HXT  H  N N 373 
THR N    N  N N 374 
THR CA   C  N S 375 
THR C    C  N N 376 
THR O    O  N N 377 
THR CB   C  N R 378 
THR OG1  O  N N 379 
THR CG2  C  N N 380 
THR OXT  O  N N 381 
THR H    H  N N 382 
THR H2   H  N N 383 
THR HA   H  N N 384 
THR HB   H  N N 385 
THR HG1  H  N N 386 
THR HG21 H  N N 387 
THR HG22 H  N N 388 
THR HG23 H  N N 389 
THR HXT  H  N N 390 
TRP N    N  N N 391 
TRP CA   C  N S 392 
TRP C    C  N N 393 
TRP O    O  N N 394 
TRP CB   C  N N 395 
TRP CG   C  Y N 396 
TRP CD1  C  Y N 397 
TRP CD2  C  Y N 398 
TRP NE1  N  Y N 399 
TRP CE2  C  Y N 400 
TRP CE3  C  Y N 401 
TRP CZ2  C  Y N 402 
TRP CZ3  C  Y N 403 
TRP CH2  C  Y N 404 
TRP OXT  O  N N 405 
TRP H    H  N N 406 
TRP H2   H  N N 407 
TRP HA   H  N N 408 
TRP HB2  H  N N 409 
TRP HB3  H  N N 410 
TRP HD1  H  N N 411 
TRP HE1  H  N N 412 
TRP HE3  H  N N 413 
TRP HZ2  H  N N 414 
TRP HZ3  H  N N 415 
TRP HH2  H  N N 416 
TRP HXT  H  N N 417 
TYR N    N  N N 418 
TYR CA   C  N S 419 
TYR C    C  N N 420 
TYR O    O  N N 421 
TYR CB   C  N N 422 
TYR CG   C  Y N 423 
TYR CD1  C  Y N 424 
TYR CD2  C  Y N 425 
TYR CE1  C  Y N 426 
TYR CE2  C  Y N 427 
TYR CZ   C  Y N 428 
TYR OH   O  N N 429 
TYR OXT  O  N N 430 
TYR H    H  N N 431 
TYR H2   H  N N 432 
TYR HA   H  N N 433 
TYR HB2  H  N N 434 
TYR HB3  H  N N 435 
TYR HD1  H  N N 436 
TYR HD2  H  N N 437 
TYR HE1  H  N N 438 
TYR HE2  H  N N 439 
TYR HH   H  N N 440 
TYR HXT  H  N N 441 
VAL N    N  N N 442 
VAL CA   C  N S 443 
VAL C    C  N N 444 
VAL O    O  N N 445 
VAL CB   C  N N 446 
VAL CG1  C  N N 447 
VAL CG2  C  N N 448 
VAL OXT  O  N N 449 
VAL H    H  N N 450 
VAL H2   H  N N 451 
VAL HA   H  N N 452 
VAL HB   H  N N 453 
VAL HG11 H  N N 454 
VAL HG12 H  N N 455 
VAL HG13 H  N N 456 
VAL HG21 H  N N 457 
VAL HG22 H  N N 458 
VAL HG23 H  N N 459 
VAL HXT  H  N N 460 
# 
loop_
_chem_comp_bond.comp_id 
_chem_comp_bond.atom_id_1 
_chem_comp_bond.atom_id_2 
_chem_comp_bond.value_order 
_chem_comp_bond.pdbx_aromatic_flag 
_chem_comp_bond.pdbx_stereo_config 
_chem_comp_bond.pdbx_ordinal 
ALA N   CA   sing N N 1   
ALA N   H    sing N N 2   
ALA N   H2   sing N N 3   
ALA CA  C    sing N N 4   
ALA CA  CB   sing N N 5   
ALA CA  HA   sing N N 6   
ALA C   O    doub N N 7   
ALA C   OXT  sing N N 8   
ALA CB  HB1  sing N N 9   
ALA CB  HB2  sing N N 10  
ALA CB  HB3  sing N N 11  
ALA OXT HXT  sing N N 12  
ARG N   CA   sing N N 13  
ARG N   H    sing N N 14  
ARG N   H2   sing N N 15  
ARG CA  C    sing N N 16  
ARG CA  CB   sing N N 17  
ARG CA  HA   sing N N 18  
ARG C   O    doub N N 19  
ARG C   OXT  sing N N 20  
ARG CB  CG   sing N N 21  
ARG CB  HB2  sing N N 22  
ARG CB  HB3  sing N N 23  
ARG CG  CD   sing N N 24  
ARG CG  HG2  sing N N 25  
ARG CG  HG3  sing N N 26  
ARG CD  NE   sing N N 27  
ARG CD  HD2  sing N N 28  
ARG CD  HD3  sing N N 29  
ARG NE  CZ   sing N N 30  
ARG NE  HE   sing N N 31  
ARG CZ  NH1  sing N N 32  
ARG CZ  NH2  doub N N 33  
ARG NH1 HH11 sing N N 34  
ARG NH1 HH12 sing N N 35  
ARG NH2 HH21 sing N N 36  
ARG NH2 HH22 sing N N 37  
ARG OXT HXT  sing N N 38  
ASN N   CA   sing N N 39  
ASN N   H    sing N N 40  
ASN N   H2   sing N N 41  
ASN CA  C    sing N N 42  
ASN CA  CB   sing N N 43  
ASN CA  HA   sing N N 44  
ASN C   O    doub N N 45  
ASN C   OXT  sing N N 46  
ASN CB  CG   sing N N 47  
ASN CB  HB2  sing N N 48  
ASN CB  HB3  sing N N 49  
ASN CG  OD1  doub N N 50  
ASN CG  ND2  sing N N 51  
ASN ND2 HD21 sing N N 52  
ASN ND2 HD22 sing N N 53  
ASN OXT HXT  sing N N 54  
ASP N   CA   sing N N 55  
ASP N   H    sing N N 56  
ASP N   H2   sing N N 57  
ASP CA  C    sing N N 58  
ASP CA  CB   sing N N 59  
ASP CA  HA   sing N N 60  
ASP C   O    doub N N 61  
ASP C   OXT  sing N N 62  
ASP CB  CG   sing N N 63  
ASP CB  HB2  sing N N 64  
ASP CB  HB3  sing N N 65  
ASP CG  OD1  doub N N 66  
ASP CG  OD2  sing N N 67  
ASP OD2 HD2  sing N N 68  
ASP OXT HXT  sing N N 69  
COA N1A C2A  sing Y N 70  
COA N1A C6A  doub Y N 71  
COA C2A N3A  doub Y N 72  
COA C2A H2A  sing N N 73  
COA N3A C4A  sing Y N 74  
COA C4A C5A  doub Y N 75  
COA C4A N9A  sing Y N 76  
COA C5A C6A  sing Y N 77  
COA C5A N7A  sing Y N 78  
COA C6A N6A  sing N N 79  
COA N6A H61A sing N N 80  
COA N6A H62A sing N N 81  
COA N7A C8A  doub Y N 82  
COA C8A N9A  sing Y N 83  
COA C8A H8A  sing N N 84  
COA N9A C1B  sing N N 85  
COA C1B C2B  sing N N 86  
COA C1B O4B  sing N N 87  
COA C1B H1B  sing N N 88  
COA C2B O2B  sing N N 89  
COA C2B C3B  sing N N 90  
COA C2B H2B  sing N N 91  
COA O2B HO2A sing N N 92  
COA C3B O3B  sing N N 93  
COA C3B C4B  sing N N 94  
COA C3B H3B  sing N N 95  
COA O3B P3B  sing N N 96  
COA P3B O7A  doub N N 97  
COA P3B O8A  sing N N 98  
COA P3B O9A  sing N N 99  
COA O8A HOA8 sing N N 100 
COA O9A HOA9 sing N N 101 
COA C4B O4B  sing N N 102 
COA C4B C5B  sing N N 103 
COA C4B H4B  sing N N 104 
COA C5B O5B  sing N N 105 
COA C5B H51A sing N N 106 
COA C5B H52A sing N N 107 
COA O5B P1A  sing N N 108 
COA P1A O1A  doub N N 109 
COA P1A O2A  sing N N 110 
COA P1A O3A  sing N N 111 
COA O2A HOA2 sing N N 112 
COA O3A P2A  sing N N 113 
COA P2A O4A  doub N N 114 
COA P2A O5A  sing N N 115 
COA P2A O6A  sing N N 116 
COA O5A HOA5 sing N N 117 
COA O6A CCP  sing N N 118 
COA CBP CCP  sing N N 119 
COA CBP CDP  sing N N 120 
COA CBP CEP  sing N N 121 
COA CBP CAP  sing N N 122 
COA CCP H121 sing N N 123 
COA CCP H122 sing N N 124 
COA CDP H131 sing N N 125 
COA CDP H132 sing N N 126 
COA CDP H133 sing N N 127 
COA CEP H141 sing N N 128 
COA CEP H142 sing N N 129 
COA CEP H143 sing N N 130 
COA CAP OAP  sing N N 131 
COA CAP C9P  sing N N 132 
COA CAP H10  sing N N 133 
COA OAP HO1  sing N N 134 
COA C9P O9P  doub N N 135 
COA C9P N8P  sing N N 136 
COA N8P C7P  sing N N 137 
COA N8P HN8  sing N N 138 
COA C7P C6P  sing N N 139 
COA C7P H71  sing N N 140 
COA C7P H72  sing N N 141 
COA C6P C5P  sing N N 142 
COA C6P H61  sing N N 143 
COA C6P H62  sing N N 144 
COA C5P O5P  doub N N 145 
COA C5P N4P  sing N N 146 
COA N4P C3P  sing N N 147 
COA N4P HN4  sing N N 148 
COA C3P C2P  sing N N 149 
COA C3P H31  sing N N 150 
COA C3P H32  sing N N 151 
COA C2P S1P  sing N N 152 
COA C2P H21  sing N N 153 
COA C2P H22  sing N N 154 
COA S1P HS1  sing N N 155 
GLN N   CA   sing N N 156 
GLN N   H    sing N N 157 
GLN N   H2   sing N N 158 
GLN CA  C    sing N N 159 
GLN CA  CB   sing N N 160 
GLN CA  HA   sing N N 161 
GLN C   O    doub N N 162 
GLN C   OXT  sing N N 163 
GLN CB  CG   sing N N 164 
GLN CB  HB2  sing N N 165 
GLN CB  HB3  sing N N 166 
GLN CG  CD   sing N N 167 
GLN CG  HG2  sing N N 168 
GLN CG  HG3  sing N N 169 
GLN CD  OE1  doub N N 170 
GLN CD  NE2  sing N N 171 
GLN NE2 HE21 sing N N 172 
GLN NE2 HE22 sing N N 173 
GLN OXT HXT  sing N N 174 
GLU N   CA   sing N N 175 
GLU N   H    sing N N 176 
GLU N   H2   sing N N 177 
GLU CA  C    sing N N 178 
GLU CA  CB   sing N N 179 
GLU CA  HA   sing N N 180 
GLU C   O    doub N N 181 
GLU C   OXT  sing N N 182 
GLU CB  CG   sing N N 183 
GLU CB  HB2  sing N N 184 
GLU CB  HB3  sing N N 185 
GLU CG  CD   sing N N 186 
GLU CG  HG2  sing N N 187 
GLU CG  HG3  sing N N 188 
GLU CD  OE1  doub N N 189 
GLU CD  OE2  sing N N 190 
GLU OE2 HE2  sing N N 191 
GLU OXT HXT  sing N N 192 
GLY N   CA   sing N N 193 
GLY N   H    sing N N 194 
GLY N   H2   sing N N 195 
GLY CA  C    sing N N 196 
GLY CA  HA2  sing N N 197 
GLY CA  HA3  sing N N 198 
GLY C   O    doub N N 199 
GLY C   OXT  sing N N 200 
GLY OXT HXT  sing N N 201 
HIS N   CA   sing N N 202 
HIS N   H    sing N N 203 
HIS N   H2   sing N N 204 
HIS CA  C    sing N N 205 
HIS CA  CB   sing N N 206 
HIS CA  HA   sing N N 207 
HIS C   O    doub N N 208 
HIS C   OXT  sing N N 209 
HIS CB  CG   sing N N 210 
HIS CB  HB2  sing N N 211 
HIS CB  HB3  sing N N 212 
HIS CG  ND1  sing Y N 213 
HIS CG  CD2  doub Y N 214 
HIS ND1 CE1  doub Y N 215 
HIS ND1 HD1  sing N N 216 
HIS CD2 NE2  sing Y N 217 
HIS CD2 HD2  sing N N 218 
HIS CE1 NE2  sing Y N 219 
HIS CE1 HE1  sing N N 220 
HIS NE2 HE2  sing N N 221 
HIS OXT HXT  sing N N 222 
HOH O   H1   sing N N 223 
HOH O   H2   sing N N 224 
ILE N   CA   sing N N 225 
ILE N   H    sing N N 226 
ILE N   H2   sing N N 227 
ILE CA  C    sing N N 228 
ILE CA  CB   sing N N 229 
ILE CA  HA   sing N N 230 
ILE C   O    doub N N 231 
ILE C   OXT  sing N N 232 
ILE CB  CG1  sing N N 233 
ILE CB  CG2  sing N N 234 
ILE CB  HB   sing N N 235 
ILE CG1 CD1  sing N N 236 
ILE CG1 HG12 sing N N 237 
ILE CG1 HG13 sing N N 238 
ILE CG2 HG21 sing N N 239 
ILE CG2 HG22 sing N N 240 
ILE CG2 HG23 sing N N 241 
ILE CD1 HD11 sing N N 242 
ILE CD1 HD12 sing N N 243 
ILE CD1 HD13 sing N N 244 
ILE OXT HXT  sing N N 245 
LEU N   CA   sing N N 246 
LEU N   H    sing N N 247 
LEU N   H2   sing N N 248 
LEU CA  C    sing N N 249 
LEU CA  CB   sing N N 250 
LEU CA  HA   sing N N 251 
LEU C   O    doub N N 252 
LEU C   OXT  sing N N 253 
LEU CB  CG   sing N N 254 
LEU CB  HB2  sing N N 255 
LEU CB  HB3  sing N N 256 
LEU CG  CD1  sing N N 257 
LEU CG  CD2  sing N N 258 
LEU CG  HG   sing N N 259 
LEU CD1 HD11 sing N N 260 
LEU CD1 HD12 sing N N 261 
LEU CD1 HD13 sing N N 262 
LEU CD2 HD21 sing N N 263 
LEU CD2 HD22 sing N N 264 
LEU CD2 HD23 sing N N 265 
LEU OXT HXT  sing N N 266 
LYS N   CA   sing N N 267 
LYS N   H    sing N N 268 
LYS N   H2   sing N N 269 
LYS CA  C    sing N N 270 
LYS CA  CB   sing N N 271 
LYS CA  HA   sing N N 272 
LYS C   O    doub N N 273 
LYS C   OXT  sing N N 274 
LYS CB  CG   sing N N 275 
LYS CB  HB2  sing N N 276 
LYS CB  HB3  sing N N 277 
LYS CG  CD   sing N N 278 
LYS CG  HG2  sing N N 279 
LYS CG  HG3  sing N N 280 
LYS CD  CE   sing N N 281 
LYS CD  HD2  sing N N 282 
LYS CD  HD3  sing N N 283 
LYS CE  NZ   sing N N 284 
LYS CE  HE2  sing N N 285 
LYS CE  HE3  sing N N 286 
LYS NZ  HZ1  sing N N 287 
LYS NZ  HZ2  sing N N 288 
LYS NZ  HZ3  sing N N 289 
LYS OXT HXT  sing N N 290 
MSE N   CA   sing N N 291 
MSE N   H    sing N N 292 
MSE N   H2   sing N N 293 
MSE CA  C    sing N N 294 
MSE CA  CB   sing N N 295 
MSE CA  HA   sing N N 296 
MSE C   O    doub N N 297 
MSE C   OXT  sing N N 298 
MSE OXT HXT  sing N N 299 
MSE CB  CG   sing N N 300 
MSE CB  HB2  sing N N 301 
MSE CB  HB3  sing N N 302 
MSE CG  SE   sing N N 303 
MSE CG  HG2  sing N N 304 
MSE CG  HG3  sing N N 305 
MSE SE  CE   sing N N 306 
MSE CE  HE1  sing N N 307 
MSE CE  HE2  sing N N 308 
MSE CE  HE3  sing N N 309 
PHE N   CA   sing N N 310 
PHE N   H    sing N N 311 
PHE N   H2   sing N N 312 
PHE CA  C    sing N N 313 
PHE CA  CB   sing N N 314 
PHE CA  HA   sing N N 315 
PHE C   O    doub N N 316 
PHE C   OXT  sing N N 317 
PHE CB  CG   sing N N 318 
PHE CB  HB2  sing N N 319 
PHE CB  HB3  sing N N 320 
PHE CG  CD1  doub Y N 321 
PHE CG  CD2  sing Y N 322 
PHE CD1 CE1  sing Y N 323 
PHE CD1 HD1  sing N N 324 
PHE CD2 CE2  doub Y N 325 
PHE CD2 HD2  sing N N 326 
PHE CE1 CZ   doub Y N 327 
PHE CE1 HE1  sing N N 328 
PHE CE2 CZ   sing Y N 329 
PHE CE2 HE2  sing N N 330 
PHE CZ  HZ   sing N N 331 
PHE OXT HXT  sing N N 332 
PRO N   CA   sing N N 333 
PRO N   CD   sing N N 334 
PRO N   H    sing N N 335 
PRO CA  C    sing N N 336 
PRO CA  CB   sing N N 337 
PRO CA  HA   sing N N 338 
PRO C   O    doub N N 339 
PRO C   OXT  sing N N 340 
PRO CB  CG   sing N N 341 
PRO CB  HB2  sing N N 342 
PRO CB  HB3  sing N N 343 
PRO CG  CD   sing N N 344 
PRO CG  HG2  sing N N 345 
PRO CG  HG3  sing N N 346 
PRO CD  HD2  sing N N 347 
PRO CD  HD3  sing N N 348 
PRO OXT HXT  sing N N 349 
SER N   CA   sing N N 350 
SER N   H    sing N N 351 
SER N   H2   sing N N 352 
SER CA  C    sing N N 353 
SER CA  CB   sing N N 354 
SER CA  HA   sing N N 355 
SER C   O    doub N N 356 
SER C   OXT  sing N N 357 
SER CB  OG   sing N N 358 
SER CB  HB2  sing N N 359 
SER CB  HB3  sing N N 360 
SER OG  HG   sing N N 361 
SER OXT HXT  sing N N 362 
THR N   CA   sing N N 363 
THR N   H    sing N N 364 
THR N   H2   sing N N 365 
THR CA  C    sing N N 366 
THR CA  CB   sing N N 367 
THR CA  HA   sing N N 368 
THR C   O    doub N N 369 
THR C   OXT  sing N N 370 
THR CB  OG1  sing N N 371 
THR CB  CG2  sing N N 372 
THR CB  HB   sing N N 373 
THR OG1 HG1  sing N N 374 
THR CG2 HG21 sing N N 375 
THR CG2 HG22 sing N N 376 
THR CG2 HG23 sing N N 377 
THR OXT HXT  sing N N 378 
TRP N   CA   sing N N 379 
TRP N   H    sing N N 380 
TRP N   H2   sing N N 381 
TRP CA  C    sing N N 382 
TRP CA  CB   sing N N 383 
TRP CA  HA   sing N N 384 
TRP C   O    doub N N 385 
TRP C   OXT  sing N N 386 
TRP CB  CG   sing N N 387 
TRP CB  HB2  sing N N 388 
TRP CB  HB3  sing N N 389 
TRP CG  CD1  doub Y N 390 
TRP CG  CD2  sing Y N 391 
TRP CD1 NE1  sing Y N 392 
TRP CD1 HD1  sing N N 393 
TRP CD2 CE2  doub Y N 394 
TRP CD2 CE3  sing Y N 395 
TRP NE1 CE2  sing Y N 396 
TRP NE1 HE1  sing N N 397 
TRP CE2 CZ2  sing Y N 398 
TRP CE3 CZ3  doub Y N 399 
TRP CE3 HE3  sing N N 400 
TRP CZ2 CH2  doub Y N 401 
TRP CZ2 HZ2  sing N N 402 
TRP CZ3 CH2  sing Y N 403 
TRP CZ3 HZ3  sing N N 404 
TRP CH2 HH2  sing N N 405 
TRP OXT HXT  sing N N 406 
TYR N   CA   sing N N 407 
TYR N   H    sing N N 408 
TYR N   H2   sing N N 409 
TYR CA  C    sing N N 410 
TYR CA  CB   sing N N 411 
TYR CA  HA   sing N N 412 
TYR C   O    doub N N 413 
TYR C   OXT  sing N N 414 
TYR CB  CG   sing N N 415 
TYR CB  HB2  sing N N 416 
TYR CB  HB3  sing N N 417 
TYR CG  CD1  doub Y N 418 
TYR CG  CD2  sing Y N 419 
TYR CD1 CE1  sing Y N 420 
TYR CD1 HD1  sing N N 421 
TYR CD2 CE2  doub Y N 422 
TYR CD2 HD2  sing N N 423 
TYR CE1 CZ   doub Y N 424 
TYR CE1 HE1  sing N N 425 
TYR CE2 CZ   sing Y N 426 
TYR CE2 HE2  sing N N 427 
TYR CZ  OH   sing N N 428 
TYR OH  HH   sing N N 429 
TYR OXT HXT  sing N N 430 
VAL N   CA   sing N N 431 
VAL N   H    sing N N 432 
VAL N   H2   sing N N 433 
VAL CA  C    sing N N 434 
VAL CA  CB   sing N N 435 
VAL CA  HA   sing N N 436 
VAL C   O    doub N N 437 
VAL C   OXT  sing N N 438 
VAL CB  CG1  sing N N 439 
VAL CB  CG2  sing N N 440 
VAL CB  HB   sing N N 441 
VAL CG1 HG11 sing N N 442 
VAL CG1 HG12 sing N N 443 
VAL CG1 HG13 sing N N 444 
VAL CG2 HG21 sing N N 445 
VAL CG2 HG22 sing N N 446 
VAL CG2 HG23 sing N N 447 
VAL OXT HXT  sing N N 448 
# 
_atom_sites.entry_id                    3F8K 
_atom_sites.fract_transf_matrix[1][1]   0.01523038 
_atom_sites.fract_transf_matrix[1][2]   0.00010927 
_atom_sites.fract_transf_matrix[1][3]   0.01638552 
_atom_sites.fract_transf_matrix[2][1]   -0.00404359 
_atom_sites.fract_transf_matrix[2][2]   0.02068993 
_atom_sites.fract_transf_matrix[2][3]   0.00362056 
_atom_sites.fract_transf_matrix[3][1]   -0.01031181 
_atom_sites.fract_transf_matrix[3][2]   -0.00369690 
_atom_sites.fract_transf_matrix[3][3]   0.00960951 
_atom_sites.fract_transf_vector[1]      0.803326 
_atom_sites.fract_transf_vector[2]      0.506109 
_atom_sites.fract_transf_vector[3]      0.165232 
# 
loop_
_atom_type.symbol 
C  
N  
O  
P  
S  
SE 
# 
loop_
_atom_site.group_PDB 
_atom_site.id 
_atom_site.type_symbol 
_atom_site.label_atom_id 
_atom_site.label_alt_id 
_atom_site.label_comp_id 
_atom_site.label_asym_id 
_atom_site.label_entity_id 
_atom_site.label_seq_id 
_atom_site.pdbx_PDB_ins_code 
_atom_site.Cartn_x 
_atom_site.Cartn_y 
_atom_site.Cartn_z 
_atom_site.occupancy 
_atom_site.B_iso_or_equiv 
_atom_site.pdbx_formal_charge 
_atom_site.auth_seq_id 
_atom_site.auth_comp_id 
_atom_site.auth_asym_id 
_atom_site.auth_atom_id 
_atom_site.pdbx_PDB_model_num 
ATOM   1    N  N   . ILE A 1 5   ? -10.656 1.050   -14.642 1.00 44.49 ? 5   ILE A N   1 
ATOM   2    C  CA  . ILE A 1 5   ? -9.728  1.094   -13.477 1.00 43.90 ? 5   ILE A CA  1 
ATOM   3    C  C   . ILE A 1 5   ? -8.664  2.151   -13.708 1.00 43.55 ? 5   ILE A C   1 
ATOM   4    O  O   . ILE A 1 5   ? -7.665  1.900   -14.382 1.00 45.33 ? 5   ILE A O   1 
ATOM   5    C  CB  . ILE A 1 5   ? -9.071  -0.268  -13.271 1.00 45.39 ? 5   ILE A CB  1 
ATOM   6    N  N   . LYS A 1 6   ? -8.885  3.335   -13.149 1.00 42.11 ? 6   LYS A N   1 
ATOM   7    C  CA  . LYS A 1 6   ? -7.940  4.431   -13.295 1.00 39.94 ? 6   LYS A CA  1 
ATOM   8    C  C   . LYS A 1 6   ? -7.104  4.615   -12.033 1.00 38.87 ? 6   LYS A C   1 
ATOM   9    O  O   . LYS A 1 6   ? -7.626  4.570   -10.917 1.00 37.67 ? 6   LYS A O   1 
ATOM   10   C  CB  . LYS A 1 6   ? -8.685  5.722   -13.615 1.00 40.74 ? 6   LYS A CB  1 
ATOM   11   N  N   . ILE A 1 7   ? -5.804  4.814   -12.223 1.00 36.31 ? 7   ILE A N   1 
ATOM   12   C  CA  . ILE A 1 7   ? -4.879  5.035   -11.116 1.00 34.41 ? 7   ILE A CA  1 
ATOM   13   C  C   . ILE A 1 7   ? -4.321  6.438   -11.301 1.00 33.56 ? 7   ILE A C   1 
ATOM   14   O  O   . ILE A 1 7   ? -3.709  6.731   -12.325 1.00 34.78 ? 7   ILE A O   1 
ATOM   15   C  CB  . ILE A 1 7   ? -3.687  4.044   -11.146 1.00 34.48 ? 7   ILE A CB  1 
ATOM   16   C  CG1 . ILE A 1 7   ? -4.187  2.598   -11.192 1.00 33.80 ? 7   ILE A CG1 1 
ATOM   17   C  CG2 . ILE A 1 7   ? -2.804  4.265   -9.925  1.00 32.01 ? 7   ILE A CG2 1 
ATOM   18   C  CD1 . ILE A 1 7   ? -4.904  2.137   -9.940  1.00 34.22 ? 7   ILE A CD1 1 
ATOM   19   N  N   . ARG A 1 8   ? -4.535  7.311   -10.325 1.00 32.16 ? 8   ARG A N   1 
ATOM   20   C  CA  . ARG A 1 8   ? -4.026  8.669   -10.425 1.00 31.28 ? 8   ARG A CA  1 
ATOM   21   C  C   . ARG A 1 8   ? -3.441  9.136   -9.103  1.00 30.99 ? 8   ARG A C   1 
ATOM   22   O  O   . ARG A 1 8   ? -3.721  8.565   -8.049  1.00 28.88 ? 8   ARG A O   1 
ATOM   23   C  CB  . ARG A 1 8   ? -5.142  9.629   -10.864 1.00 33.02 ? 8   ARG A CB  1 
ATOM   24   C  CG  . ARG A 1 8   ? -6.277  9.779   -9.863  1.00 34.79 ? 8   ARG A CG  1 
ATOM   25   C  CD  . ARG A 1 8   ? -7.353  10.723  -10.389 1.00 36.23 ? 8   ARG A CD  1 
ATOM   26   N  NE  . ARG A 1 8   ? -8.465  10.872  -9.452  1.00 36.10 ? 8   ARG A NE  1 
ATOM   27   C  CZ  . ARG A 1 8   ? -8.388  11.507  -8.287  1.00 35.18 ? 8   ARG A CZ  1 
ATOM   28   N  NH1 . ARG A 1 8   ? -7.247  12.064  -7.905  1.00 36.39 ? 8   ARG A NH1 1 
ATOM   29   N  NH2 . ARG A 1 8   ? -9.454  11.577  -7.500  1.00 33.97 ? 8   ARG A NH2 1 
ATOM   30   N  N   . LYS A 1 9   ? -2.619  10.179  -9.168  1.00 29.74 ? 9   LYS A N   1 
ATOM   31   C  CA  . LYS A 1 9   ? -1.999  10.733  -7.977  1.00 31.21 ? 9   LYS A CA  1 
ATOM   32   C  C   . LYS A 1 9   ? -3.074  11.500  -7.211  1.00 30.59 ? 9   LYS A C   1 
ATOM   33   O  O   . LYS A 1 9   ? -3.921  12.157  -7.811  1.00 30.62 ? 9   LYS A O   1 
ATOM   34   C  CB  . LYS A 1 9   ? -0.851  11.665  -8.373  1.00 31.93 ? 9   LYS A CB  1 
ATOM   35   C  CG  . LYS A 1 9   ? -0.052  12.203  -7.204  1.00 34.84 ? 9   LYS A CG  1 
ATOM   36   C  CD  . LYS A 1 9   ? 1.201   12.934  -7.674  1.00 36.21 ? 9   LYS A CD  1 
ATOM   37   C  CE  . LYS A 1 9   ? 2.154   11.990  -8.407  1.00 38.30 ? 9   LYS A CE  1 
ATOM   38   N  NZ  . LYS A 1 9   ? 3.405   12.676  -8.861  1.00 39.38 ? 9   LYS A NZ  1 
ATOM   39   N  N   . ALA A 1 10  ? -3.050  11.407  -5.889  1.00 29.72 ? 10  ALA A N   1 
ATOM   40   C  CA  . ALA A 1 10  ? -4.042  12.096  -5.077  1.00 31.38 ? 10  ALA A CA  1 
ATOM   41   C  C   . ALA A 1 10  ? -3.604  13.524  -4.771  1.00 33.46 ? 10  ALA A C   1 
ATOM   42   O  O   . ALA A 1 10  ? -2.409  13.816  -4.696  1.00 32.68 ? 10  ALA A O   1 
ATOM   43   C  CB  . ALA A 1 10  ? -4.271  11.336  -3.784  1.00 29.33 ? 10  ALA A CB  1 
ATOM   44   N  N   . THR A 1 11  ? -4.584  14.406  -4.605  1.00 35.19 ? 11  THR A N   1 
ATOM   45   C  CA  . THR A 1 11  ? -4.333  15.809  -4.285  1.00 37.42 ? 11  THR A CA  1 
ATOM   46   C  C   . THR A 1 11  ? -5.023  16.091  -2.957  1.00 38.42 ? 11  THR A C   1 
ATOM   47   O  O   . THR A 1 11  ? -5.720  15.228  -2.424  1.00 37.58 ? 11  THR A O   1 
ATOM   48   C  CB  . THR A 1 11  ? -4.938  16.751  -5.340  1.00 37.82 ? 11  THR A CB  1 
ATOM   49   O  OG1 . THR A 1 11  ? -6.367  16.665  -5.288  1.00 38.35 ? 11  THR A OG1 1 
ATOM   50   C  CG2 . THR A 1 11  ? -4.464  16.370  -6.734  1.00 37.48 ? 11  THR A CG2 1 
ATOM   51   N  N   . LYS A 1 12  ? -4.841  17.295  -2.429  1.00 39.29 ? 12  LYS A N   1 
ATOM   52   C  CA  . LYS A 1 12  ? -5.467  17.661  -1.161  1.00 39.93 ? 12  LYS A CA  1 
ATOM   53   C  C   . LYS A 1 12  ? -6.988  17.578  -1.270  1.00 39.85 ? 12  LYS A C   1 
ATOM   54   O  O   . LYS A 1 12  ? -7.677  17.297  -0.289  1.00 39.72 ? 12  LYS A O   1 
ATOM   55   C  CB  . LYS A 1 12  ? -5.045  19.075  -0.757  1.00 40.06 ? 12  LYS A CB  1 
ATOM   56   N  N   . GLU A 1 13  ? -7.505  17.808  -2.470  1.00 38.74 ? 13  GLU A N   1 
ATOM   57   C  CA  . GLU A 1 13  ? -8.943  17.780  -2.696  1.00 39.51 ? 13  GLU A CA  1 
ATOM   58   C  C   . GLU A 1 13  ? -9.557  16.384  -2.616  1.00 36.98 ? 13  GLU A C   1 
ATOM   59   O  O   . GLU A 1 13  ? -10.777 16.237  -2.623  1.00 36.16 ? 13  GLU A O   1 
ATOM   60   C  CB  . GLU A 1 13  ? -9.262  18.417  -4.049  1.00 42.84 ? 13  GLU A CB  1 
ATOM   61   C  CG  . GLU A 1 13  ? -8.675  19.814  -4.196  1.00 48.28 ? 13  GLU A CG  1 
ATOM   62   C  CD  . GLU A 1 13  ? -9.191  20.544  -5.415  1.00 51.42 ? 13  GLU A CD  1 
ATOM   63   O  OE1 . GLU A 1 13  ? -10.406 20.834  -5.462  1.00 53.67 ? 13  GLU A OE1 1 
ATOM   64   O  OE2 . GLU A 1 13  ? -8.382  20.830  -6.326  1.00 54.17 ? 13  GLU A OE2 1 
ATOM   65   N  N   . ASP A 1 14  ? -8.711  15.364  -2.533  1.00 35.42 ? 14  ASP A N   1 
ATOM   66   C  CA  . ASP A 1 14  ? -9.186  13.987  -2.447  1.00 33.20 ? 14  ASP A CA  1 
ATOM   67   C  C   . ASP A 1 14  ? -9.342  13.509  -1.011  1.00 32.22 ? 14  ASP A C   1 
ATOM   68   O  O   . ASP A 1 14  ? -9.773  12.381  -0.776  1.00 30.97 ? 14  ASP A O   1 
ATOM   69   C  CB  . ASP A 1 14  ? -8.227  13.046  -3.180  1.00 32.27 ? 14  ASP A CB  1 
ATOM   70   C  CG  . ASP A 1 14  ? -8.240  13.250  -4.676  1.00 30.94 ? 14  ASP A CG  1 
ATOM   71   O  OD1 . ASP A 1 14  ? -9.336  13.193  -5.266  1.00 32.29 ? 14  ASP A OD1 1 
ATOM   72   O  OD2 . ASP A 1 14  ? -7.158  13.463  -5.265  1.00 31.93 ? 14  ASP A OD2 1 
ATOM   73   N  N   . TRP A 1 15  ? -9.004  14.363  -0.048  1.00 31.48 ? 15  TRP A N   1 
ATOM   74   C  CA  . TRP A 1 15  ? -9.103  13.971  1.352   1.00 30.42 ? 15  TRP A CA  1 
ATOM   75   C  C   . TRP A 1 15  ? -10.471 13.404  1.711   1.00 29.22 ? 15  TRP A C   1 
ATOM   76   O  O   . TRP A 1 15  ? -10.565 12.359  2.349   1.00 26.41 ? 15  TRP A O   1 
ATOM   77   C  CB  . TRP A 1 15  ? -8.797  15.146  2.284   1.00 33.11 ? 15  TRP A CB  1 
ATOM   78   C  CG  . TRP A 1 15  ? -8.459  14.680  3.676   1.00 36.43 ? 15  TRP A CG  1 
ATOM   79   C  CD1 . TRP A 1 15  ? -7.244  14.239  4.118   1.00 36.22 ? 15  TRP A CD1 1 
ATOM   80   C  CD2 . TRP A 1 15  ? -9.366  14.519  4.775   1.00 37.47 ? 15  TRP A CD2 1 
ATOM   81   N  NE1 . TRP A 1 15  ? -7.337  13.811  5.419   1.00 36.92 ? 15  TRP A NE1 1 
ATOM   82   C  CE2 . TRP A 1 15  ? -8.628  13.971  5.848   1.00 37.52 ? 15  TRP A CE2 1 
ATOM   83   C  CE3 . TRP A 1 15  ? -10.731 14.782  4.956   1.00 38.84 ? 15  TRP A CE3 1 
ATOM   84   C  CZ2 . TRP A 1 15  ? -9.208  13.678  7.086   1.00 37.97 ? 15  TRP A CZ2 1 
ATOM   85   C  CZ3 . TRP A 1 15  ? -11.309 14.490  6.188   1.00 40.37 ? 15  TRP A CZ3 1 
ATOM   86   C  CH2 . TRP A 1 15  ? -10.545 13.943  7.237   1.00 40.22 ? 15  TRP A CH2 1 
ATOM   87   N  N   . GLU A 1 16  ? -11.529 14.095  1.301   1.00 27.77 ? 16  GLU A N   1 
ATOM   88   C  CA  . GLU A 1 16  ? -12.887 13.659  1.602   1.00 26.57 ? 16  GLU A CA  1 
ATOM   89   C  C   . GLU A 1 16  ? -13.190 12.288  1.006   1.00 25.18 ? 16  GLU A C   1 
ATOM   90   O  O   . GLU A 1 16  ? -13.802 11.442  1.661   1.00 24.71 ? 16  GLU A O   1 
ATOM   91   C  CB  . GLU A 1 16  ? -13.889 14.686  1.088   1.00 26.62 ? 16  GLU A CB  1 
ATOM   92   N  N   . LYS A 1 17  ? -12.769 12.074  -0.236  1.00 23.76 ? 17  LYS A N   1 
ATOM   93   C  CA  . LYS A 1 17  ? -12.999 10.800  -0.903  1.00 24.57 ? 17  LYS A CA  1 
ATOM   94   C  C   . LYS A 1 17  ? -12.290 9.660   -0.182  1.00 23.86 ? 17  LYS A C   1 
ATOM   95   O  O   . LYS A 1 17  ? -12.852 8.578   -0.022  1.00 22.54 ? 17  LYS A O   1 
ATOM   96   C  CB  . LYS A 1 17  ? -12.505 10.850  -2.355  1.00 26.08 ? 17  LYS A CB  1 
ATOM   97   C  CG  . LYS A 1 17  ? -13.390 11.638  -3.311  1.00 31.82 ? 17  LYS A CG  1 
ATOM   98   C  CD  . LYS A 1 17  ? -12.932 11.436  -4.749  1.00 32.29 ? 17  LYS A CD  1 
ATOM   99   C  CE  . LYS A 1 17  ? -13.801 12.208  -5.731  1.00 36.66 ? 17  LYS A CE  1 
ATOM   100  N  NZ  . LYS A 1 17  ? -13.735 13.679  -5.501  1.00 38.30 ? 17  LYS A NZ  1 
ATOM   101  N  N   . ILE A 1 18  ? -11.051 9.903   0.240   1.00 22.44 ? 18  ILE A N   1 
ATOM   102  C  CA  . ILE A 1 18  ? -10.264 8.882   0.934   1.00 22.63 ? 18  ILE A CA  1 
ATOM   103  C  C   . ILE A 1 18  ? -10.890 8.597   2.291   1.00 23.06 ? 18  ILE A C   1 
ATOM   104  O  O   . ILE A 1 18  ? -10.940 7.451   2.738   1.00 22.81 ? 18  ILE A O   1 
ATOM   105  C  CB  . ILE A 1 18  ? -8.796  9.347   1.105   1.00 21.39 ? 18  ILE A CB  1 
ATOM   106  C  CG1 . ILE A 1 18  ? -8.135  9.448   -0.273  1.00 21.73 ? 18  ILE A CG1 1 
ATOM   107  C  CG2 . ILE A 1 18  ? -8.030  8.385   2.018   1.00 22.47 ? 18  ILE A CG2 1 
ATOM   108  C  CD1 . ILE A 1 18  ? -6.805  10.186  -0.275  1.00 21.45 ? 18  ILE A CD1 1 
ATOM   109  N  N   . TYR A 1 19  ? -11.382 9.650   2.932   1.00 25.77 ? 19  TYR A N   1 
ATOM   110  C  CA  . TYR A 1 19  ? -12.034 9.533   4.231   1.00 26.48 ? 19  TYR A CA  1 
ATOM   111  C  C   . TYR A 1 19  ? -13.237 8.604   4.121   1.00 25.93 ? 19  TYR A C   1 
ATOM   112  O  O   . TYR A 1 19  ? -13.480 7.781   5.005   1.00 23.91 ? 19  TYR A O   1 
ATOM   113  C  CB  . TYR A 1 19  ? -12.492 10.916  4.705   1.00 31.51 ? 19  TYR A CB  1 
ATOM   114  C  CG  . TYR A 1 19  ? -13.329 10.904  5.967   1.00 36.42 ? 19  TYR A CG  1 
ATOM   115  C  CD1 . TYR A 1 19  ? -12.752 10.655  7.209   1.00 38.50 ? 19  TYR A CD1 1 
ATOM   116  C  CD2 . TYR A 1 19  ? -14.702 11.144  5.916   1.00 39.05 ? 19  TYR A CD2 1 
ATOM   117  C  CE1 . TYR A 1 19  ? -13.518 10.649  8.375   1.00 41.00 ? 19  TYR A CE1 1 
ATOM   118  C  CE2 . TYR A 1 19  ? -15.480 11.141  7.075   1.00 41.93 ? 19  TYR A CE2 1 
ATOM   119  C  CZ  . TYR A 1 19  ? -14.880 10.892  8.301   1.00 42.98 ? 19  TYR A CZ  1 
ATOM   120  O  OH  . TYR A 1 19  ? -15.636 10.892  9.453   1.00 45.84 ? 19  TYR A OH  1 
ATOM   121  N  N   . GLN A 1 20  ? -13.999 8.741   3.037   1.00 24.57 ? 20  GLN A N   1 
ATOM   122  C  CA  . GLN A 1 20  ? -15.172 7.898   2.845   1.00 24.89 ? 20  GLN A CA  1 
ATOM   123  C  C   . GLN A 1 20  ? -14.755 6.458   2.588   1.00 23.53 ? 20  GLN A C   1 
ATOM   124  O  O   . GLN A 1 20  ? -15.426 5.525   3.025   1.00 23.14 ? 20  GLN A O   1 
ATOM   125  C  CB  . GLN A 1 20  ? -16.031 8.417   1.691   1.00 23.97 ? 20  GLN A CB  1 
ATOM   126  C  CG  . GLN A 1 20  ? -16.461 9.863   1.864   1.00 28.52 ? 20  GLN A CG  1 
ATOM   127  C  CD  . GLN A 1 20  ? -17.837 10.135  1.295   1.00 27.35 ? 20  GLN A CD  1 
ATOM   128  O  OE1 . GLN A 1 20  ? -18.232 9.538   0.296   1.00 27.38 ? 20  GLN A OE1 1 
ATOM   129  N  NE2 . GLN A 1 20  ? -18.571 11.051  1.922   1.00 26.14 ? 20  GLN A NE2 1 
ATOM   130  N  N   . LEU A 1 21  ? -13.653 6.271   1.872   1.00 22.27 ? 21  LEU A N   1 
ATOM   131  C  CA  . LEU A 1 21  ? -13.165 4.922   1.622   1.00 22.40 ? 21  LEU A CA  1 
ATOM   132  C  C   . LEU A 1 21  ? -12.838 4.279   2.966   1.00 21.66 ? 21  LEU A C   1 
ATOM   133  O  O   . LEU A 1 21  ? -13.285 3.170   3.265   1.00 21.58 ? 21  LEU A O   1 
ATOM   134  C  CB  . LEU A 1 21  ? -11.902 4.947   0.759   1.00 24.00 ? 21  LEU A CB  1 
ATOM   135  C  CG  . LEU A 1 21  ? -11.163 3.608   0.661   1.00 23.92 ? 21  LEU A CG  1 
ATOM   136  C  CD1 . LEU A 1 21  ? -12.031 2.589   -0.062  1.00 24.13 ? 21  LEU A CD1 1 
ATOM   137  C  CD2 . LEU A 1 21  ? -9.839  3.803   -0.057  1.00 23.23 ? 21  LEU A CD2 1 
ATOM   138  N  N   . TYR A 1 22  ? -12.065 4.991   3.781   1.00 20.02 ? 22  TYR A N   1 
ATOM   139  C  CA  . TYR A 1 22  ? -11.674 4.479   5.088   1.00 21.04 ? 22  TYR A CA  1 
ATOM   140  C  C   . TYR A 1 22  ? -12.881 4.118   5.946   1.00 23.13 ? 22  TYR A C   1 
ATOM   141  O  O   . TYR A 1 22  ? -12.871 3.108   6.647   1.00 22.89 ? 22  TYR A O   1 
ATOM   142  C  CB  . TYR A 1 22  ? -10.804 5.504   5.821   1.00 20.13 ? 22  TYR A CB  1 
ATOM   143  C  CG  . TYR A 1 22  ? -9.378  5.606   5.314   1.00 18.83 ? 22  TYR A CG  1 
ATOM   144  C  CD1 . TYR A 1 22  ? -8.990  5.012   4.108   1.00 19.59 ? 22  TYR A CD1 1 
ATOM   145  C  CD2 . TYR A 1 22  ? -8.416  6.305   6.037   1.00 19.95 ? 22  TYR A CD2 1 
ATOM   146  C  CE1 . TYR A 1 22  ? -7.672  5.118   3.641   1.00 20.77 ? 22  TYR A CE1 1 
ATOM   147  C  CE2 . TYR A 1 22  ? -7.104  6.416   5.583   1.00 21.11 ? 22  TYR A CE2 1 
ATOM   148  C  CZ  . TYR A 1 22  ? -6.739  5.823   4.385   1.00 19.57 ? 22  TYR A CZ  1 
ATOM   149  O  OH  . TYR A 1 22  ? -5.444  5.954   3.936   1.00 20.50 ? 22  TYR A OH  1 
ATOM   150  N  N   . ASN A 1 23  ? -13.927 4.934   5.882   1.00 24.57 ? 23  ASN A N   1 
ATOM   151  C  CA  . ASN A 1 23  ? -15.121 4.677   6.675   1.00 26.16 ? 23  ASN A CA  1 
ATOM   152  C  C   . ASN A 1 23  ? -15.823 3.377   6.305   1.00 25.16 ? 23  ASN A C   1 
ATOM   153  O  O   . ASN A 1 23  ? -16.552 2.816   7.120   1.00 26.02 ? 23  ASN A O   1 
ATOM   154  C  CB  . ASN A 1 23  ? -16.107 5.842   6.554   1.00 29.62 ? 23  ASN A CB  1 
ATOM   155  C  CG  . ASN A 1 23  ? -15.588 7.111   7.204   1.00 34.52 ? 23  ASN A CG  1 
ATOM   156  O  OD1 . ASN A 1 23  ? -15.083 7.083   8.326   1.00 40.04 ? 23  ASN A OD1 1 
ATOM   157  N  ND2 . ASN A 1 23  ? -15.718 8.232   6.506   1.00 38.20 ? 23  ASN A ND2 1 
ATOM   158  N  N   . SER A 1 24  ? -15.597 2.896   5.085   1.00 23.56 ? 24  SER A N   1 
ATOM   159  C  CA  . SER A 1 24  ? -16.225 1.665   4.613   1.00 23.92 ? 24  SER A CA  1 
ATOM   160  C  C   . SER A 1 24  ? -15.390 0.422   4.895   1.00 24.14 ? 24  SER A C   1 
ATOM   161  O  O   . SER A 1 24  ? -15.881 -0.700  4.775   1.00 25.63 ? 24  SER A O   1 
ATOM   162  C  CB  . SER A 1 24  ? -16.486 1.741   3.102   1.00 25.91 ? 24  SER A CB  1 
ATOM   163  O  OG  . SER A 1 24  ? -15.270 1.703   2.364   1.00 26.23 ? 24  SER A OG  1 
ATOM   164  N  N   . LEU A 1 25  ? -14.129 0.617   5.264   1.00 23.55 ? 25  LEU A N   1 
ATOM   165  C  CA  . LEU A 1 25  ? -13.239 -0.504  5.537   1.00 22.09 ? 25  LEU A CA  1 
ATOM   166  C  C   . LEU A 1 25  ? -13.486 -1.075  6.918   1.00 23.22 ? 25  LEU A C   1 
ATOM   167  O  O   . LEU A 1 25  ? -14.097 -0.424  7.765   1.00 22.54 ? 25  LEU A O   1 
ATOM   168  C  CB  . LEU A 1 25  ? -11.782 -0.054  5.444   1.00 21.95 ? 25  LEU A CB  1 
ATOM   169  C  CG  . LEU A 1 25  ? -11.363 0.629   4.138   1.00 22.18 ? 25  LEU A CG  1 
ATOM   170  C  CD1 . LEU A 1 25  ? -9.915  1.088   4.240   1.00 21.78 ? 25  LEU A CD1 1 
ATOM   171  C  CD2 . LEU A 1 25  ? -11.555 -0.328  2.975   1.00 21.64 ? 25  LEU A CD2 1 
ATOM   172  N  N   . SER A 1 26  ? -13.000 -2.292  7.141   1.00 20.97 ? 26  SER A N   1 
ATOM   173  C  CA  . SER A 1 26  ? -13.138 -2.944  8.438   1.00 22.25 ? 26  SER A CA  1 
ATOM   174  C  C   . SER A 1 26  ? -11.994 -2.455  9.325   1.00 22.67 ? 26  SER A C   1 
ATOM   175  O  O   . SER A 1 26  ? -11.032 -1.867  8.828   1.00 21.14 ? 26  SER A O   1 
ATOM   176  C  CB  . SER A 1 26  ? -13.042 -4.461  8.276   1.00 23.33 ? 26  SER A CB  1 
ATOM   177  O  OG  . SER A 1 26  ? -11.767 -4.835  7.774   1.00 25.52 ? 26  SER A OG  1 
ATOM   178  N  N   . ASP A 1 27  ? -12.095 -2.683  10.633  1.00 21.98 ? 27  ASP A N   1 
ATOM   179  C  CA  . ASP A 1 27  ? -11.027 -2.273  11.541  1.00 23.17 ? 27  ASP A CA  1 
ATOM   180  C  C   . ASP A 1 27  ? -9.771  -3.064  11.208  1.00 22.42 ? 27  ASP A C   1 
ATOM   181  O  O   . ASP A 1 27  ? -8.653  -2.580  11.393  1.00 20.50 ? 27  ASP A O   1 
ATOM   182  C  CB  . ASP A 1 27  ? -11.397 -2.535  13.005  1.00 23.98 ? 27  ASP A CB  1 
ATOM   183  C  CG  . ASP A 1 27  ? -12.358 -1.505  13.558  1.00 26.11 ? 27  ASP A CG  1 
ATOM   184  O  OD1 . ASP A 1 27  ? -12.420 -0.389  13.005  1.00 26.59 ? 27  ASP A OD1 1 
ATOM   185  O  OD2 . ASP A 1 27  ? -13.034 -1.808  14.561  1.00 27.21 ? 27  ASP A OD2 1 
ATOM   186  N  N   . GLU A 1 28  ? -9.965  -4.288  10.724  1.00 23.43 ? 28  GLU A N   1 
ATOM   187  C  CA  . GLU A 1 28  ? -8.842  -5.139  10.356  1.00 22.92 ? 28  GLU A CA  1 
ATOM   188  C  C   . GLU A 1 28  ? -8.104  -4.500  9.189   1.00 22.47 ? 28  GLU A C   1 
ATOM   189  O  O   . GLU A 1 28  ? -6.875  -4.429  9.182   1.00 21.36 ? 28  GLU A O   1 
ATOM   190  C  CB  . GLU A 1 28  ? -9.334  -6.525  9.945   1.00 26.87 ? 28  GLU A CB  1 
ATOM   191  C  CG  . GLU A 1 28  ? -8.223  -7.461  9.479   1.00 29.52 ? 28  GLU A CG  1 
ATOM   192  C  CD  . GLU A 1 28  ? -8.757  -8.769  8.912   1.00 33.26 ? 28  GLU A CD  1 
ATOM   193  O  OE1 . GLU A 1 28  ? -9.416  -8.738  7.850   1.00 35.10 ? 28  GLU A OE1 1 
ATOM   194  O  OE2 . GLU A 1 28  ? -8.521  -9.827  9.532   1.00 35.71 ? 28  GLU A OE2 1 
ATOM   195  N  N   . ASP A 1 29  ? -8.860  -4.026  8.203   1.00 21.19 ? 29  ASP A N   1 
ATOM   196  C  CA  . ASP A 1 29  ? -8.264  -3.392  7.032   1.00 20.76 ? 29  ASP A CA  1 
ATOM   197  C  C   . ASP A 1 29  ? -7.443  -2.157  7.404   1.00 20.74 ? 29  ASP A C   1 
ATOM   198  O  O   . ASP A 1 29  ? -6.354  -1.941  6.873   1.00 18.30 ? 29  ASP A O   1 
ATOM   199  C  CB  . ASP A 1 29  ? -9.347  -2.965  6.030   1.00 23.20 ? 29  ASP A CB  1 
ATOM   200  C  CG  . ASP A 1 29  ? -10.141 -4.134  5.476   1.00 26.20 ? 29  ASP A CG  1 
ATOM   201  O  OD1 . ASP A 1 29  ? -9.550  -5.202  5.207   1.00 27.83 ? 29  ASP A OD1 1 
ATOM   202  O  OD2 . ASP A 1 29  ? -11.366 -3.974  5.287   1.00 30.85 ? 29  ASP A OD2 1 
ATOM   203  N  N   . LEU A 1 30  ? -7.977  -1.340  8.308   1.00 19.27 ? 30  LEU A N   1 
ATOM   204  C  CA  . LEU A 1 30  ? -7.294  -0.118  8.716   1.00 19.30 ? 30  LEU A CA  1 
ATOM   205  C  C   . LEU A 1 30  ? -6.070  -0.433  9.553   1.00 18.81 ? 30  LEU A C   1 
ATOM   206  O  O   . LEU A 1 30  ? -5.048  0.241   9.459   1.00 15.94 ? 30  LEU A O   1 
ATOM   207  C  CB  . LEU A 1 30  ? -8.260  0.788   9.484   1.00 22.66 ? 30  LEU A CB  1 
ATOM   208  C  CG  . LEU A 1 30  ? -9.408  1.278   8.594   1.00 24.20 ? 30  LEU A CG  1 
ATOM   209  C  CD1 . LEU A 1 30  ? -10.353 2.158   9.389   1.00 28.69 ? 30  LEU A CD1 1 
ATOM   210  C  CD2 . LEU A 1 30  ? -8.826  2.045   7.406   1.00 26.15 ? 30  LEU A CD2 1 
ATOM   211  N  N   . TYR A 1 31  ? -6.177  -1.474  10.367  1.00 17.52 ? 31  TYR A N   1 
ATOM   212  C  CA  . TYR A 1 31  ? -5.062  -1.887  11.196  1.00 17.67 ? 31  TYR A CA  1 
ATOM   213  C  C   . TYR A 1 31  ? -3.915  -2.282  10.265  1.00 16.64 ? 31  TYR A C   1 
ATOM   214  O  O   . TYR A 1 31  ? -2.765  -1.897  10.470  1.00 15.89 ? 31  TYR A O   1 
ATOM   215  C  CB  . TYR A 1 31  ? -5.480  -3.075  12.062  1.00 18.33 ? 31  TYR A CB  1 
ATOM   216  C  CG  . TYR A 1 31  ? -4.373  -3.618  12.926  1.00 21.12 ? 31  TYR A CG  1 
ATOM   217  C  CD1 . TYR A 1 31  ? -3.797  -2.831  13.922  1.00 21.57 ? 31  TYR A CD1 1 
ATOM   218  C  CD2 . TYR A 1 31  ? -3.887  -4.913  12.742  1.00 21.52 ? 31  TYR A CD2 1 
ATOM   219  C  CE1 . TYR A 1 31  ? -2.766  -3.314  14.711  1.00 23.05 ? 31  TYR A CE1 1 
ATOM   220  C  CE2 . TYR A 1 31  ? -2.852  -5.410  13.528  1.00 22.38 ? 31  TYR A CE2 1 
ATOM   221  C  CZ  . TYR A 1 31  ? -2.296  -4.601  14.511  1.00 23.09 ? 31  TYR A CZ  1 
ATOM   222  O  OH  . TYR A 1 31  ? -1.271  -5.068  15.297  1.00 25.42 ? 31  TYR A OH  1 
ATOM   223  N  N   . LEU A 1 32  ? -4.235  -3.048  9.227   1.00 15.21 ? 32  LEU A N   1 
ATOM   224  C  CA  . LEU A 1 32  ? -3.207  -3.475  8.278   1.00 15.68 ? 32  LEU A CA  1 
ATOM   225  C  C   . LEU A 1 32  ? -2.678  -2.307  7.440   1.00 13.90 ? 32  LEU A C   1 
ATOM   226  O  O   . LEU A 1 32  ? -1.484  -2.235  7.131   1.00 14.93 ? 32  LEU A O   1 
ATOM   227  C  CB  . LEU A 1 32  ? -3.773  -4.578  7.379   1.00 17.47 ? 32  LEU A CB  1 
ATOM   228  C  CG  . LEU A 1 32  ? -4.055  -5.893  8.116   1.00 18.30 ? 32  LEU A CG  1 
ATOM   229  C  CD1 . LEU A 1 32  ? -4.895  -6.817  7.246   1.00 21.42 ? 32  LEU A CD1 1 
ATOM   230  C  CD2 . LEU A 1 32  ? -2.733  -6.548  8.498   1.00 19.41 ? 32  LEU A CD2 1 
ATOM   231  N  N   . ARG A 1 33  ? -3.562  -1.388  7.070   1.00 15.34 ? 33  ARG A N   1 
ATOM   232  C  CA  . ARG A 1 33  ? -3.152  -0.232  6.280   1.00 14.70 ? 33  ARG A CA  1 
ATOM   233  C  C   . ARG A 1 33  ? -2.095  0.606   7.007   1.00 15.25 ? 33  ARG A C   1 
ATOM   234  O  O   . ARG A 1 33  ? -1.159  1.108   6.386   1.00 14.55 ? 33  ARG A O   1 
ATOM   235  C  CB  . ARG A 1 33  ? -4.368  0.645   5.947   1.00 17.93 ? 33  ARG A CB  1 
ATOM   236  C  CG  . ARG A 1 33  ? -4.016  1.997   5.325   1.00 18.86 ? 33  ARG A CG  1 
ATOM   237  C  CD  . ARG A 1 33  ? -3.198  1.849   4.037   1.00 20.54 ? 33  ARG A CD  1 
ATOM   238  N  NE  . ARG A 1 33  ? -2.892  3.151   3.437   1.00 22.06 ? 33  ARG A NE  1 
ATOM   239  C  CZ  . ARG A 1 33  ? -1.954  3.983   3.881   1.00 23.93 ? 33  ARG A CZ  1 
ATOM   240  N  NH1 . ARG A 1 33  ? -1.216  3.651   4.930   1.00 22.38 ? 33  ARG A NH1 1 
ATOM   241  N  NH2 . ARG A 1 33  ? -1.757  5.153   3.280   1.00 22.41 ? 33  ARG A NH2 1 
ATOM   242  N  N   . PHE A 1 34  ? -2.244  0.744   8.321   1.00 15.39 ? 34  PHE A N   1 
ATOM   243  C  CA  . PHE A 1 34  ? -1.308  1.524   9.133   1.00 18.19 ? 34  PHE A CA  1 
ATOM   244  C  C   . PHE A 1 34  ? -0.572  0.637   10.143  1.00 18.02 ? 34  PHE A C   1 
ATOM   245  O  O   . PHE A 1 34  ? -0.229  1.075   11.241  1.00 16.72 ? 34  PHE A O   1 
ATOM   246  C  CB  . PHE A 1 34  ? -2.073  2.622   9.885   1.00 20.09 ? 34  PHE A CB  1 
ATOM   247  C  CG  . PHE A 1 34  ? -2.757  3.607   8.978   1.00 20.92 ? 34  PHE A CG  1 
ATOM   248  C  CD1 . PHE A 1 34  ? -2.027  4.605   8.341   1.00 21.32 ? 34  PHE A CD1 1 
ATOM   249  C  CD2 . PHE A 1 34  ? -4.123  3.519   8.740   1.00 20.62 ? 34  PHE A CD2 1 
ATOM   250  C  CE1 . PHE A 1 34  ? -2.652  5.501   7.474   1.00 22.75 ? 34  PHE A CE1 1 
ATOM   251  C  CE2 . PHE A 1 34  ? -4.760  4.413   7.873   1.00 22.26 ? 34  PHE A CE2 1 
ATOM   252  C  CZ  . PHE A 1 34  ? -4.021  5.403   7.240   1.00 20.89 ? 34  PHE A CZ  1 
ATOM   253  N  N   . PHE A 1 35  ? -0.319  -0.606  9.756   1.00 18.96 ? 35  PHE A N   1 
ATOM   254  C  CA  . PHE A 1 35  ? 0.330   -1.568  10.638  1.00 18.70 ? 35  PHE A CA  1 
ATOM   255  C  C   . PHE A 1 35  ? 1.557   -1.069  11.393  1.00 19.63 ? 35  PHE A C   1 
ATOM   256  O  O   . PHE A 1 35  ? 1.593   -1.099  12.625  1.00 19.27 ? 35  PHE A O   1 
ATOM   257  C  CB  . PHE A 1 35  ? 0.708   -2.817  9.848   1.00 19.10 ? 35  PHE A CB  1 
ATOM   258  C  CG  . PHE A 1 35  ? 1.288   -3.907  10.693  1.00 17.59 ? 35  PHE A CG  1 
ATOM   259  C  CD1 . PHE A 1 35  ? 0.528   -4.513  11.682  1.00 19.14 ? 35  PHE A CD1 1 
ATOM   260  C  CD2 . PHE A 1 35  ? 2.600   -4.330  10.502  1.00 20.23 ? 35  PHE A CD2 1 
ATOM   261  C  CE1 . PHE A 1 35  ? 1.065   -5.526  12.469  1.00 19.89 ? 35  PHE A CE1 1 
ATOM   262  C  CE2 . PHE A 1 35  ? 3.145   -5.340  11.281  1.00 19.73 ? 35  PHE A CE2 1 
ATOM   263  C  CZ  . PHE A 1 35  ? 2.372   -5.939  12.269  1.00 19.23 ? 35  PHE A CZ  1 
ATOM   264  N  N   . HIS A 1 36  ? 2.566   -0.619  10.659  1.00 18.16 ? 36  HIS A N   1 
ATOM   265  C  CA  . HIS A 1 36  ? 3.793   -0.157  11.296  1.00 21.36 ? 36  HIS A CA  1 
ATOM   266  C  C   . HIS A 1 36  ? 3.545   0.924   12.333  1.00 21.04 ? 36  HIS A C   1 
ATOM   267  O  O   . HIS A 1 36  ? 4.137   0.903   13.415  1.00 21.74 ? 36  HIS A O   1 
ATOM   268  C  CB  . HIS A 1 36  ? 4.781   0.372   10.258  1.00 24.54 ? 36  HIS A CB  1 
ATOM   269  C  CG  . HIS A 1 36  ? 6.190   0.443   10.762  1.00 28.96 ? 36  HIS A CG  1 
ATOM   270  N  ND1 . HIS A 1 36  ? 7.099   1.375   10.308  1.00 31.79 ? 36  HIS A ND1 1 
ATOM   271  C  CD2 . HIS A 1 36  ? 6.853   -0.321  11.662  1.00 28.56 ? 36  HIS A CD2 1 
ATOM   272  C  CE1 . HIS A 1 36  ? 8.260   1.184   10.908  1.00 30.30 ? 36  HIS A CE1 1 
ATOM   273  N  NE2 . HIS A 1 36  ? 8.138   0.160   11.734  1.00 31.15 ? 36  HIS A NE2 1 
ATOM   274  N  N   . LEU A 1 37  ? 2.677   1.871   12.000  1.00 20.23 ? 37  LEU A N   1 
ATOM   275  C  CA  . LEU A 1 37  ? 2.368   2.955   12.917  1.00 22.86 ? 37  LEU A CA  1 
ATOM   276  C  C   . LEU A 1 37  ? 1.801   2.417   14.220  1.00 22.42 ? 37  LEU A C   1 
ATOM   277  O  O   . LEU A 1 37  ? 2.185   2.877   15.294  1.00 23.77 ? 37  LEU A O   1 
ATOM   278  C  CB  . LEU A 1 37  ? 1.372   3.930   12.286  1.00 23.06 ? 37  LEU A CB  1 
ATOM   279  C  CG  . LEU A 1 37  ? 1.061   5.170   13.129  1.00 25.54 ? 37  LEU A CG  1 
ATOM   280  C  CD1 . LEU A 1 37  ? 2.349   5.901   13.472  1.00 26.07 ? 37  LEU A CD1 1 
ATOM   281  C  CD2 . LEU A 1 37  ? 0.125   6.090   12.355  1.00 24.74 ? 37  LEU A CD2 1 
ATOM   282  N  N   . TYR A 1 38  ? 0.887   1.449   14.131  1.00 21.24 ? 38  TYR A N   1 
ATOM   283  C  CA  . TYR A 1 38  ? 0.298   0.856   15.332  1.00 23.11 ? 38  TYR A CA  1 
ATOM   284  C  C   . TYR A 1 38  ? 1.358   0.126   16.130  1.00 25.27 ? 38  TYR A C   1 
ATOM   285  O  O   . TYR A 1 38  ? 1.321   0.101   17.358  1.00 27.18 ? 38  TYR A O   1 
ATOM   286  C  CB  . TYR A 1 38  ? -0.807  -0.144  14.980  1.00 22.75 ? 38  TYR A CB  1 
ATOM   287  C  CG  . TYR A 1 38  ? -2.150  0.480   14.710  1.00 22.40 ? 38  TYR A CG  1 
ATOM   288  C  CD1 . TYR A 1 38  ? -2.622  0.640   13.410  1.00 22.62 ? 38  TYR A CD1 1 
ATOM   289  C  CD2 . TYR A 1 38  ? -2.953  0.921   15.762  1.00 23.82 ? 38  TYR A CD2 1 
ATOM   290  C  CE1 . TYR A 1 38  ? -3.863  1.227   13.159  1.00 22.53 ? 38  TYR A CE1 1 
ATOM   291  C  CE2 . TYR A 1 38  ? -4.189  1.507   15.524  1.00 24.41 ? 38  TYR A CE2 1 
ATOM   292  C  CZ  . TYR A 1 38  ? -4.637  1.658   14.223  1.00 23.86 ? 38  TYR A CZ  1 
ATOM   293  O  OH  . TYR A 1 38  ? -5.853  2.259   13.995  1.00 22.83 ? 38  TYR A OH  1 
ATOM   294  N  N   . ARG A 1 39  ? 2.299   -0.481  15.413  1.00 26.42 ? 39  ARG A N   1 
ATOM   295  C  CA  . ARG A 1 39  ? 3.376   -1.240  16.022  1.00 27.68 ? 39  ARG A CA  1 
ATOM   296  C  C   . ARG A 1 39  ? 4.334   -0.387  16.838  1.00 28.51 ? 39  ARG A C   1 
ATOM   297  O  O   . ARG A 1 39  ? 4.676   -0.743  17.961  1.00 30.77 ? 39  ARG A O   1 
ATOM   298  C  CB  . ARG A 1 39  ? 4.159   -1.989  14.940  1.00 29.29 ? 39  ARG A CB  1 
ATOM   299  C  CG  . ARG A 1 39  ? 3.377   -3.106  14.270  1.00 31.23 ? 39  ARG A CG  1 
ATOM   300  C  CD  . ARG A 1 39  ? 3.191   -4.275  15.221  1.00 36.97 ? 39  ARG A CD  1 
ATOM   301  N  NE  . ARG A 1 39  ? 4.467   -4.915  15.530  1.00 40.94 ? 39  ARG A NE  1 
ATOM   302  C  CZ  . ARG A 1 39  ? 4.633   -5.834  16.475  1.00 43.59 ? 39  ARG A CZ  1 
ATOM   303  N  NH1 . ARG A 1 39  ? 3.601   -6.222  17.213  1.00 45.79 ? 39  ARG A NH1 1 
ATOM   304  N  NH2 . ARG A 1 39  ? 5.831   -6.364  16.682  1.00 43.80 ? 39  ARG A NH2 1 
ATOM   305  N  N   . ILE A 1 40  ? 4.764   0.737   16.277  1.00 28.33 ? 40  ILE A N   1 
ATOM   306  C  CA  . ILE A 1 40  ? 5.711   1.600   16.971  1.00 28.55 ? 40  ILE A CA  1 
ATOM   307  C  C   . ILE A 1 40  ? 5.109   2.588   17.967  1.00 28.80 ? 40  ILE A C   1 
ATOM   308  O  O   . ILE A 1 40  ? 5.833   3.399   18.542  1.00 29.53 ? 40  ILE A O   1 
ATOM   309  C  CB  . ILE A 1 40  ? 6.580   2.385   15.970  1.00 28.02 ? 40  ILE A CB  1 
ATOM   310  C  CG1 . ILE A 1 40  ? 5.733   3.426   15.236  1.00 28.29 ? 40  ILE A CG1 1 
ATOM   311  C  CG2 . ILE A 1 40  ? 7.224   1.418   14.980  1.00 28.19 ? 40  ILE A CG2 1 
ATOM   312  C  CD1 . ILE A 1 40  ? 6.532   4.268   14.258  1.00 27.11 ? 40  ILE A CD1 1 
ATOM   313  N  N   . THR A 1 41  ? 3.798   2.538   18.172  1.00 28.65 ? 41  THR A N   1 
ATOM   314  C  CA  . THR A 1 41  ? 3.169   3.442   19.134  1.00 28.28 ? 41  THR A CA  1 
ATOM   315  C  C   . THR A 1 41  ? 2.464   2.644   20.224  1.00 30.20 ? 41  THR A C   1 
ATOM   316  O  O   . THR A 1 41  ? 1.528   3.190   20.847  1.00 30.71 ? 41  THR A O   1 
ATOM   317  C  CB  . THR A 1 41  ? 2.136   4.369   18.459  1.00 26.84 ? 41  THR A CB  1 
ATOM   318  O  OG1 . THR A 1 41  ? 1.138   3.579   17.802  1.00 23.90 ? 41  THR A OG1 1 
ATOM   319  C  CG2 . THR A 1 41  ? 2.817   5.288   17.445  1.00 25.54 ? 41  THR A CG2 1 
ATOM   320  N  N   . GLU A 1 42  ? 2.872   1.485   20.454  1.00 32.23 ? 42  GLU A N   1 
ATOM   321  N  N   . ASP A 1 53  ? 7.345   14.718  1.486   1.00 39.28 ? 53  ASP A N   1 
ATOM   322  C  CA  . ASP A 1 53  ? 6.965   13.857  2.642   1.00 39.55 ? 53  ASP A CA  1 
ATOM   323  C  C   . ASP A 1 53  ? 6.470   12.504  2.144   1.00 38.61 ? 53  ASP A C   1 
ATOM   324  O  O   . ASP A 1 53  ? 7.127   11.480  2.341   1.00 39.29 ? 53  ASP A O   1 
ATOM   325  C  CB  . ASP A 1 53  ? 5.878   14.539  3.469   1.00 40.90 ? 53  ASP A CB  1 
ATOM   326  N  N   . HIS A 1 54  ? 5.308   12.507  1.498   1.00 36.77 ? 54  HIS A N   1 
ATOM   327  C  CA  . HIS A 1 54  ? 4.735   11.278  0.968   1.00 33.97 ? 54  HIS A CA  1 
ATOM   328  C  C   . HIS A 1 54  ? 3.986   11.530  -0.334  1.00 31.00 ? 54  HIS A C   1 
ATOM   329  O  O   . HIS A 1 54  ? 3.659   12.670  -0.675  1.00 31.38 ? 54  HIS A O   1 
ATOM   330  C  CB  . HIS A 1 54  ? 3.767   10.655  1.979   1.00 35.31 ? 54  HIS A CB  1 
ATOM   331  C  CG  . HIS A 1 54  ? 2.474   11.398  2.108   1.00 35.83 ? 54  HIS A CG  1 
ATOM   332  N  ND1 . HIS A 1 54  ? 2.346   12.546  2.858   1.00 38.69 ? 54  HIS A ND1 1 
ATOM   333  C  CD2 . HIS A 1 54  ? 1.263   11.182  1.543   1.00 36.36 ? 54  HIS A CD2 1 
ATOM   334  C  CE1 . HIS A 1 54  ? 1.113   13.007  2.749   1.00 38.17 ? 54  HIS A CE1 1 
ATOM   335  N  NE2 . HIS A 1 54  ? 0.434   12.196  1.956   1.00 38.14 ? 54  HIS A NE2 1 
ATOM   336  N  N   . VAL A 1 55  ? 3.724   10.451  -1.059  1.00 26.66 ? 55  VAL A N   1 
ATOM   337  C  CA  . VAL A 1 55  ? 2.987   10.520  -2.313  1.00 25.28 ? 55  VAL A CA  1 
ATOM   338  C  C   . VAL A 1 55  ? 1.877   9.482   -2.216  1.00 25.25 ? 55  VAL A C   1 
ATOM   339  O  O   . VAL A 1 55  ? 2.109   8.358   -1.770  1.00 22.18 ? 55  VAL A O   1 
ATOM   340  C  CB  . VAL A 1 55  ? 3.884   10.196  -3.524  1.00 25.26 ? 55  VAL A CB  1 
ATOM   341  C  CG1 . VAL A 1 55  ? 4.462   8.804   -3.380  1.00 26.29 ? 55  VAL A CG1 1 
ATOM   342  C  CG2 . VAL A 1 55  ? 3.081   10.312  -4.812  1.00 25.66 ? 55  VAL A CG2 1 
ATOM   343  N  N   . THR A 1 56  ? 0.673   9.866   -2.626  1.00 22.66 ? 56  THR A N   1 
ATOM   344  C  CA  . THR A 1 56  ? -0.472  8.970   -2.565  1.00 22.33 ? 56  THR A CA  1 
ATOM   345  C  C   . THR A 1 56  ? -1.099  8.746   -3.929  1.00 22.38 ? 56  THR A C   1 
ATOM   346  O  O   . THR A 1 56  ? -1.246  9.679   -4.720  1.00 23.54 ? 56  THR A O   1 
ATOM   347  C  CB  . THR A 1 56  ? -1.554  9.532   -1.619  1.00 23.19 ? 56  THR A CB  1 
ATOM   348  O  OG1 . THR A 1 56  ? -1.046  9.564   -0.281  1.00 24.46 ? 56  THR A OG1 1 
ATOM   349  C  CG2 . THR A 1 56  ? -2.813  8.676   -1.669  1.00 22.72 ? 56  THR A CG2 1 
ATOM   350  N  N   . PHE A 1 57  ? -1.457  7.495   -4.195  1.00 21.00 ? 57  PHE A N   1 
ATOM   351  C  CA  . PHE A 1 57  ? -2.103  7.111   -5.440  1.00 21.32 ? 57  PHE A CA  1 
ATOM   352  C  C   . PHE A 1 57  ? -3.450  6.496   -5.105  1.00 23.25 ? 57  PHE A C   1 
ATOM   353  O  O   . PHE A 1 57  ? -3.611  5.853   -4.058  1.00 19.18 ? 57  PHE A O   1 
ATOM   354  C  CB  . PHE A 1 57  ? -1.239  6.106   -6.199  1.00 24.05 ? 57  PHE A CB  1 
ATOM   355  C  CG  . PHE A 1 57  ? -0.031  6.723   -6.842  1.00 25.24 ? 57  PHE A CG  1 
ATOM   356  C  CD1 . PHE A 1 57  ? -0.136  7.369   -8.067  1.00 26.92 ? 57  PHE A CD1 1 
ATOM   357  C  CD2 . PHE A 1 57  ? 1.203   6.700   -6.197  1.00 26.77 ? 57  PHE A CD2 1 
ATOM   358  C  CE1 . PHE A 1 57  ? 0.976   7.988   -8.645  1.00 26.89 ? 57  PHE A CE1 1 
ATOM   359  C  CE2 . PHE A 1 57  ? 2.317   7.314   -6.761  1.00 27.34 ? 57  PHE A CE2 1 
ATOM   360  C  CZ  . PHE A 1 57  ? 2.202   7.959   -7.988  1.00 26.89 ? 57  PHE A CZ  1 
ATOM   361  N  N   . LEU A 1 58  ? -4.423  6.707   -5.986  1.00 20.83 ? 58  LEU A N   1 
ATOM   362  C  CA  . LEU A 1 58  ? -5.758  6.172   -5.771  1.00 24.80 ? 58  LEU A CA  1 
ATOM   363  C  C   . LEU A 1 58  ? -6.210  5.337   -6.958  1.00 25.60 ? 58  LEU A C   1 
ATOM   364  O  O   . LEU A 1 58  ? -5.791  5.571   -8.092  1.00 26.60 ? 58  LEU A O   1 
ATOM   365  C  CB  . LEU A 1 58  ? -6.760  7.314   -5.569  1.00 25.98 ? 58  LEU A CB  1 
ATOM   366  C  CG  . LEU A 1 58  ? -6.492  8.307   -4.436  1.00 28.59 ? 58  LEU A CG  1 
ATOM   367  C  CD1 . LEU A 1 58  ? -7.543  9.400   -4.469  1.00 30.18 ? 58  LEU A CD1 1 
ATOM   368  C  CD2 . LEU A 1 58  ? -6.512  7.581   -3.099  1.00 28.84 ? 58  LEU A CD2 1 
ATOM   369  N  N   . ALA A 1 59  ? -7.054  4.350   -6.685  1.00 24.50 ? 59  ALA A N   1 
ATOM   370  C  CA  . ALA A 1 59  ? -7.617  3.518   -7.737  1.00 26.82 ? 59  ALA A CA  1 
ATOM   371  C  C   . ALA A 1 59  ? -9.080  3.940   -7.745  1.00 29.68 ? 59  ALA A C   1 
ATOM   372  O  O   . ALA A 1 59  ? -9.755  3.866   -6.715  1.00 26.28 ? 59  ALA A O   1 
ATOM   373  C  CB  . ALA A 1 59  ? -7.488  2.040   -7.389  1.00 25.85 ? 59  ALA A CB  1 
ATOM   374  N  N   . GLU A 1 60  ? -9.560  4.412   -8.890  1.00 32.50 ? 60  GLU A N   1 
ATOM   375  C  CA  . GLU A 1 60  ? -10.938 4.863   -9.003  1.00 36.68 ? 60  GLU A CA  1 
ATOM   376  C  C   . GLU A 1 60  ? -11.772 4.076   -9.996  1.00 38.43 ? 60  GLU A C   1 
ATOM   377  O  O   . GLU A 1 60  ? -11.323 3.766   -11.099 1.00 37.61 ? 60  GLU A O   1 
ATOM   378  C  CB  . GLU A 1 60  ? -10.991 6.342   -9.405  1.00 39.78 ? 60  GLU A CB  1 
ATOM   379  C  CG  . GLU A 1 60  ? -10.717 7.331   -8.287  1.00 44.03 ? 60  GLU A CG  1 
ATOM   380  C  CD  . GLU A 1 60  ? -11.052 8.760   -8.693  1.00 46.67 ? 60  GLU A CD  1 
ATOM   381  O  OE1 . GLU A 1 60  ? -10.416 9.275   -9.637  1.00 47.86 ? 60  GLU A OE1 1 
ATOM   382  O  OE2 . GLU A 1 60  ? -11.955 9.365   -8.072  1.00 48.42 ? 60  GLU A OE2 1 
ATOM   383  N  N   . VAL A 1 61  ? -12.992 3.759   -9.577  1.00 41.35 ? 61  VAL A N   1 
ATOM   384  C  CA  . VAL A 1 61  ? -13.971 3.051   -10.394 1.00 44.17 ? 61  VAL A CA  1 
ATOM   385  C  C   . VAL A 1 61  ? -15.163 3.994   -10.390 1.00 45.22 ? 61  VAL A C   1 
ATOM   386  O  O   . VAL A 1 61  ? -15.792 4.198   -9.352  1.00 45.14 ? 61  VAL A O   1 
ATOM   387  C  CB  . VAL A 1 61  ? -14.382 1.703   -9.771  1.00 44.30 ? 61  VAL A CB  1 
ATOM   388  C  CG1 . VAL A 1 61  ? -15.669 1.203   -10.416 1.00 45.85 ? 61  VAL A CG1 1 
ATOM   389  C  CG2 . VAL A 1 61  ? -13.273 0.683   -9.971  1.00 44.03 ? 61  VAL A CG2 1 
ATOM   390  N  N   . ASP A 1 62  ? -15.457 4.570   -11.552 1.00 47.73 ? 62  ASP A N   1 
ATOM   391  C  CA  . ASP A 1 62  ? -16.538 5.541   -11.692 1.00 49.16 ? 62  ASP A CA  1 
ATOM   392  C  C   . ASP A 1 62  ? -15.964 6.850   -11.160 1.00 48.96 ? 62  ASP A C   1 
ATOM   393  O  O   . ASP A 1 62  ? -15.171 7.510   -11.832 1.00 51.13 ? 62  ASP A O   1 
ATOM   394  C  CB  . ASP A 1 62  ? -17.765 5.141   -10.864 1.00 51.40 ? 62  ASP A CB  1 
ATOM   395  C  CG  . ASP A 1 62  ? -18.349 3.809   -11.289 1.00 54.66 ? 62  ASP A CG  1 
ATOM   396  O  OD1 . ASP A 1 62  ? -19.441 3.457   -10.794 1.00 55.85 ? 62  ASP A OD1 1 
ATOM   397  O  OD2 . ASP A 1 62  ? -17.719 3.110   -12.112 1.00 57.18 ? 62  ASP A OD2 1 
ATOM   398  N  N   . GLY A 1 63  ? -16.362 7.209   -9.946  1.00 47.76 ? 63  GLY A N   1 
ATOM   399  C  CA  . GLY A 1 63  ? -15.870 8.421   -9.317  1.00 44.74 ? 63  GLY A CA  1 
ATOM   400  C  C   . GLY A 1 63  ? -15.642 8.087   -7.859  1.00 44.05 ? 63  GLY A C   1 
ATOM   401  O  O   . GLY A 1 63  ? -15.501 8.964   -7.004  1.00 44.23 ? 63  GLY A O   1 
ATOM   402  N  N   . LYS A 1 64  ? -15.601 6.788   -7.584  1.00 41.82 ? 64  LYS A N   1 
ATOM   403  C  CA  . LYS A 1 64  ? -15.419 6.292   -6.234  1.00 39.56 ? 64  LYS A CA  1 
ATOM   404  C  C   . LYS A 1 64  ? -14.029 5.697   -6.045  1.00 36.06 ? 64  LYS A C   1 
ATOM   405  O  O   . LYS A 1 64  ? -13.574 4.876   -6.846  1.00 34.38 ? 64  LYS A O   1 
ATOM   406  C  CB  . LYS A 1 64  ? -16.479 5.228   -5.937  1.00 41.59 ? 64  LYS A CB  1 
ATOM   407  C  CG  . LYS A 1 64  ? -16.709 4.952   -4.459  1.00 45.66 ? 64  LYS A CG  1 
ATOM   408  C  CD  . LYS A 1 64  ? -17.540 6.055   -3.812  1.00 46.06 ? 64  LYS A CD  1 
ATOM   409  C  CE  . LYS A 1 64  ? -18.941 6.112   -4.403  1.00 47.46 ? 64  LYS A CE  1 
ATOM   410  N  NZ  . LYS A 1 64  ? -19.749 7.221   -3.823  1.00 47.01 ? 64  LYS A NZ  1 
ATOM   411  N  N   . VAL A 1 65  ? -13.353 6.125   -4.984  1.00 32.56 ? 65  VAL A N   1 
ATOM   412  C  CA  . VAL A 1 65  ? -12.031 5.611   -4.671  1.00 28.89 ? 65  VAL A CA  1 
ATOM   413  C  C   . VAL A 1 65  ? -12.255 4.226   -4.075  1.00 27.79 ? 65  VAL A C   1 
ATOM   414  O  O   . VAL A 1 65  ? -13.007 4.076   -3.111  1.00 28.77 ? 65  VAL A O   1 
ATOM   415  C  CB  . VAL A 1 65  ? -11.321 6.496   -3.630  1.00 29.01 ? 65  VAL A CB  1 
ATOM   416  C  CG1 . VAL A 1 65  ? -9.927  5.955   -3.354  1.00 26.43 ? 65  VAL A CG1 1 
ATOM   417  C  CG2 . VAL A 1 65  ? -11.259 7.937   -4.130  1.00 27.70 ? 65  VAL A CG2 1 
ATOM   418  N  N   . VAL A 1 66  ? -11.615 3.216   -4.652  1.00 24.90 ? 66  VAL A N   1 
ATOM   419  C  CA  . VAL A 1 66  ? -11.756 1.849   -4.167  1.00 23.31 ? 66  VAL A CA  1 
ATOM   420  C  C   . VAL A 1 66  ? -10.419 1.293   -3.682  1.00 21.89 ? 66  VAL A C   1 
ATOM   421  O  O   . VAL A 1 66  ? -10.342 0.170   -3.196  1.00 22.44 ? 66  VAL A O   1 
ATOM   422  C  CB  . VAL A 1 66  ? -12.316 0.927   -5.270  1.00 24.14 ? 66  VAL A CB  1 
ATOM   423  C  CG1 . VAL A 1 66  ? -13.754 1.318   -5.593  1.00 26.40 ? 66  VAL A CG1 1 
ATOM   424  C  CG2 . VAL A 1 66  ? -11.458 1.032   -6.516  1.00 25.67 ? 66  VAL A CG2 1 
ATOM   425  N  N   . GLY A 1 67  ? -9.370  2.095   -3.815  1.00 22.14 ? 67  GLY A N   1 
ATOM   426  C  CA  . GLY A 1 67  ? -8.051  1.671   -3.383  1.00 20.71 ? 67  GLY A CA  1 
ATOM   427  C  C   . GLY A 1 67  ? -7.163  2.884   -3.192  1.00 21.19 ? 67  GLY A C   1 
ATOM   428  O  O   . GLY A 1 67  ? -7.271  3.858   -3.933  1.00 19.79 ? 67  GLY A O   1 
ATOM   429  N  N   . GLU A 1 68  ? -6.287  2.822   -2.195  1.00 18.59 ? 68  GLU A N   1 
ATOM   430  C  CA  . GLU A 1 68  ? -5.379  3.916   -1.890  1.00 19.26 ? 68  GLU A CA  1 
ATOM   431  C  C   . GLU A 1 68  ? -4.023  3.333   -1.520  1.00 17.66 ? 68  GLU A C   1 
ATOM   432  O  O   . GLU A 1 68  ? -3.952  2.316   -0.834  1.00 17.08 ? 68  GLU A O   1 
ATOM   433  C  CB  . GLU A 1 68  ? -5.951  4.743   -0.736  1.00 19.67 ? 68  GLU A CB  1 
ATOM   434  C  CG  . GLU A 1 68  ? -5.053  5.836   -0.185  1.00 24.19 ? 68  GLU A CG  1 
ATOM   435  C  CD  . GLU A 1 68  ? -4.177  5.354   0.956   1.00 27.14 ? 68  GLU A CD  1 
ATOM   436  O  OE1 . GLU A 1 68  ? -4.706  4.671   1.861   1.00 24.96 ? 68  GLU A OE1 1 
ATOM   437  O  OE2 . GLU A 1 68  ? -2.968  5.665   0.958   1.00 28.14 ? 68  GLU A OE2 1 
ATOM   438  N  N   . ALA A 1 69  ? -2.954  3.965   -1.993  1.00 15.70 ? 69  ALA A N   1 
ATOM   439  C  CA  . ALA A 1 69  ? -1.593  3.505   -1.712  1.00 16.52 ? 69  ALA A CA  1 
ATOM   440  C  C   . ALA A 1 69  ? -0.705  4.719   -1.470  1.00 17.26 ? 69  ALA A C   1 
ATOM   441  O  O   . ALA A 1 69  ? -0.817  5.723   -2.171  1.00 18.72 ? 69  ALA A O   1 
ATOM   442  C  CB  . ALA A 1 69  ? -1.061  2.676   -2.895  1.00 15.81 ? 69  ALA A CB  1 
ATOM   443  N  N   . SER A 1 70  ? 0.173   4.638   -0.476  1.00 17.21 ? 70  SER A N   1 
ATOM   444  C  CA  . SER A 1 70  ? 1.053   5.760   -0.169  1.00 18.85 ? 70  SER A CA  1 
ATOM   445  C  C   . SER A 1 70  ? 2.505   5.337   -0.013  1.00 18.60 ? 70  SER A C   1 
ATOM   446  O  O   . SER A 1 70  ? 2.793   4.261   0.499   1.00 17.22 ? 70  SER A O   1 
ATOM   447  C  CB  . SER A 1 70  ? 0.588   6.465   1.113   1.00 19.22 ? 70  SER A CB  1 
ATOM   448  O  OG  . SER A 1 70  ? -0.677  7.081   0.919   1.00 24.04 ? 70  SER A OG  1 
ATOM   449  N  N   . LEU A 1 71  ? 3.406   6.205   -0.465  1.00 18.13 ? 71  LEU A N   1 
ATOM   450  C  CA  . LEU A 1 71  ? 4.842   5.979   -0.380  1.00 18.35 ? 71  LEU A CA  1 
ATOM   451  C  C   . LEU A 1 71  ? 5.449   7.101   0.454   1.00 19.57 ? 71  LEU A C   1 
ATOM   452  O  O   . LEU A 1 71  ? 5.176   8.275   0.207   1.00 21.15 ? 71  LEU A O   1 
ATOM   453  C  CB  . LEU A 1 71  ? 5.469   5.998   -1.779  1.00 19.07 ? 71  LEU A CB  1 
ATOM   454  C  CG  . LEU A 1 71  ? 6.996   5.937   -1.837  1.00 19.92 ? 71  LEU A CG  1 
ATOM   455  C  CD1 . LEU A 1 71  ? 7.480   4.593   -1.296  1.00 19.06 ? 71  LEU A CD1 1 
ATOM   456  C  CD2 . LEU A 1 71  ? 7.471   6.135   -3.279  1.00 18.82 ? 71  LEU A CD2 1 
ATOM   457  N  N   . HIS A 1 72  ? 6.268   6.739   1.437   1.00 19.95 ? 72  HIS A N   1 
ATOM   458  C  CA  . HIS A 1 72  ? 6.914   7.726   2.300   1.00 23.66 ? 72  HIS A CA  1 
ATOM   459  C  C   . HIS A 1 72  ? 8.361   7.954   1.855   1.00 24.48 ? 72  HIS A C   1 
ATOM   460  O  O   . HIS A 1 72  ? 8.956   7.112   1.193   1.00 23.95 ? 72  HIS A O   1 
ATOM   461  C  CB  . HIS A 1 72  ? 6.888   7.258   3.760   1.00 25.35 ? 72  HIS A CB  1 
ATOM   462  C  CG  . HIS A 1 72  ? 5.511   7.048   4.306   1.00 29.35 ? 72  HIS A CG  1 
ATOM   463  N  ND1 . HIS A 1 72  ? 5.280   6.592   5.586   1.00 32.34 ? 72  HIS A ND1 1 
ATOM   464  C  CD2 . HIS A 1 72  ? 4.291   7.224   3.745   1.00 32.23 ? 72  HIS A CD2 1 
ATOM   465  C  CE1 . HIS A 1 72  ? 3.979   6.497   5.791   1.00 33.80 ? 72  HIS A CE1 1 
ATOM   466  N  NE2 . HIS A 1 72  ? 3.356   6.874   4.689   1.00 33.35 ? 72  HIS A NE2 1 
ATOM   467  N  N   . LYS A 1 73  ? 8.924   9.093   2.238   1.00 26.64 ? 73  LYS A N   1 
ATOM   468  C  CA  . LYS A 1 73  ? 10.286  9.444   1.856   1.00 28.03 ? 73  LYS A CA  1 
ATOM   469  C  C   . LYS A 1 73  ? 11.350  8.419   2.250   1.00 29.27 ? 73  LYS A C   1 
ATOM   470  O  O   . LYS A 1 73  ? 12.413  8.358   1.631   1.00 29.86 ? 73  LYS A O   1 
ATOM   471  C  CB  . LYS A 1 73  ? 10.643  10.812  2.437   1.00 30.25 ? 73  LYS A CB  1 
ATOM   472  N  N   . ASP A 1 74  ? 11.074  7.618   3.273   1.00 29.61 ? 74  ASP A N   1 
ATOM   473  C  CA  . ASP A 1 74  ? 12.039  6.623   3.722   1.00 29.99 ? 74  ASP A CA  1 
ATOM   474  C  C   . ASP A 1 74  ? 11.901  5.291   2.986   1.00 29.71 ? 74  ASP A C   1 
ATOM   475  O  O   . ASP A 1 74  ? 12.570  4.317   3.328   1.00 31.11 ? 74  ASP A O   1 
ATOM   476  C  CB  . ASP A 1 74  ? 11.902  6.397   5.230   1.00 33.02 ? 74  ASP A CB  1 
ATOM   477  C  CG  . ASP A 1 74  ? 10.707  5.536   5.584   1.00 34.62 ? 74  ASP A CG  1 
ATOM   478  O  OD1 . ASP A 1 74  ? 9.625   5.740   5.000   1.00 33.00 ? 74  ASP A OD1 1 
ATOM   479  O  OD2 . ASP A 1 74  ? 10.856  4.656   6.457   1.00 37.18 ? 74  ASP A OD2 1 
ATOM   480  N  N   . GLY A 1 75  ? 11.033  5.246   1.979   1.00 26.41 ? 75  GLY A N   1 
ATOM   481  C  CA  . GLY A 1 75  ? 10.866  4.024   1.213   1.00 24.06 ? 75  GLY A CA  1 
ATOM   482  C  C   . GLY A 1 75  ? 9.747   3.114   1.680   1.00 22.27 ? 75  GLY A C   1 
ATOM   483  O  O   . GLY A 1 75  ? 9.365   2.190   0.970   1.00 22.40 ? 75  GLY A O   1 
ATOM   484  N  N   . GLU A 1 76  ? 9.221   3.360   2.871   1.00 22.50 ? 76  GLU A N   1 
ATOM   485  C  CA  . GLU A 1 76  ? 8.131   2.534   3.377   1.00 24.30 ? 76  GLU A CA  1 
ATOM   486  C  C   . GLU A 1 76  ? 6.825   2.875   2.669   1.00 22.58 ? 76  GLU A C   1 
ATOM   487  O  O   . GLU A 1 76  ? 6.526   4.048   2.428   1.00 22.55 ? 76  GLU A O   1 
ATOM   488  C  CB  . GLU A 1 76  ? 7.960   2.743   4.880   1.00 27.25 ? 76  GLU A CB  1 
ATOM   489  C  CG  . GLU A 1 76  ? 6.694   2.130   5.442   1.00 34.70 ? 76  GLU A CG  1 
ATOM   490  C  CD  . GLU A 1 76  ? 6.550   2.378   6.926   1.00 39.66 ? 76  GLU A CD  1 
ATOM   491  O  OE1 . GLU A 1 76  ? 7.279   1.734   7.708   1.00 44.92 ? 76  GLU A OE1 1 
ATOM   492  O  OE2 . GLU A 1 76  ? 5.717   3.226   7.309   1.00 42.97 ? 76  GLU A OE2 1 
ATOM   493  N  N   . PHE A 1 77  ? 6.050   1.848   2.332   1.00 21.60 ? 77  PHE A N   1 
ATOM   494  C  CA  . PHE A 1 77  ? 4.771   2.062   1.678   1.00 19.91 ? 77  PHE A CA  1 
ATOM   495  C  C   . PHE A 1 77  ? 3.688   1.174   2.271   1.00 19.02 ? 77  PHE A C   1 
ATOM   496  O  O   . PHE A 1 77  ? 3.961   0.227   3.013   1.00 16.35 ? 77  PHE A O   1 
ATOM   497  C  CB  . PHE A 1 77  ? 4.861   1.808   0.167   1.00 17.74 ? 77  PHE A CB  1 
ATOM   498  C  CG  . PHE A 1 77  ? 5.081   0.366   -0.201  1.00 19.87 ? 77  PHE A CG  1 
ATOM   499  C  CD1 . PHE A 1 77  ? 6.369   -0.141  -0.342  1.00 19.41 ? 77  PHE A CD1 1 
ATOM   500  C  CD2 . PHE A 1 77  ? 3.997   -0.483  -0.422  1.00 20.54 ? 77  PHE A CD2 1 
ATOM   501  C  CE1 . PHE A 1 77  ? 6.576   -1.472  -0.700  1.00 20.91 ? 77  PHE A CE1 1 
ATOM   502  C  CE2 . PHE A 1 77  ? 4.196   -1.821  -0.781  1.00 21.76 ? 77  PHE A CE2 1 
ATOM   503  C  CZ  . PHE A 1 77  ? 5.488   -2.312  -0.921  1.00 20.65 ? 77  PHE A CZ  1 
ATOM   504  N  N   . SER A 1 78  ? 2.449   1.502   1.943   1.00 18.03 ? 78  SER A N   1 
ATOM   505  C  CA  . SER A 1 78  ? 1.315   0.743   2.422   1.00 16.65 ? 78  SER A CA  1 
ATOM   506  C  C   . SER A 1 78  ? 0.169   1.016   1.468   1.00 16.69 ? 78  SER A C   1 
ATOM   507  O  O   . SER A 1 78  ? 0.254   1.904   0.622   1.00 16.56 ? 78  SER A O   1 
ATOM   508  C  CB  . SER A 1 78  ? 0.946   1.170   3.841   1.00 18.79 ? 78  SER A CB  1 
ATOM   509  O  OG  . SER A 1 78  ? 0.072   0.223   4.434   1.00 20.41 ? 78  SER A OG  1 
ATOM   510  N  N   . LEU A 1 79  ? -0.898  0.236   1.585   1.00 15.28 ? 79  LEU A N   1 
ATOM   511  C  CA  . LEU A 1 79  ? -2.044  0.417   0.714   1.00 15.10 ? 79  LEU A CA  1 
ATOM   512  C  C   . LEU A 1 79  ? -3.221  -0.379  1.226   1.00 15.02 ? 79  LEU A C   1 
ATOM   513  O  O   . LEU A 1 79  ? -3.087  -1.205  2.130   1.00 13.45 ? 79  LEU A O   1 
ATOM   514  C  CB  . LEU A 1 79  ? -1.726  -0.055  -0.703  1.00 16.90 ? 79  LEU A CB  1 
ATOM   515  C  CG  . LEU A 1 79  ? -1.435  -1.557  -0.848  1.00 17.03 ? 79  LEU A CG  1 
ATOM   516  C  CD1 . LEU A 1 79  ? -1.680  -1.992  -2.291  1.00 16.57 ? 79  LEU A CD1 1 
ATOM   517  C  CD2 . LEU A 1 79  ? 0.004   -1.850  -0.418  1.00 18.35 ? 79  LEU A CD2 1 
ATOM   518  N  N   . VAL A 1 80  ? -4.377  -0.120  0.631   1.00 14.63 ? 80  VAL A N   1 
ATOM   519  C  CA  . VAL A 1 80  ? -5.577  -0.842  0.990   1.00 14.14 ? 80  VAL A CA  1 
ATOM   520  C  C   . VAL A 1 80  ? -6.532  -0.781  -0.185  1.00 16.70 ? 80  VAL A C   1 
ATOM   521  O  O   . VAL A 1 80  ? -6.600  0.228   -0.893  1.00 16.51 ? 80  VAL A O   1 
ATOM   522  C  CB  . VAL A 1 80  ? -6.239  -0.250  2.255   1.00 13.51 ? 80  VAL A CB  1 
ATOM   523  C  CG1 . VAL A 1 80  ? -6.705  1.165   1.993   1.00 16.24 ? 80  VAL A CG1 1 
ATOM   524  C  CG2 . VAL A 1 80  ? -7.386  -1.133  2.705   1.00 14.63 ? 80  VAL A CG2 1 
ATOM   525  N  N   . VAL A 1 81  ? -7.236  -1.883  -0.412  1.00 16.68 ? 81  VAL A N   1 
ATOM   526  C  CA  . VAL A 1 81  ? -8.216  -1.972  -1.490  1.00 18.20 ? 81  VAL A CA  1 
ATOM   527  C  C   . VAL A 1 81  ? -9.539  -2.407  -0.862  1.00 19.54 ? 81  VAL A C   1 
ATOM   528  O  O   . VAL A 1 81  ? -9.559  -3.309  -0.028  1.00 21.06 ? 81  VAL A O   1 
ATOM   529  C  CB  . VAL A 1 81  ? -7.793  -3.013  -2.552  1.00 17.16 ? 81  VAL A CB  1 
ATOM   530  C  CG1 . VAL A 1 81  ? -8.913  -3.214  -3.571  1.00 18.03 ? 81  VAL A CG1 1 
ATOM   531  C  CG2 . VAL A 1 81  ? -6.537  -2.536  -3.271  1.00 18.39 ? 81  VAL A CG2 1 
ATOM   532  N  N   . HIS A 1 82  ? -10.639 -1.766  -1.247  1.00 20.46 ? 82  HIS A N   1 
ATOM   533  C  CA  . HIS A 1 82  ? -11.930 -2.136  -0.685  1.00 22.83 ? 82  HIS A CA  1 
ATOM   534  C  C   . HIS A 1 82  ? -12.162 -3.625  -0.919  1.00 23.07 ? 82  HIS A C   1 
ATOM   535  O  O   . HIS A 1 82  ? -11.879 -4.143  -1.998  1.00 21.00 ? 82  HIS A O   1 
ATOM   536  C  CB  . HIS A 1 82  ? -13.056 -1.317  -1.314  1.00 26.64 ? 82  HIS A CB  1 
ATOM   537  C  CG  . HIS A 1 82  ? -14.374 -1.493  -0.627  1.00 30.30 ? 82  HIS A CG  1 
ATOM   538  N  ND1 . HIS A 1 82  ? -15.050 -2.693  -0.617  1.00 31.86 ? 82  HIS A ND1 1 
ATOM   539  C  CD2 . HIS A 1 82  ? -15.118 -0.634  0.111   1.00 32.45 ? 82  HIS A CD2 1 
ATOM   540  C  CE1 . HIS A 1 82  ? -16.154 -2.568  0.099   1.00 34.51 ? 82  HIS A CE1 1 
ATOM   541  N  NE2 . HIS A 1 82  ? -16.218 -1.329  0.552   1.00 34.01 ? 82  HIS A NE2 1 
ATOM   542  N  N   . ARG A 1 83  ? -12.689 -4.310  0.090   1.00 24.71 ? 83  ARG A N   1 
ATOM   543  C  CA  . ARG A 1 83  ? -12.901 -5.747  -0.004  1.00 27.50 ? 83  ARG A CA  1 
ATOM   544  C  C   . ARG A 1 83  ? -13.582 -6.246  -1.274  1.00 27.69 ? 83  ARG A C   1 
ATOM   545  O  O   . ARG A 1 83  ? -13.184 -7.266  -1.829  1.00 28.97 ? 83  ARG A O   1 
ATOM   546  C  CB  . ARG A 1 83  ? -13.673 -6.248  1.216   1.00 30.22 ? 83  ARG A CB  1 
ATOM   547  C  CG  . ARG A 1 83  ? -13.126 -7.560  1.748   1.00 35.82 ? 83  ARG A CG  1 
ATOM   548  C  CD  . ARG A 1 83  ? -13.836 -8.022  3.003   1.00 38.98 ? 83  ARG A CD  1 
ATOM   549  N  NE  . ARG A 1 83  ? -13.029 -8.991  3.742   1.00 43.33 ? 83  ARG A NE  1 
ATOM   550  C  CZ  . ARG A 1 83  ? -11.942 -8.680  4.448   1.00 45.54 ? 83  ARG A CZ  1 
ATOM   551  N  NH1 . ARG A 1 83  ? -11.527 -7.424  4.520   1.00 46.66 ? 83  ARG A NH1 1 
ATOM   552  N  NH2 . ARG A 1 83  ? -11.267 -9.627  5.089   1.00 46.62 ? 83  ARG A NH2 1 
ATOM   553  N  N   . ASN A 1 84  ? -14.597 -5.533  -1.744  1.00 28.84 ? 84  ASN A N   1 
ATOM   554  C  CA  . ASN A 1 84  ? -15.308 -5.970  -2.941  1.00 27.61 ? 84  ASN A CA  1 
ATOM   555  C  C   . ASN A 1 84  ? -14.531 -5.813  -4.239  1.00 26.76 ? 84  ASN A C   1 
ATOM   556  O  O   . ASN A 1 84  ? -14.967 -6.296  -5.284  1.00 27.61 ? 84  ASN A O   1 
ATOM   557  C  CB  . ASN A 1 84  ? -16.651 -5.242  -3.051  1.00 30.33 ? 84  ASN A CB  1 
ATOM   558  C  CG  . ASN A 1 84  ? -17.601 -5.614  -1.929  1.00 32.05 ? 84  ASN A CG  1 
ATOM   559  O  OD1 . ASN A 1 84  ? -17.607 -6.755  -1.456  1.00 32.23 ? 84  ASN A OD1 1 
ATOM   560  N  ND2 . ASN A 1 84  ? -18.421 -4.659  -1.505  1.00 33.71 ? 84  ASN A ND2 1 
ATOM   561  N  N   . TYR A 1 85  ? -13.376 -5.159  -4.176  1.00 24.74 ? 85  TYR A N   1 
ATOM   562  C  CA  . TYR A 1 85  ? -12.567 -4.951  -5.371  1.00 23.85 ? 85  TYR A CA  1 
ATOM   563  C  C   . TYR A 1 85  ? -11.238 -5.701  -5.340  1.00 22.58 ? 85  TYR A C   1 
ATOM   564  O  O   . TYR A 1 85  ? -10.355 -5.441  -6.156  1.00 23.21 ? 85  TYR A O   1 
ATOM   565  C  CB  . TYR A 1 85  ? -12.336 -3.450  -5.576  1.00 25.03 ? 85  TYR A CB  1 
ATOM   566  C  CG  . TYR A 1 85  ? -13.597 -2.723  -5.992  1.00 28.06 ? 85  TYR A CG  1 
ATOM   567  C  CD1 . TYR A 1 85  ? -13.969 -2.641  -7.336  1.00 28.38 ? 85  TYR A CD1 1 
ATOM   568  C  CD2 . TYR A 1 85  ? -14.454 -2.176  -5.038  1.00 28.94 ? 85  TYR A CD2 1 
ATOM   569  C  CE1 . TYR A 1 85  ? -15.170 -2.034  -7.719  1.00 30.01 ? 85  TYR A CE1 1 
ATOM   570  C  CE2 . TYR A 1 85  ? -15.656 -1.568  -5.408  1.00 30.73 ? 85  TYR A CE2 1 
ATOM   571  C  CZ  . TYR A 1 85  ? -16.006 -1.502  -6.747  1.00 30.98 ? 85  TYR A CZ  1 
ATOM   572  O  OH  . TYR A 1 85  ? -17.193 -0.910  -7.107  1.00 33.10 ? 85  TYR A OH  1 
ATOM   573  N  N   . ARG A 1 86  ? -11.112 -6.646  -4.413  1.00 22.03 ? 86  ARG A N   1 
ATOM   574  C  CA  . ARG A 1 86  ? -9.890  -7.437  -4.277  1.00 21.29 ? 86  ARG A CA  1 
ATOM   575  C  C   . ARG A 1 86  ? -9.803  -8.617  -5.233  1.00 21.73 ? 86  ARG A C   1 
ATOM   576  O  O   . ARG A 1 86  ? -10.802 -9.049  -5.800  1.00 19.96 ? 86  ARG A O   1 
ATOM   577  C  CB  . ARG A 1 86  ? -9.751  -7.942  -2.839  1.00 20.81 ? 86  ARG A CB  1 
ATOM   578  C  CG  . ARG A 1 86  ? -9.554  -6.819  -1.847  1.00 20.03 ? 86  ARG A CG  1 
ATOM   579  C  CD  . ARG A 1 86  ? -9.437  -7.309  -0.420  1.00 18.53 ? 86  ARG A CD  1 
ATOM   580  N  NE  . ARG A 1 86  ? -9.443  -6.166  0.481   1.00 23.64 ? 86  ARG A NE  1 
ATOM   581  C  CZ  . ARG A 1 86  ? -9.563  -6.238  1.800   1.00 23.05 ? 86  ARG A CZ  1 
ATOM   582  N  NH1 . ARG A 1 86  ? -9.686  -7.415  2.398   1.00 25.96 ? 86  ARG A NH1 1 
ATOM   583  N  NH2 . ARG A 1 86  ? -9.562  -5.126  2.519   1.00 26.37 ? 86  ARG A NH2 1 
ATOM   584  N  N   . THR A 1 87  ? -8.585  -9.122  -5.397  1.00 22.88 ? 87  THR A N   1 
ATOM   585  C  CA  . THR A 1 87  ? -8.286  -10.255 -6.264  1.00 24.80 ? 87  THR A CA  1 
ATOM   586  C  C   . THR A 1 87  ? -8.517  -9.943  -7.736  1.00 23.93 ? 87  THR A C   1 
ATOM   587  O  O   . THR A 1 87  ? -8.739  -10.848 -8.541  1.00 25.32 ? 87  THR A O   1 
ATOM   588  C  CB  . THR A 1 87  ? -9.117  -11.501 -5.884  1.00 26.85 ? 87  THR A CB  1 
ATOM   589  O  OG1 . THR A 1 87  ? -10.408 -11.428 -6.504  1.00 33.62 ? 87  THR A OG1 1 
ATOM   590  C  CG2 . THR A 1 87  ? -9.293  -11.572 -4.375  1.00 28.11 ? 87  THR A CG2 1 
ATOM   591  N  N   . LEU A 1 88  ? -8.470  -8.661  -8.086  1.00 21.49 ? 88  LEU A N   1 
ATOM   592  C  CA  . LEU A 1 88  ? -8.653  -8.249  -9.470  1.00 21.31 ? 88  LEU A CA  1 
ATOM   593  C  C   . LEU A 1 88  ? -7.345  -7.685  -10.005 1.00 20.97 ? 88  LEU A C   1 
ATOM   594  O  O   . LEU A 1 88  ? -7.277  -7.237  -11.148 1.00 21.51 ? 88  LEU A O   1 
ATOM   595  C  CB  . LEU A 1 88  ? -9.746  -7.189  -9.576  1.00 20.49 ? 88  LEU A CB  1 
ATOM   596  C  CG  . LEU A 1 88  ? -11.123 -7.581  -9.034  1.00 22.06 ? 88  LEU A CG  1 
ATOM   597  C  CD1 . LEU A 1 88  ? -12.108 -6.453  -9.290  1.00 22.04 ? 88  LEU A CD1 1 
ATOM   598  C  CD2 . LEU A 1 88  ? -11.600 -8.862  -9.714  1.00 23.01 ? 88  LEU A CD2 1 
ATOM   599  N  N   . GLY A 1 89  ? -6.318  -7.696  -9.160  1.00 18.60 ? 89  GLY A N   1 
ATOM   600  C  CA  . GLY A 1 89  ? -5.020  -7.181  -9.559  1.00 18.63 ? 89  GLY A CA  1 
ATOM   601  C  C   . GLY A 1 89  ? -4.748  -5.727  -9.207  1.00 18.39 ? 89  GLY A C   1 
ATOM   602  O  O   . GLY A 1 89  ? -3.681  -5.208  -9.534  1.00 17.13 ? 89  GLY A O   1 
ATOM   603  N  N   . ILE A 1 90  ? -5.692  -5.063  -8.539  1.00 18.60 ? 90  ILE A N   1 
ATOM   604  C  CA  . ILE A 1 90  ? -5.514  -3.658  -8.188  1.00 18.18 ? 90  ILE A CA  1 
ATOM   605  C  C   . ILE A 1 90  ? -4.370  -3.451  -7.198  1.00 18.47 ? 90  ILE A C   1 
ATOM   606  O  O   . ILE A 1 90  ? -3.520  -2.585  -7.399  1.00 20.10 ? 90  ILE A O   1 
ATOM   607  C  CB  . ILE A 1 90  ? -6.832  -3.055  -7.624  1.00 20.45 ? 90  ILE A CB  1 
ATOM   608  C  CG1 . ILE A 1 90  ? -7.939  -3.179  -8.676  1.00 20.96 ? 90  ILE A CG1 1 
ATOM   609  C  CG2 . ILE A 1 90  ? -6.633  -1.574  -7.274  1.00 20.80 ? 90  ILE A CG2 1 
ATOM   610  C  CD1 . ILE A 1 90  ? -9.318  -2.786  -8.187  1.00 21.93 ? 90  ILE A CD1 1 
ATOM   611  N  N   . GLY A 1 91  ? -4.335  -4.251  -6.139  1.00 17.40 ? 91  GLY A N   1 
ATOM   612  C  CA  . GLY A 1 91  ? -3.265  -4.113  -5.161  1.00 16.78 ? 91  GLY A CA  1 
ATOM   613  C  C   . GLY A 1 91  ? -1.904  -4.236  -5.826  1.00 18.17 ? 91  GLY A C   1 
ATOM   614  O  O   . GLY A 1 91  ? -0.984  -3.462  -5.552  1.00 17.86 ? 91  GLY A O   1 
ATOM   615  N  N   . THR A 1 92  ? -1.771  -5.215  -6.712  1.00 16.20 ? 92  THR A N   1 
ATOM   616  C  CA  . THR A 1 92  ? -0.514  -5.408  -7.421  1.00 17.37 ? 92  THR A CA  1 
ATOM   617  C  C   . THR A 1 92  ? -0.175  -4.174  -8.253  1.00 17.71 ? 92  THR A C   1 
ATOM   618  O  O   . THR A 1 92  ? 0.961   -3.703  -8.237  1.00 19.62 ? 92  THR A O   1 
ATOM   619  C  CB  . THR A 1 92  ? -0.577  -6.634  -8.359  1.00 17.16 ? 92  THR A CB  1 
ATOM   620  O  OG1 . THR A 1 92  ? -0.727  -7.824  -7.578  1.00 19.84 ? 92  THR A OG1 1 
ATOM   621  C  CG2 . THR A 1 92  ? 0.693   -6.741  -9.188  1.00 19.88 ? 92  THR A CG2 1 
ATOM   622  N  N   . LEU A 1 93  ? -1.159  -3.651  -8.981  1.00 18.46 ? 93  LEU A N   1 
ATOM   623  C  CA  . LEU A 1 93  ? -0.927  -2.471  -9.818  1.00 19.47 ? 93  LEU A CA  1 
ATOM   624  C  C   . LEU A 1 93  ? -0.518  -1.264  -8.976  1.00 18.71 ? 93  LEU A C   1 
ATOM   625  O  O   . LEU A 1 93  ? 0.333   -0.475  -9.385  1.00 16.79 ? 93  LEU A O   1 
ATOM   626  C  CB  . LEU A 1 93  ? -2.184  -2.116  -10.620 1.00 23.15 ? 93  LEU A CB  1 
ATOM   627  C  CG  . LEU A 1 93  ? -1.986  -1.675  -12.073 1.00 27.93 ? 93  LEU A CG  1 
ATOM   628  C  CD1 . LEU A 1 93  ? -3.244  -0.979  -12.561 1.00 28.81 ? 93  LEU A CD1 1 
ATOM   629  C  CD2 . LEU A 1 93  ? -0.795  -0.743  -12.190 1.00 29.58 ? 93  LEU A CD2 1 
ATOM   630  N  N   . LEU A 1 94  ? -1.134  -1.108  -7.806  1.00 18.03 ? 94  LEU A N   1 
ATOM   631  C  CA  . LEU A 1 94  ? -0.800  0.018   -6.930  1.00 18.00 ? 94  LEU A CA  1 
ATOM   632  C  C   . LEU A 1 94  ? 0.630   -0.078  -6.403  1.00 17.81 ? 94  LEU A C   1 
ATOM   633  O  O   . LEU A 1 94  ? 1.344   0.926   -6.333  1.00 19.10 ? 94  LEU A O   1 
ATOM   634  C  CB  . LEU A 1 94  ? -1.786  0.102   -5.759  1.00 18.51 ? 94  LEU A CB  1 
ATOM   635  C  CG  . LEU A 1 94  ? -3.189  0.584   -6.137  1.00 21.15 ? 94  LEU A CG  1 
ATOM   636  C  CD1 . LEU A 1 94  ? -4.136  0.403   -4.961  1.00 19.00 ? 94  LEU A CD1 1 
ATOM   637  C  CD2 . LEU A 1 94  ? -3.133  2.045   -6.570  1.00 22.24 ? 94  LEU A CD2 1 
ATOM   638  N  N   . VAL A 1 95  ? 1.059   -1.278  -6.028  1.00 17.57 ? 95  VAL A N   1 
ATOM   639  C  CA  . VAL A 1 95  ? 2.418   -1.442  -5.533  1.00 16.35 ? 95  VAL A CA  1 
ATOM   640  C  C   . VAL A 1 95  ? 3.400   -1.156  -6.671  1.00 16.92 ? 95  VAL A C   1 
ATOM   641  O  O   . VAL A 1 95  ? 4.421   -0.514  -6.463  1.00 17.80 ? 95  VAL A O   1 
ATOM   642  C  CB  . VAL A 1 95  ? 2.673   -2.868  -4.992  1.00 16.02 ? 95  VAL A CB  1 
ATOM   643  C  CG1 . VAL A 1 95  ? 4.135   -3.000  -4.549  1.00 16.82 ? 95  VAL A CG1 1 
ATOM   644  C  CG2 . VAL A 1 95  ? 1.745   -3.155  -3.804  1.00 13.93 ? 95  VAL A CG2 1 
ATOM   645  N  N   . LYS A 1 96  ? 3.094   -1.634  -7.875  1.00 18.07 ? 96  LYS A N   1 
ATOM   646  C  CA  . LYS A 1 96  ? 3.980   -1.388  -9.014  1.00 18.08 ? 96  LYS A CA  1 
ATOM   647  C  C   . LYS A 1 96  ? 4.086   0.107   -9.264  1.00 18.45 ? 96  LYS A C   1 
ATOM   648  O  O   . LYS A 1 96  ? 5.148   0.617   -9.633  1.00 17.18 ? 96  LYS A O   1 
ATOM   649  C  CB  . LYS A 1 96  ? 3.449   -2.060  -10.275 1.00 19.94 ? 96  LYS A CB  1 
ATOM   650  C  CG  . LYS A 1 96  ? 3.615   -3.567  -10.310 1.00 22.91 ? 96  LYS A CG  1 
ATOM   651  C  CD  . LYS A 1 96  ? 3.112   -4.108  -11.633 1.00 24.84 ? 96  LYS A CD  1 
ATOM   652  C  CE  . LYS A 1 96  ? 3.313   -5.604  -11.739 1.00 27.81 ? 96  LYS A CE  1 
ATOM   653  N  NZ  . LYS A 1 96  ? 2.762   -6.129  -13.025 1.00 30.42 ? 96  LYS A NZ  1 
ATOM   654  N  N   . THR A 1 97  ? 2.973   0.807   -9.061  1.00 18.70 ? 97  THR A N   1 
ATOM   655  C  CA  . THR A 1 97  ? 2.940   2.249   -9.256  1.00 18.76 ? 97  THR A CA  1 
ATOM   656  C  C   . THR A 1 97  ? 3.850   2.937   -8.241  1.00 19.55 ? 97  THR A C   1 
ATOM   657  O  O   . THR A 1 97  ? 4.541   3.899   -8.568  1.00 19.62 ? 97  THR A O   1 
ATOM   658  C  CB  . THR A 1 97  ? 1.505   2.791   -9.109  1.00 18.68 ? 97  THR A CB  1 
ATOM   659  O  OG1 . THR A 1 97  ? 0.664   2.190   -10.102 1.00 19.33 ? 97  THR A OG1 1 
ATOM   660  C  CG2 . THR A 1 97  ? 1.487   4.298   -9.282  1.00 20.42 ? 97  THR A CG2 1 
ATOM   661  N  N   . LEU A 1 98  ? 3.851   2.433   -7.012  1.00 18.33 ? 98  LEU A N   1 
ATOM   662  C  CA  . LEU A 1 98  ? 4.675   2.998   -5.946  1.00 18.52 ? 98  LEU A CA  1 
ATOM   663  C  C   . LEU A 1 98  ? 6.155   2.754   -6.186  1.00 18.21 ? 98  LEU A C   1 
ATOM   664  O  O   . LEU A 1 98  ? 6.985   3.600   -5.876  1.00 17.69 ? 98  LEU A O   1 
ATOM   665  C  CB  . LEU A 1 98  ? 4.281   2.404   -4.597  1.00 18.65 ? 98  LEU A CB  1 
ATOM   666  C  CG  . LEU A 1 98  ? 2.870   2.747   -4.127  1.00 19.70 ? 98  LEU A CG  1 
ATOM   667  C  CD1 . LEU A 1 98  ? 2.603   2.079   -2.788  1.00 20.49 ? 98  LEU A CD1 1 
ATOM   668  C  CD2 . LEU A 1 98  ? 2.724   4.252   -4.021  1.00 22.02 ? 98  LEU A CD2 1 
ATOM   669  N  N   . ILE A 1 99  ? 6.477   1.582   -6.723  1.00 19.17 ? 99  ILE A N   1 
ATOM   670  C  CA  . ILE A 1 99  ? 7.858   1.233   -7.030  1.00 20.47 ? 99  ILE A CA  1 
ATOM   671  C  C   . ILE A 1 99  ? 8.377   2.181   -8.123  1.00 20.27 ? 99  ILE A C   1 
ATOM   672  O  O   . ILE A 1 99  ? 9.501   2.687   -8.041  1.00 20.32 ? 99  ILE A O   1 
ATOM   673  C  CB  . ILE A 1 99  ? 7.955   -0.239  -7.509  1.00 20.26 ? 99  ILE A CB  1 
ATOM   674  C  CG1 . ILE A 1 99  ? 7.689   -1.183  -6.333  1.00 20.88 ? 99  ILE A CG1 1 
ATOM   675  C  CG2 . ILE A 1 99  ? 9.333   -0.514  -8.092  1.00 22.88 ? 99  ILE A CG2 1 
ATOM   676  C  CD1 . ILE A 1 99  ? 7.600   -2.645  -6.721  1.00 24.17 ? 99  ILE A CD1 1 
ATOM   677  N  N   . GLU A 1 100 ? 7.543   2.420   -9.131  1.00 21.86 ? 100 GLU A N   1 
ATOM   678  C  CA  . GLU A 1 100 ? 7.883   3.317   -10.237 1.00 22.35 ? 100 GLU A CA  1 
ATOM   679  C  C   . GLU A 1 100 ? 8.133   4.722   -9.679  1.00 22.04 ? 100 GLU A C   1 
ATOM   680  O  O   . GLU A 1 100 ? 9.089   5.395   -10.061 1.00 20.24 ? 100 GLU A O   1 
ATOM   681  C  CB  . GLU A 1 100 ? 6.731   3.341   -11.248 1.00 25.82 ? 100 GLU A CB  1 
ATOM   682  C  CG  . GLU A 1 100 ? 6.926   4.266   -12.445 1.00 28.97 ? 100 GLU A CG  1 
ATOM   683  C  CD  . GLU A 1 100 ? 8.065   3.842   -13.355 1.00 31.88 ? 100 GLU A CD  1 
ATOM   684  O  OE1 . GLU A 1 100 ? 8.691   2.791   -13.090 1.00 31.39 ? 100 GLU A OE1 1 
ATOM   685  O  OE2 . GLU A 1 100 ? 8.331   4.567   -14.344 1.00 31.64 ? 100 GLU A OE2 1 
ATOM   686  N  N   . GLU A 1 101 ? 7.267   5.157   -8.766  1.00 21.72 ? 101 GLU A N   1 
ATOM   687  C  CA  . GLU A 1 101 ? 7.406   6.470   -8.146  1.00 22.06 ? 101 GLU A CA  1 
ATOM   688  C  C   . GLU A 1 101 ? 8.704   6.520   -7.340  1.00 21.82 ? 101 GLU A C   1 
ATOM   689  O  O   . GLU A 1 101 ? 9.455   7.491   -7.419  1.00 22.28 ? 101 GLU A O   1 
ATOM   690  C  CB  . GLU A 1 101 ? 6.205   6.742   -7.230  1.00 23.76 ? 101 GLU A CB  1 
ATOM   691  C  CG  . GLU A 1 101 ? 6.144   8.139   -6.620  1.00 27.69 ? 101 GLU A CG  1 
ATOM   692  C  CD  . GLU A 1 101 ? 5.960   9.243   -7.650  1.00 30.87 ? 101 GLU A CD  1 
ATOM   693  O  OE1 . GLU A 1 101 ? 5.459   8.961   -8.762  1.00 32.68 ? 101 GLU A OE1 1 
ATOM   694  O  OE2 . GLU A 1 101 ? 6.303   10.402  -7.333  1.00 34.30 ? 101 GLU A OE2 1 
ATOM   695  N  N   . ALA A 1 102 ? 8.974   5.468   -6.572  1.00 21.14 ? 102 ALA A N   1 
ATOM   696  C  CA  . ALA A 1 102 ? 10.188  5.411   -5.764  1.00 22.15 ? 102 ALA A CA  1 
ATOM   697  C  C   . ALA A 1 102 ? 11.439  5.553   -6.630  1.00 22.55 ? 102 ALA A C   1 
ATOM   698  O  O   . ALA A 1 102 ? 12.386  6.252   -6.263  1.00 22.87 ? 102 ALA A O   1 
ATOM   699  C  CB  . ALA A 1 102 ? 10.235  4.097   -4.975  1.00 21.33 ? 102 ALA A CB  1 
ATOM   700  N  N   . LYS A 1 103 ? 11.447  4.887   -7.779  1.00 23.76 ? 103 LYS A N   1 
ATOM   701  C  CA  . LYS A 1 103 ? 12.584  4.967   -8.686  1.00 26.21 ? 103 LYS A CA  1 
ATOM   702  C  C   . LYS A 1 103 ? 12.726  6.374   -9.266  1.00 27.79 ? 103 LYS A C   1 
ATOM   703  O  O   . LYS A 1 103 ? 13.836  6.894   -9.375  1.00 28.81 ? 103 LYS A O   1 
ATOM   704  C  CB  . LYS A 1 103 ? 12.440  3.954   -9.823  1.00 25.82 ? 103 LYS A CB  1 
ATOM   705  C  CG  . LYS A 1 103 ? 12.683  2.509   -9.419  1.00 26.34 ? 103 LYS A CG  1 
ATOM   706  C  CD  . LYS A 1 103 ? 12.653  1.610   -10.650 1.00 27.31 ? 103 LYS A CD  1 
ATOM   707  C  CE  . LYS A 1 103 ? 13.012  0.173   -10.320 1.00 27.71 ? 103 LYS A CE  1 
ATOM   708  N  NZ  . LYS A 1 103 ? 12.912  -0.708  -11.529 1.00 29.92 ? 103 LYS A NZ  1 
ATOM   709  N  N   . LYS A 1 104 ? 11.604  6.990   -9.631  1.00 28.58 ? 104 LYS A N   1 
ATOM   710  C  CA  . LYS A 1 104 ? 11.625  8.338   -10.189 1.00 29.50 ? 104 LYS A CA  1 
ATOM   711  C  C   . LYS A 1 104 ? 12.125  9.352   -9.167  1.00 31.83 ? 104 LYS A C   1 
ATOM   712  O  O   . LYS A 1 104 ? 12.788  10.326  -9.521  1.00 31.51 ? 104 LYS A O   1 
ATOM   713  C  CB  . LYS A 1 104 ? 10.230  8.753   -10.656 1.00 29.34 ? 104 LYS A CB  1 
ATOM   714  C  CG  . LYS A 1 104 ? 9.685   7.970   -11.841 1.00 30.94 ? 104 LYS A CG  1 
ATOM   715  C  CD  . LYS A 1 104 ? 8.334   8.538   -12.241 1.00 32.42 ? 104 LYS A CD  1 
ATOM   716  C  CE  . LYS A 1 104 ? 7.706   7.778   -13.377 1.00 34.05 ? 104 LYS A CE  1 
ATOM   717  N  NZ  . LYS A 1 104 ? 6.422   8.417   -13.768 1.00 36.83 ? 104 LYS A NZ  1 
ATOM   718  N  N   . SER A 1 105 ? 11.801  9.122   -7.899  1.00 32.50 ? 105 SER A N   1 
ATOM   719  C  CA  . SER A 1 105 ? 12.215  10.021  -6.830  1.00 33.52 ? 105 SER A CA  1 
ATOM   720  C  C   . SER A 1 105 ? 13.616  9.686   -6.311  1.00 34.26 ? 105 SER A C   1 
ATOM   721  O  O   . SER A 1 105 ? 14.106  10.317  -5.372  1.00 35.79 ? 105 SER A O   1 
ATOM   722  C  CB  . SER A 1 105 ? 11.214  9.957   -5.676  1.00 34.53 ? 105 SER A CB  1 
ATOM   723  O  OG  . SER A 1 105 ? 11.216  8.667   -5.094  1.00 38.74 ? 105 SER A OG  1 
ATOM   724  N  N   . GLY A 1 106 ? 14.245  8.683   -6.919  1.00 33.72 ? 106 GLY A N   1 
ATOM   725  C  CA  . GLY A 1 106 ? 15.587  8.284   -6.528  1.00 33.30 ? 106 GLY A CA  1 
ATOM   726  C  C   . GLY A 1 106 ? 15.762  7.595   -5.184  1.00 33.01 ? 106 GLY A C   1 
ATOM   727  O  O   . GLY A 1 106 ? 16.846  7.656   -4.602  1.00 32.28 ? 106 GLY A O   1 
ATOM   728  N  N   . LEU A 1 107 ? 14.723  6.935   -4.680  1.00 30.70 ? 107 LEU A N   1 
ATOM   729  C  CA  . LEU A 1 107 ? 14.841  6.254   -3.392  1.00 29.81 ? 107 LEU A CA  1 
ATOM   730  C  C   . LEU A 1 107 ? 15.750  5.032   -3.521  1.00 29.62 ? 107 LEU A C   1 
ATOM   731  O  O   . LEU A 1 107 ? 15.747  4.357   -4.550  1.00 30.53 ? 107 LEU A O   1 
ATOM   732  C  CB  . LEU A 1 107 ? 13.465  5.824   -2.879  1.00 27.60 ? 107 LEU A CB  1 
ATOM   733  C  CG  . LEU A 1 107 ? 12.391  6.903   -2.732  1.00 28.04 ? 107 LEU A CG  1 
ATOM   734  C  CD1 . LEU A 1 107 ? 11.237  6.318   -1.926  1.00 26.45 ? 107 LEU A CD1 1 
ATOM   735  C  CD2 . LEU A 1 107 ? 12.949  8.146   -2.041  1.00 29.60 ? 107 LEU A CD2 1 
ATOM   736  N  N   . SER A 1 108 ? 16.528  4.751   -2.481  1.00 29.15 ? 108 SER A N   1 
ATOM   737  C  CA  . SER A 1 108 ? 17.443  3.614   -2.514  1.00 30.30 ? 108 SER A CA  1 
ATOM   738  C  C   . SER A 1 108 ? 16.762  2.275   -2.227  1.00 30.08 ? 108 SER A C   1 
ATOM   739  O  O   . SER A 1 108 ? 17.208  1.234   -2.705  1.00 29.17 ? 108 SER A O   1 
ATOM   740  C  CB  . SER A 1 108 ? 18.608  3.841   -1.538  1.00 31.23 ? 108 SER A CB  1 
ATOM   741  O  OG  . SER A 1 108 ? 18.147  4.110   -0.227  1.00 35.01 ? 108 SER A OG  1 
ATOM   742  N  N   . THR A 1 109 ? 15.683  2.294   -1.449  1.00 29.36 ? 109 THR A N   1 
ATOM   743  C  CA  . THR A 1 109 ? 14.967  1.055   -1.142  1.00 29.10 ? 109 THR A CA  1 
ATOM   744  C  C   . THR A 1 109 ? 13.497  1.302   -0.826  1.00 26.42 ? 109 THR A C   1 
ATOM   745  O  O   . THR A 1 109 ? 13.128  2.371   -0.351  1.00 25.90 ? 109 THR A O   1 
ATOM   746  C  CB  . THR A 1 109 ? 15.562  0.322   0.087   1.00 31.68 ? 109 THR A CB  1 
ATOM   747  O  OG1 . THR A 1 109 ? 15.249  1.056   1.273   1.00 36.56 ? 109 THR A OG1 1 
ATOM   748  C  CG2 . THR A 1 109 ? 17.072  0.188   -0.025  1.00 33.91 ? 109 THR A CG2 1 
ATOM   749  N  N   . VAL A 1 110 ? 12.656  0.312   -1.113  1.00 25.16 ? 110 VAL A N   1 
ATOM   750  C  CA  . VAL A 1 110 ? 11.236  0.410   -0.789  1.00 23.57 ? 110 VAL A CA  1 
ATOM   751  C  C   . VAL A 1 110 ? 10.971  -0.746  0.166   1.00 23.40 ? 110 VAL A C   1 
ATOM   752  O  O   . VAL A 1 110 ? 11.573  -1.810  0.039   1.00 23.05 ? 110 VAL A O   1 
ATOM   753  C  CB  . VAL A 1 110 ? 10.320  0.306   -2.035  1.00 24.24 ? 110 VAL A CB  1 
ATOM   754  C  CG1 . VAL A 1 110 ? 10.445  1.567   -2.859  1.00 24.36 ? 110 VAL A CG1 1 
ATOM   755  C  CG2 . VAL A 1 110 ? 10.670  -0.917  -2.870  1.00 25.79 ? 110 VAL A CG2 1 
ATOM   756  N  N   . LYS A 1 111 ? 10.088  -0.535  1.134   1.00 21.19 ? 111 LYS A N   1 
ATOM   757  C  CA  . LYS A 1 111 ? 9.818   -1.574  2.115   1.00 20.01 ? 111 LYS A CA  1 
ATOM   758  C  C   . LYS A 1 111 ? 8.406   -1.501  2.675   1.00 19.35 ? 111 LYS A C   1 
ATOM   759  O  O   . LYS A 1 111 ? 7.741   -0.466  2.590   1.00 16.00 ? 111 LYS A O   1 
ATOM   760  C  CB  . LYS A 1 111 ? 10.814  -1.439  3.262   1.00 20.54 ? 111 LYS A CB  1 
ATOM   761  C  CG  . LYS A 1 111 ? 10.730  -0.086  3.952   1.00 23.30 ? 111 LYS A CG  1 
ATOM   762  C  CD  . LYS A 1 111 ? 11.892  0.179   4.882   1.00 25.32 ? 111 LYS A CD  1 
ATOM   763  C  CE  . LYS A 1 111 ? 11.708  1.523   5.584   1.00 29.61 ? 111 LYS A CE  1 
ATOM   764  N  NZ  . LYS A 1 111 ? 12.850  1.897   6.466   1.00 31.73 ? 111 LYS A NZ  1 
ATOM   765  N  N   . PHE A 1 112 ? 7.955   -2.610  3.248   1.00 16.31 ? 112 PHE A N   1 
ATOM   766  C  CA  . PHE A 1 112 ? 6.636   -2.650  3.853   1.00 15.15 ? 112 PHE A CA  1 
ATOM   767  C  C   . PHE A 1 112 ? 6.639   -3.596  5.044   1.00 15.22 ? 112 PHE A C   1 
ATOM   768  O  O   . PHE A 1 112 ? 7.550   -4.414  5.195   1.00 16.68 ? 112 PHE A O   1 
ATOM   769  C  CB  . PHE A 1 112 ? 5.571   -3.084  2.833   1.00 14.37 ? 112 PHE A CB  1 
ATOM   770  C  CG  . PHE A 1 112 ? 5.654   -4.531  2.424   1.00 14.94 ? 112 PHE A CG  1 
ATOM   771  C  CD1 . PHE A 1 112 ? 6.481   -4.929  1.384   1.00 15.63 ? 112 PHE A CD1 1 
ATOM   772  C  CD2 . PHE A 1 112 ? 4.888   -5.496  3.080   1.00 13.83 ? 112 PHE A CD2 1 
ATOM   773  C  CE1 . PHE A 1 112 ? 6.544   -6.263  0.996   1.00 18.15 ? 112 PHE A CE1 1 
ATOM   774  C  CE2 . PHE A 1 112 ? 4.943   -6.834  2.703   1.00 15.38 ? 112 PHE A CE2 1 
ATOM   775  C  CZ  . PHE A 1 112 ? 5.772   -7.219  1.656   1.00 19.09 ? 112 PHE A CZ  1 
ATOM   776  N  N   . TYR A 1 113 ? 5.618   -3.459  5.885   1.00 16.12 ? 113 TYR A N   1 
ATOM   777  C  CA  . TYR A 1 113 ? 5.440   -4.287  7.078   1.00 16.99 ? 113 TYR A CA  1 
ATOM   778  C  C   . TYR A 1 113 ? 3.987   -4.739  7.120   1.00 16.13 ? 113 TYR A C   1 
ATOM   779  O  O   . TYR A 1 113 ? 3.091   -3.979  6.762   1.00 13.68 ? 113 TYR A O   1 
ATOM   780  C  CB  . TYR A 1 113 ? 5.687   -3.483  8.358   1.00 19.56 ? 113 TYR A CB  1 
ATOM   781  C  CG  . TYR A 1 113 ? 7.079   -2.942  8.541   1.00 23.95 ? 113 TYR A CG  1 
ATOM   782  C  CD1 . TYR A 1 113 ? 8.039   -3.662  9.252   1.00 24.56 ? 113 TYR A CD1 1 
ATOM   783  C  CD2 . TYR A 1 113 ? 7.437   -1.697  8.022   1.00 25.80 ? 113 TYR A CD2 1 
ATOM   784  C  CE1 . TYR A 1 113 ? 9.318   -3.155  9.450   1.00 27.87 ? 113 TYR A CE1 1 
ATOM   785  C  CE2 . TYR A 1 113 ? 8.716   -1.182  8.208   1.00 26.55 ? 113 TYR A CE2 1 
ATOM   786  C  CZ  . TYR A 1 113 ? 9.651   -1.916  8.923   1.00 28.92 ? 113 TYR A CZ  1 
ATOM   787  O  OH  . TYR A 1 113 ? 10.919  -1.415  9.109   1.00 31.34 ? 113 TYR A OH  1 
ATOM   788  N  N   . THR A 1 114 ? 3.753   -5.971  7.553   1.00 16.04 ? 114 THR A N   1 
ATOM   789  C  CA  . THR A 1 114 ? 2.394   -6.471  7.697   1.00 15.19 ? 114 THR A CA  1 
ATOM   790  C  C   . THR A 1 114 ? 2.385   -7.702  8.604   1.00 15.72 ? 114 THR A C   1 
ATOM   791  O  O   . THR A 1 114 ? 3.406   -8.055  9.190   1.00 17.45 ? 114 THR A O   1 
ATOM   792  C  CB  . THR A 1 114 ? 1.733   -6.799  6.332   1.00 16.63 ? 114 THR A CB  1 
ATOM   793  O  OG1 . THR A 1 114 ? 0.312   -6.868  6.509   1.00 14.51 ? 114 THR A OG1 1 
ATOM   794  C  CG2 . THR A 1 114 ? 2.219   -8.139  5.779   1.00 17.01 ? 114 THR A CG2 1 
ATOM   795  N  N   . LEU A 1 115 ? 1.225   -8.328  8.740   1.00 17.70 ? 115 LEU A N   1 
ATOM   796  C  CA  . LEU A 1 115 ? 1.086   -9.515  9.576   1.00 17.87 ? 115 LEU A CA  1 
ATOM   797  C  C   . LEU A 1 115 ? 1.331   -10.784 8.767   1.00 19.00 ? 115 LEU A C   1 
ATOM   798  O  O   . LEU A 1 115 ? 1.053   -10.830 7.571   1.00 18.74 ? 115 LEU A O   1 
ATOM   799  C  CB  . LEU A 1 115 ? -0.320  -9.570  10.183  1.00 20.23 ? 115 LEU A CB  1 
ATOM   800  C  CG  . LEU A 1 115 ? -0.632  -8.696  11.397  1.00 22.21 ? 115 LEU A CG  1 
ATOM   801  C  CD1 . LEU A 1 115 ? -2.121  -8.719  11.668  1.00 23.92 ? 115 LEU A CD1 1 
ATOM   802  C  CD2 . LEU A 1 115 ? 0.127   -9.205  12.606  1.00 22.49 ? 115 LEU A CD2 1 
ATOM   803  N  N   . PRO A 1 116 ? 1.857   -11.836 9.420   1.00 20.10 ? 116 PRO A N   1 
ATOM   804  C  CA  . PRO A 1 116 ? 2.135   -13.114 8.756   1.00 21.40 ? 116 PRO A CA  1 
ATOM   805  C  C   . PRO A 1 116 ? 0.874   -13.735 8.149   1.00 21.29 ? 116 PRO A C   1 
ATOM   806  O  O   . PRO A 1 116 ? 0.948   -14.470 7.171   1.00 23.61 ? 116 PRO A O   1 
ATOM   807  C  CB  . PRO A 1 116 ? 2.711   -13.976 9.882   1.00 22.01 ? 116 PRO A CB  1 
ATOM   808  C  CG  . PRO A 1 116 ? 3.337   -12.978 10.794  1.00 24.37 ? 116 PRO A CG  1 
ATOM   809  C  CD  . PRO A 1 116 ? 2.322   -11.857 10.817  1.00 20.69 ? 116 PRO A CD  1 
ATOM   810  N  N   . GLU A 1 117 ? -0.283  -13.438 8.731   1.00 21.30 ? 117 GLU A N   1 
ATOM   811  C  CA  . GLU A 1 117 ? -1.541  -13.982 8.227   1.00 22.38 ? 117 GLU A CA  1 
ATOM   812  C  C   . GLU A 1 117 ? -2.009  -13.280 6.947   1.00 21.16 ? 117 GLU A C   1 
ATOM   813  O  O   . GLU A 1 117 ? -2.942  -13.742 6.278   1.00 20.50 ? 117 GLU A O   1 
ATOM   814  C  CB  . GLU A 1 117 ? -2.638  -13.861 9.290   1.00 25.32 ? 117 GLU A CB  1 
ATOM   815  C  CG  . GLU A 1 117 ? -2.272  -14.437 10.655  1.00 31.29 ? 117 GLU A CG  1 
ATOM   816  C  CD  . GLU A 1 117 ? -1.736  -13.381 11.619  1.00 34.68 ? 117 GLU A CD  1 
ATOM   817  O  OE1 . GLU A 1 117 ? -0.624  -12.859 11.390  1.00 32.60 ? 117 GLU A OE1 1 
ATOM   818  O  OE2 . GLU A 1 117 ? -2.439  -13.069 12.607  1.00 39.13 ? 117 GLU A OE2 1 
ATOM   819  N  N   . ASN A 1 118 ? -1.357  -12.171 6.605   1.00 19.37 ? 118 ASN A N   1 
ATOM   820  C  CA  . ASN A 1 118 ? -1.716  -11.393 5.414   1.00 19.52 ? 118 ASN A CA  1 
ATOM   821  C  C   . ASN A 1 118 ? -1.149  -12.029 4.140   1.00 19.74 ? 118 ASN A C   1 
ATOM   822  O  O   . ASN A 1 118 ? -0.291  -11.451 3.458   1.00 18.75 ? 118 ASN A O   1 
ATOM   823  C  CB  . ASN A 1 118 ? -1.192  -9.958  5.562   1.00 19.32 ? 118 ASN A CB  1 
ATOM   824  C  CG  . ASN A 1 118 ? -1.902  -8.977  4.646   1.00 21.05 ? 118 ASN A CG  1 
ATOM   825  O  OD1 . ASN A 1 118 ? -2.666  -9.373  3.770   1.00 22.99 ? 118 ASN A OD1 1 
ATOM   826  N  ND2 . ASN A 1 118 ? -1.644  -7.687  4.845   1.00 21.18 ? 118 ASN A ND2 1 
ATOM   827  N  N   . THR A 1 119 ? -1.644  -13.216 3.812   1.00 20.31 ? 119 THR A N   1 
ATOM   828  C  CA  . THR A 1 119 ? -1.180  -13.948 2.637   1.00 20.49 ? 119 THR A CA  1 
ATOM   829  C  C   . THR A 1 119 ? -1.190  -13.134 1.341   1.00 19.37 ? 119 THR A C   1 
ATOM   830  O  O   . THR A 1 119 ? -0.211  -13.134 0.596   1.00 19.20 ? 119 THR A O   1 
ATOM   831  C  CB  . THR A 1 119 ? -2.019  -15.222 2.424   1.00 22.74 ? 119 THR A CB  1 
ATOM   832  O  OG1 . THR A 1 119 ? -2.070  -15.963 3.646   1.00 29.11 ? 119 THR A OG1 1 
ATOM   833  C  CG2 . THR A 1 119 ? -1.393  -16.099 1.351   1.00 24.72 ? 119 THR A CG2 1 
ATOM   834  N  N   . PRO A 1 120 ? -2.298  -12.432 1.050   1.00 19.00 ? 120 PRO A N   1 
ATOM   835  C  CA  . PRO A 1 120 ? -2.350  -11.638 -0.182  1.00 16.92 ? 120 PRO A CA  1 
ATOM   836  C  C   . PRO A 1 120 ? -1.191  -10.646 -0.335  1.00 16.48 ? 120 PRO A C   1 
ATOM   837  O  O   . PRO A 1 120 ? -0.568  -10.569 -1.395  1.00 17.54 ? 120 PRO A O   1 
ATOM   838  C  CB  . PRO A 1 120 ? -3.709  -10.950 -0.083  1.00 17.10 ? 120 PRO A CB  1 
ATOM   839  C  CG  . PRO A 1 120 ? -4.537  -11.970 0.657   1.00 19.72 ? 120 PRO A CG  1 
ATOM   840  C  CD  . PRO A 1 120 ? -3.596  -12.402 1.748   1.00 18.53 ? 120 PRO A CD  1 
HETATM 841  N  N   . MSE A 1 121 ? -0.892  -9.884  0.712   1.00 15.51 ? 121 MSE A N   1 
HETATM 842  C  CA  . MSE A 1 121 ? 0.203   -8.920  0.615   1.00 16.56 ? 121 MSE A CA  1 
HETATM 843  C  C   . MSE A 1 121 ? 1.555   -9.598  0.471   1.00 18.04 ? 121 MSE A C   1 
HETATM 844  O  O   . MSE A 1 121 ? 2.407   -9.150  -0.300  1.00 18.32 ? 121 MSE A O   1 
HETATM 845  C  CB  . MSE A 1 121 ? 0.251   -8.005  1.835   1.00 18.84 ? 121 MSE A CB  1 
HETATM 846  C  CG  . MSE A 1 121 ? 1.310   -6.905  1.723   1.00 19.50 ? 121 MSE A CG  1 
HETATM 847  SE SE  . MSE A 1 121 ? 0.928   -5.637  0.289   1.00 27.57 ? 121 MSE A SE  1 
HETATM 848  C  CE  . MSE A 1 121 ? 2.625   -5.609  -0.628  1.00 22.09 ? 121 MSE A CE  1 
ATOM   849  N  N   . ILE A 1 122 ? 1.775   -10.665 1.228   1.00 17.35 ? 122 ILE A N   1 
ATOM   850  C  CA  . ILE A 1 122 ? 3.053   -11.359 1.133   1.00 19.05 ? 122 ILE A CA  1 
ATOM   851  C  C   . ILE A 1 122 ? 3.230   -11.926 -0.281  1.00 19.84 ? 122 ILE A C   1 
ATOM   852  O  O   . ILE A 1 122 ? 4.333   -11.920 -0.826  1.00 21.18 ? 122 ILE A O   1 
ATOM   853  C  CB  . ILE A 1 122 ? 3.161   -12.478 2.188   1.00 19.91 ? 122 ILE A CB  1 
ATOM   854  C  CG1 . ILE A 1 122 ? 3.054   -11.864 3.590   1.00 21.06 ? 122 ILE A CG1 1 
ATOM   855  C  CG2 . ILE A 1 122 ? 4.498   -13.198 2.041   1.00 22.44 ? 122 ILE A CG2 1 
ATOM   856  C  CD1 . ILE A 1 122 ? 2.943   -12.870 4.716   1.00 23.20 ? 122 ILE A CD1 1 
ATOM   857  N  N   . LYS A 1 123 ? 2.143   -12.403 -0.881  1.00 19.67 ? 123 LYS A N   1 
ATOM   858  C  CA  . LYS A 1 123 ? 2.218   -12.930 -2.243  1.00 20.15 ? 123 LYS A CA  1 
ATOM   859  C  C   . LYS A 1 123 ? 2.658   -11.836 -3.207  1.00 21.35 ? 123 LYS A C   1 
ATOM   860  O  O   . LYS A 1 123 ? 3.486   -12.067 -4.090  1.00 20.91 ? 123 LYS A O   1 
ATOM   861  C  CB  . LYS A 1 123 ? 0.867   -13.482 -2.693  1.00 21.89 ? 123 LYS A CB  1 
ATOM   862  C  CG  . LYS A 1 123 ? 0.543   -14.855 -2.160  1.00 21.21 ? 123 LYS A CG  1 
ATOM   863  C  CD  . LYS A 1 123 ? -0.751  -15.378 -2.764  1.00 26.83 ? 123 LYS A CD  1 
ATOM   864  C  CE  . LYS A 1 123 ? -1.051  -16.796 -2.291  1.00 28.06 ? 123 LYS A CE  1 
ATOM   865  N  NZ  . LYS A 1 123 ? -2.270  -17.341 -2.942  1.00 30.75 ? 123 LYS A NZ  1 
ATOM   866  N  N   . ILE A 1 124 ? 2.089   -10.645 -3.051  1.00 20.15 ? 124 ILE A N   1 
ATOM   867  C  CA  . ILE A 1 124 ? 2.457   -9.538  -3.917  1.00 22.05 ? 124 ILE A CA  1 
ATOM   868  C  C   . ILE A 1 124 ? 3.930   -9.224  -3.727  1.00 21.95 ? 124 ILE A C   1 
ATOM   869  O  O   . ILE A 1 124 ? 4.686   -9.132  -4.694  1.00 22.87 ? 124 ILE A O   1 
ATOM   870  C  CB  . ILE A 1 124 ? 1.635   -8.273  -3.598  1.00 23.49 ? 124 ILE A CB  1 
ATOM   871  C  CG1 . ILE A 1 124 ? 0.171   -8.522  -3.946  1.00 22.62 ? 124 ILE A CG1 1 
ATOM   872  C  CG2 . ILE A 1 124 ? 2.176   -7.077  -4.380  1.00 25.00 ? 124 ILE A CG2 1 
ATOM   873  C  CD1 . ILE A 1 124 ? -0.763  -7.385  -3.554  1.00 25.33 ? 124 ILE A CD1 1 
ATOM   874  N  N   . GLY A 1 125 ? 4.333   -9.073  -2.471  1.00 22.42 ? 125 GLY A N   1 
ATOM   875  C  CA  . GLY A 1 125 ? 5.718   -8.764  -2.176  1.00 23.52 ? 125 GLY A CA  1 
ATOM   876  C  C   . GLY A 1 125 ? 6.684   -9.724  -2.842  1.00 25.12 ? 125 GLY A C   1 
ATOM   877  O  O   . GLY A 1 125 ? 7.603   -9.306  -3.556  1.00 24.08 ? 125 GLY A O   1 
ATOM   878  N  N   . ARG A 1 126 ? 6.474   -11.017 -2.616  1.00 22.74 ? 126 ARG A N   1 
ATOM   879  C  CA  . ARG A 1 126 ? 7.351   -12.026 -3.186  1.00 24.69 ? 126 ARG A CA  1 
ATOM   880  C  C   . ARG A 1 126 ? 7.394   -12.027 -4.710  1.00 24.68 ? 126 ARG A C   1 
ATOM   881  O  O   . ARG A 1 126 ? 8.474   -12.072 -5.297  1.00 26.09 ? 126 ARG A O   1 
ATOM   882  C  CB  . ARG A 1 126 ? 6.959   -13.413 -2.673  1.00 24.85 ? 126 ARG A CB  1 
ATOM   883  C  CG  . ARG A 1 126 ? 7.093   -13.553 -1.155  1.00 25.47 ? 126 ARG A CG  1 
ATOM   884  C  CD  . ARG A 1 126 ? 6.861   -14.985 -0.713  1.00 27.24 ? 126 ARG A CD  1 
ATOM   885  N  NE  . ARG A 1 126 ? 7.895   -15.880 -1.228  1.00 27.93 ? 126 ARG A NE  1 
ATOM   886  C  CZ  . ARG A 1 126 ? 7.851   -17.206 -1.135  1.00 29.50 ? 126 ARG A CZ  1 
ATOM   887  N  NH1 . ARG A 1 126 ? 6.819   -17.801 -0.543  1.00 26.66 ? 126 ARG A NH1 1 
ATOM   888  N  NH2 . ARG A 1 126 ? 8.840   -17.938 -1.638  1.00 28.91 ? 126 ARG A NH2 1 
ATOM   889  N  N   . LYS A 1 127 ? 6.236   -11.965 -5.359  1.00 25.17 ? 127 LYS A N   1 
ATOM   890  C  CA  . LYS A 1 127 ? 6.224   -11.986 -6.821  1.00 26.89 ? 127 LYS A CA  1 
ATOM   891  C  C   . LYS A 1 127 ? 6.853   -10.741 -7.444  1.00 27.05 ? 127 LYS A C   1 
ATOM   892  O  O   . LYS A 1 127 ? 7.339   -10.786 -8.575  1.00 26.86 ? 127 LYS A O   1 
ATOM   893  C  CB  . LYS A 1 127 ? 4.796   -12.158 -7.347  1.00 28.75 ? 127 LYS A CB  1 
ATOM   894  C  CG  . LYS A 1 127 ? 3.921   -10.925 -7.242  1.00 30.45 ? 127 LYS A CG  1 
ATOM   895  C  CD  . LYS A 1 127 ? 2.541   -11.204 -7.819  1.00 33.58 ? 127 LYS A CD  1 
ATOM   896  C  CE  . LYS A 1 127 ? 1.638   -9.988  -7.713  1.00 30.92 ? 127 LYS A CE  1 
ATOM   897  N  NZ  . LYS A 1 127 ? 0.247   -10.324 -8.095  1.00 32.49 ? 127 LYS A NZ  1 
ATOM   898  N  N   . LEU A 1 128 ? 6.847   -9.632  -6.714  1.00 27.12 ? 128 LEU A N   1 
ATOM   899  C  CA  . LEU A 1 128 ? 7.425   -8.397  -7.232  1.00 27.62 ? 128 LEU A CA  1 
ATOM   900  C  C   . LEU A 1 128 ? 8.929   -8.270  -6.976  1.00 28.03 ? 128 LEU A C   1 
ATOM   901  O  O   . LEU A 1 128 ? 9.564   -7.331  -7.455  1.00 29.25 ? 128 LEU A O   1 
ATOM   902  C  CB  . LEU A 1 128 ? 6.682   -7.184  -6.663  1.00 27.79 ? 128 LEU A CB  1 
ATOM   903  C  CG  . LEU A 1 128 ? 5.220   -7.046  -7.111  1.00 28.56 ? 128 LEU A CG  1 
ATOM   904  C  CD1 . LEU A 1 128 ? 4.623   -5.760  -6.552  1.00 28.33 ? 128 LEU A CD1 1 
ATOM   905  C  CD2 . LEU A 1 128 ? 5.149   -7.036  -8.636  1.00 30.13 ? 128 LEU A CD2 1 
ATOM   906  N  N   . GLY A 1 129 ? 9.495   -9.210  -6.222  1.00 27.14 ? 129 GLY A N   1 
ATOM   907  C  CA  . GLY A 1 129 ? 10.926  -9.183  -5.962  1.00 26.83 ? 129 GLY A CA  1 
ATOM   908  C  C   . GLY A 1 129 ? 11.390  -8.813  -4.564  1.00 26.72 ? 129 GLY A C   1 
ATOM   909  O  O   . GLY A 1 129 ? 12.593  -8.728  -4.313  1.00 27.83 ? 129 GLY A O   1 
ATOM   910  N  N   . PHE A 1 130 ? 10.454  -8.586  -3.652  1.00 24.74 ? 130 PHE A N   1 
ATOM   911  C  CA  . PHE A 1 130 ? 10.808  -8.223  -2.280  1.00 24.00 ? 130 PHE A CA  1 
ATOM   912  C  C   . PHE A 1 130 ? 11.428  -9.363  -1.488  1.00 24.40 ? 130 PHE A C   1 
ATOM   913  O  O   . PHE A 1 130 ? 10.968  -10.499 -1.559  1.00 25.79 ? 130 PHE A O   1 
ATOM   914  C  CB  . PHE A 1 130 ? 9.571   -7.735  -1.532  1.00 23.28 ? 130 PHE A CB  1 
ATOM   915  C  CG  . PHE A 1 130 ? 9.169   -6.344  -1.883  1.00 20.02 ? 130 PHE A CG  1 
ATOM   916  C  CD1 . PHE A 1 130 ? 9.565   -5.273  -1.087  1.00 21.46 ? 130 PHE A CD1 1 
ATOM   917  C  CD2 . PHE A 1 130 ? 8.406   -6.096  -3.015  1.00 21.75 ? 130 PHE A CD2 1 
ATOM   918  C  CE1 . PHE A 1 130 ? 9.199   -3.970  -1.417  1.00 22.76 ? 130 PHE A CE1 1 
ATOM   919  C  CE2 . PHE A 1 130 ? 8.035   -4.795  -3.356  1.00 20.49 ? 130 PHE A CE2 1 
ATOM   920  C  CZ  . PHE A 1 130 ? 8.433   -3.733  -2.551  1.00 20.35 ? 130 PHE A CZ  1 
ATOM   921  N  N   . LYS A 1 131 ? 12.478  -9.046  -0.737  1.00 24.08 ? 131 LYS A N   1 
ATOM   922  C  CA  . LYS A 1 131 ? 13.138  -10.032 0.112   1.00 23.54 ? 131 LYS A CA  1 
ATOM   923  C  C   . LYS A 1 131 ? 12.371  -9.997  1.434   1.00 22.47 ? 131 LYS A C   1 
ATOM   924  O  O   . LYS A 1 131 ? 12.291  -8.954  2.086   1.00 22.13 ? 131 LYS A O   1 
ATOM   925  C  CB  . LYS A 1 131 ? 14.589  -9.646  0.332   1.00 25.08 ? 131 LYS A CB  1 
HETATM 926  N  N   . MSE A 1 132 ? 11.811  -11.136 1.823   1.00 22.88 ? 132 MSE A N   1 
HETATM 927  C  CA  . MSE A 1 132 ? 11.016  -11.225 3.044   1.00 23.56 ? 132 MSE A CA  1 
HETATM 928  C  C   . MSE A 1 132 ? 11.750  -11.672 4.303   1.00 23.92 ? 132 MSE A C   1 
HETATM 929  O  O   . MSE A 1 132 ? 12.663  -12.499 4.254   1.00 23.65 ? 132 MSE A O   1 
HETATM 930  C  CB  . MSE A 1 132 ? 9.841   -12.182 2.828   1.00 25.28 ? 132 MSE A CB  1 
HETATM 931  C  CG  . MSE A 1 132 ? 9.014   -11.926 1.585   1.00 28.55 ? 132 MSE A CG  1 
HETATM 932  SE SE  . MSE A 1 132 ? 8.147   -10.199 1.603   1.00 32.60 ? 132 MSE A SE  1 
HETATM 933  C  CE  . MSE A 1 132 ? 7.011   -10.435 3.149   1.00 29.51 ? 132 MSE A CE  1 
ATOM   934  N  N   . ARG A 1 133 ? 11.333  -11.114 5.436   1.00 22.45 ? 133 ARG A N   1 
ATOM   935  C  CA  . ARG A 1 133 ? 11.873  -11.484 6.739   1.00 23.56 ? 133 ARG A CA  1 
ATOM   936  C  C   . ARG A 1 133 ? 10.645  -11.793 7.595   1.00 22.35 ? 133 ARG A C   1 
ATOM   937  O  O   . ARG A 1 133 ? 9.812   -10.919 7.831   1.00 21.57 ? 133 ARG A O   1 
ATOM   938  C  CB  . ARG A 1 133 ? 12.688  -10.341 7.343   1.00 25.58 ? 133 ARG A CB  1 
ATOM   939  C  CG  . ARG A 1 133 ? 14.162  -10.677 7.492   1.00 33.93 ? 133 ARG A CG  1 
ATOM   940  C  CD  . ARG A 1 133 ? 15.058  -9.544  7.025   1.00 39.16 ? 133 ARG A CD  1 
ATOM   941  N  NE  . ARG A 1 133 ? 15.015  -9.381  5.576   1.00 44.96 ? 133 ARG A NE  1 
ATOM   942  C  CZ  . ARG A 1 133 ? 15.685  -8.448  4.907   1.00 46.44 ? 133 ARG A CZ  1 
ATOM   943  N  NH1 . ARG A 1 133 ? 16.456  -7.586  5.558   1.00 48.24 ? 133 ARG A NH1 1 
ATOM   944  N  NH2 . ARG A 1 133 ? 15.581  -8.373  3.588   1.00 48.09 ? 133 ARG A NH2 1 
ATOM   945  N  N   . PHE A 1 134 ? 10.523  -13.043 8.034   1.00 21.86 ? 134 PHE A N   1 
ATOM   946  C  CA  . PHE A 1 134 ? 9.372   -13.465 8.828   1.00 21.48 ? 134 PHE A CA  1 
ATOM   947  C  C   . PHE A 1 134 ? 9.589   -13.549 10.340  1.00 21.94 ? 134 PHE A C   1 
ATOM   948  O  O   . PHE A 1 134 ? 10.663  -13.916 10.811  1.00 22.22 ? 134 PHE A O   1 
ATOM   949  C  CB  . PHE A 1 134 ? 8.860   -14.834 8.345   1.00 19.85 ? 134 PHE A CB  1 
ATOM   950  C  CG  . PHE A 1 134 ? 8.364   -14.847 6.921   1.00 20.89 ? 134 PHE A CG  1 
ATOM   951  C  CD1 . PHE A 1 134 ? 7.715   -13.743 6.371   1.00 21.46 ? 134 PHE A CD1 1 
ATOM   952  C  CD2 . PHE A 1 134 ? 8.486   -15.997 6.149   1.00 19.69 ? 134 PHE A CD2 1 
ATOM   953  C  CE1 . PHE A 1 134 ? 7.193   -13.789 5.076   1.00 21.90 ? 134 PHE A CE1 1 
ATOM   954  C  CE2 . PHE A 1 134 ? 7.967   -16.053 4.855   1.00 22.08 ? 134 PHE A CE2 1 
ATOM   955  C  CZ  . PHE A 1 134 ? 7.315   -14.944 4.318   1.00 22.14 ? 134 PHE A CZ  1 
ATOM   956  N  N   . TYR A 1 135 ? 8.533   -13.225 11.079  1.00 22.39 ? 135 TYR A N   1 
ATOM   957  C  CA  . TYR A 1 135 ? 8.503   -13.265 12.539  1.00 24.06 ? 135 TYR A CA  1 
ATOM   958  C  C   . TYR A 1 135 ? 7.062   -13.608 12.914  1.00 24.44 ? 135 TYR A C   1 
ATOM   959  O  O   . TYR A 1 135 ? 6.167   -13.515 12.075  1.00 25.05 ? 135 TYR A O   1 
ATOM   960  C  CB  . TYR A 1 135 ? 8.860   -11.896 13.126  1.00 23.77 ? 135 TYR A CB  1 
ATOM   961  C  CG  . TYR A 1 135 ? 10.209  -11.379 12.687  1.00 25.45 ? 135 TYR A CG  1 
ATOM   962  C  CD1 . TYR A 1 135 ? 11.379  -11.786 13.327  1.00 25.86 ? 135 TYR A CD1 1 
ATOM   963  C  CD2 . TYR A 1 135 ? 10.317  -10.495 11.615  1.00 25.96 ? 135 TYR A CD2 1 
ATOM   964  C  CE1 . TYR A 1 135 ? 12.623  -11.325 12.910  1.00 26.89 ? 135 TYR A CE1 1 
ATOM   965  C  CE2 . TYR A 1 135 ? 11.555  -10.031 11.188  1.00 27.21 ? 135 TYR A CE2 1 
ATOM   966  C  CZ  . TYR A 1 135 ? 12.702  -10.446 11.840  1.00 27.63 ? 135 TYR A CZ  1 
ATOM   967  O  OH  . TYR A 1 135 ? 13.923  -9.966  11.437  1.00 28.63 ? 135 TYR A OH  1 
ATOM   968  N  N   . GLU A 1 136 ? 6.830   -14.001 14.159  1.00 24.84 ? 136 GLU A N   1 
ATOM   969  C  CA  . GLU A 1 136 ? 5.474   -14.334 14.597  1.00 28.55 ? 136 GLU A CA  1 
ATOM   970  C  C   . GLU A 1 136 ? 4.571   -13.103 14.683  1.00 29.24 ? 136 GLU A C   1 
ATOM   971  O  O   . GLU A 1 136 ? 3.390   -13.163 14.347  1.00 30.34 ? 136 GLU A O   1 
ATOM   972  C  CB  . GLU A 1 136 ? 5.499   -15.013 15.967  1.00 29.77 ? 136 GLU A CB  1 
ATOM   973  C  CG  . GLU A 1 136 ? 5.905   -16.472 15.952  1.00 31.86 ? 136 GLU A CG  1 
ATOM   974  C  CD  . GLU A 1 136 ? 4.948   -17.332 15.153  1.00 32.43 ? 136 GLU A CD  1 
ATOM   975  O  OE1 . GLU A 1 136 ? 3.724   -17.219 15.363  1.00 33.90 ? 136 GLU A OE1 1 
ATOM   976  O  OE2 . GLU A 1 136 ? 5.422   -18.125 14.318  1.00 34.56 ? 136 GLU A OE2 1 
ATOM   977  N  N   . ASP A 1 137 ? 5.136   -11.988 15.135  1.00 29.23 ? 137 ASP A N   1 
ATOM   978  C  CA  . ASP A 1 137 ? 4.375   -10.755 15.297  1.00 30.22 ? 137 ASP A CA  1 
ATOM   979  C  C   . ASP A 1 137 ? 4.314   -9.884  14.053  1.00 29.20 ? 137 ASP A C   1 
ATOM   980  O  O   . ASP A 1 137 ? 3.496   -8.969  13.982  1.00 28.40 ? 137 ASP A O   1 
ATOM   981  C  CB  . ASP A 1 137 ? 4.957   -9.923  16.442  1.00 33.82 ? 137 ASP A CB  1 
ATOM   982  C  CG  . ASP A 1 137 ? 4.817   -10.600 17.787  1.00 39.16 ? 137 ASP A CG  1 
ATOM   983  O  OD1 . ASP A 1 137 ? 3.674   -10.925 18.174  1.00 41.76 ? 137 ASP A OD1 1 
ATOM   984  O  OD2 . ASP A 1 137 ? 5.851   -10.802 18.463  1.00 43.79 ? 137 ASP A OD2 1 
ATOM   985  N  N   . GLU A 1 138 ? 5.174   -10.153 13.077  1.00 27.05 ? 138 GLU A N   1 
ATOM   986  C  CA  . GLU A 1 138 ? 5.183   -9.333  11.873  1.00 26.38 ? 138 GLU A CA  1 
ATOM   987  C  C   . GLU A 1 138 ? 6.084   -9.880  10.780  1.00 24.25 ? 138 GLU A C   1 
ATOM   988  O  O   . GLU A 1 138 ? 6.871   -10.802 10.998  1.00 24.05 ? 138 GLU A O   1 
ATOM   989  C  CB  . GLU A 1 138 ? 5.645   -7.914  12.222  1.00 30.05 ? 138 GLU A CB  1 
ATOM   990  C  CG  . GLU A 1 138 ? 7.091   -7.850  12.707  1.00 35.06 ? 138 GLU A CG  1 
ATOM   991  C  CD  . GLU A 1 138 ? 7.533   -6.452  13.103  1.00 38.14 ? 138 GLU A CD  1 
ATOM   992  O  OE1 . GLU A 1 138 ? 6.939   -5.879  14.041  1.00 42.13 ? 138 GLU A OE1 1 
ATOM   993  O  OE2 . GLU A 1 138 ? 8.480   -5.925  12.479  1.00 37.62 ? 138 GLU A OE2 1 
ATOM   994  N  N   . VAL A 1 139 ? 5.941   -9.304  9.593   1.00 20.58 ? 139 VAL A N   1 
ATOM   995  C  CA  . VAL A 1 139 ? 6.762   -9.671  8.457   1.00 20.04 ? 139 VAL A CA  1 
ATOM   996  C  C   . VAL A 1 139 ? 7.263   -8.370  7.850   1.00 20.08 ? 139 VAL A C   1 
ATOM   997  O  O   . VAL A 1 139 ? 6.590   -7.337  7.900   1.00 18.24 ? 139 VAL A O   1 
ATOM   998  C  CB  . VAL A 1 139 ? 5.984   -10.488 7.406   1.00 21.04 ? 139 VAL A CB  1 
ATOM   999  C  CG1 . VAL A 1 139 ? 5.403   -11.735 8.059   1.00 20.34 ? 139 VAL A CG1 1 
ATOM   1000 C  CG2 . VAL A 1 139 ? 4.899   -9.647  6.781   1.00 24.23 ? 139 VAL A CG2 1 
ATOM   1001 N  N   . TYR A 1 140 ? 8.461   -8.432  7.291   1.00 18.83 ? 140 TYR A N   1 
ATOM   1002 C  CA  . TYR A 1 140 ? 9.099   -7.275  6.698   1.00 21.37 ? 140 TYR A CA  1 
ATOM   1003 C  C   . TYR A 1 140 ? 9.563   -7.627  5.299   1.00 21.27 ? 140 TYR A C   1 
ATOM   1004 O  O   . TYR A 1 140 ? 10.262  -8.621  5.100   1.00 22.46 ? 140 TYR A O   1 
ATOM   1005 C  CB  . TYR A 1 140 ? 10.292  -6.860  7.565   1.00 21.13 ? 140 TYR A CB  1 
ATOM   1006 C  CG  . TYR A 1 140 ? 11.162  -5.770  6.977   1.00 24.73 ? 140 TYR A CG  1 
ATOM   1007 C  CD1 . TYR A 1 140 ? 10.688  -4.468  6.843   1.00 25.11 ? 140 TYR A CD1 1 
ATOM   1008 C  CD2 . TYR A 1 140 ? 12.474  -6.036  6.589   1.00 24.44 ? 140 TYR A CD2 1 
ATOM   1009 C  CE1 . TYR A 1 140 ? 11.500  -3.453  6.343   1.00 27.71 ? 140 TYR A CE1 1 
ATOM   1010 C  CE2 . TYR A 1 140 ? 13.295  -5.028  6.083   1.00 26.67 ? 140 TYR A CE2 1 
ATOM   1011 C  CZ  . TYR A 1 140 ? 12.801  -3.739  5.967   1.00 26.39 ? 140 TYR A CZ  1 
ATOM   1012 O  OH  . TYR A 1 140 ? 13.609  -2.731  5.494   1.00 28.77 ? 140 TYR A OH  1 
ATOM   1013 N  N   . GLY A 1 141 ? 9.147   -6.817  4.332   1.00 20.65 ? 141 GLY A N   1 
ATOM   1014 C  CA  . GLY A 1 141 ? 9.545   -7.026  2.954   1.00 20.36 ? 141 GLY A CA  1 
ATOM   1015 C  C   . GLY A 1 141 ? 10.377  -5.832  2.540   1.00 23.87 ? 141 GLY A C   1 
ATOM   1016 O  O   . GLY A 1 141 ? 10.093  -4.698  2.949   1.00 22.63 ? 141 GLY A O   1 
ATOM   1017 N  N   . GLU A 1 142 ? 11.398  -6.071  1.722   1.00 23.52 ? 142 GLU A N   1 
ATOM   1018 C  CA  . GLU A 1 142 ? 12.281  -4.993  1.298   1.00 25.47 ? 142 GLU A CA  1 
ATOM   1019 C  C   . GLU A 1 142 ? 12.899  -5.244  -0.070  1.00 25.87 ? 142 GLU A C   1 
ATOM   1020 O  O   . GLU A 1 142 ? 13.163  -6.388  -0.447  1.00 25.17 ? 142 GLU A O   1 
ATOM   1021 C  CB  . GLU A 1 142 ? 13.398  -4.844  2.333   1.00 29.53 ? 142 GLU A CB  1 
ATOM   1022 C  CG  . GLU A 1 142 ? 14.397  -3.739  2.063   1.00 34.96 ? 142 GLU A CG  1 
ATOM   1023 C  CD  . GLU A 1 142 ? 15.604  -3.833  2.978   1.00 39.10 ? 142 GLU A CD  1 
ATOM   1024 O  OE1 . GLU A 1 142 ? 16.454  -4.723  2.750   1.00 42.06 ? 142 GLU A OE1 1 
ATOM   1025 O  OE2 . GLU A 1 142 ? 15.699  -3.029  3.933   1.00 41.10 ? 142 GLU A OE2 1 
HETATM 1026 N  N   . MSE A 1 143 ? 13.123  -4.169  -0.818  1.00 26.95 ? 143 MSE A N   1 
HETATM 1027 C  CA  . MSE A 1 143 ? 13.763  -4.286  -2.118  1.00 28.98 ? 143 MSE A CA  1 
HETATM 1028 C  C   . MSE A 1 143 ? 14.704  -3.104  -2.345  1.00 29.08 ? 143 MSE A C   1 
HETATM 1029 O  O   . MSE A 1 143 ? 14.305  -1.942  -2.253  1.00 28.18 ? 143 MSE A O   1 
HETATM 1030 C  CB  . MSE A 1 143 ? 12.727  -4.363  -3.238  1.00 30.79 ? 143 MSE A CB  1 
HETATM 1031 C  CG  . MSE A 1 143 ? 13.277  -5.020  -4.510  1.00 33.31 ? 143 MSE A CG  1 
HETATM 1032 SE SE  . MSE A 1 143 ? 11.919  -5.497  -5.735  1.00 44.97 ? 143 MSE A SE  1 
HETATM 1033 C  CE  . MSE A 1 143 ? 11.280  -3.715  -6.045  1.00 18.85 ? 143 MSE A CE  1 
ATOM   1034 N  N   . ARG A 1 144 ? 15.963  -3.412  -2.627  1.00 30.50 ? 144 ARG A N   1 
ATOM   1035 C  CA  . ARG A 1 144 ? 16.952  -2.378  -2.879  1.00 31.41 ? 144 ARG A CA  1 
ATOM   1036 C  C   . ARG A 1 144 ? 16.778  -1.955  -4.325  1.00 32.34 ? 144 ARG A C   1 
ATOM   1037 O  O   . ARG A 1 144 ? 16.744  -2.795  -5.223  1.00 33.12 ? 144 ARG A O   1 
ATOM   1038 C  CB  . ARG A 1 144 ? 18.359  -2.923  -2.652  1.00 33.07 ? 144 ARG A CB  1 
ATOM   1039 N  N   . LEU A 1 145 ? 16.648  -0.655  -4.552  1.00 33.00 ? 145 LEU A N   1 
ATOM   1040 C  CA  . LEU A 1 145 ? 16.477  -0.157  -5.908  1.00 33.66 ? 145 LEU A CA  1 
ATOM   1041 C  C   . LEU A 1 145 ? 17.807  0.332   -6.472  1.00 36.11 ? 145 LEU A C   1 
ATOM   1042 O  O   . LEU A 1 145 ? 18.088  0.156   -7.654  1.00 37.18 ? 145 LEU A O   1 
ATOM   1043 C  CB  . LEU A 1 145 ? 15.467  0.985   -5.926  1.00 31.24 ? 145 LEU A CB  1 
ATOM   1044 C  CG  . LEU A 1 145 ? 14.061  0.717   -5.388  1.00 29.21 ? 145 LEU A CG  1 
ATOM   1045 C  CD1 . LEU A 1 145 ? 13.271  2.011   -5.461  1.00 28.83 ? 145 LEU A CD1 1 
ATOM   1046 C  CD2 . LEU A 1 145 ? 13.371  -0.374  -6.191  1.00 27.71 ? 145 LEU A CD2 1 
ATOM   1047 N  N   . THR A 1 146 ? 18.618  0.945   -5.617  1.00 38.91 ? 146 THR A N   1 
ATOM   1048 C  CA  . THR A 1 146 ? 19.916  1.469   -6.026  1.00 42.50 ? 146 THR A CA  1 
ATOM   1049 C  C   . THR A 1 146 ? 21.055  0.561   -5.572  1.00 43.02 ? 146 THR A C   1 
ATOM   1050 O  O   . THR A 1 146 ? 21.843  0.131   -6.441  1.00 44.28 ? 146 THR A O   1 
ATOM   1051 C  CB  . THR A 1 146 ? 20.149  2.877   -5.448  1.00 43.96 ? 146 THR A CB  1 
ATOM   1052 O  OG1 . THR A 1 146 ? 20.053  2.831   -4.021  1.00 46.95 ? 146 THR A OG1 1 
ATOM   1053 C  CG2 . THR A 1 146 ? 19.111  3.850   -5.987  1.00 45.93 ? 146 THR A CG2 1 
HETATM 1054 N  N1A . COA B 2 .   ? -5.903  -16.442 -0.215  1.00 37.37 ? 301 COA A N1A 1 
HETATM 1055 C  C2A . COA B 2 .   ? -4.959  -16.463 -0.825  1.00 36.59 ? 301 COA A C2A 1 
HETATM 1056 N  N3A . COA B 2 .   ? -4.469  -15.753 -1.675  1.00 35.06 ? 301 COA A N3A 1 
HETATM 1057 C  C4A . COA B 2 .   ? -5.318  -14.682 -1.897  1.00 34.14 ? 301 COA A C4A 1 
HETATM 1058 C  C5A . COA B 2 .   ? -6.585  -14.408 -1.253  1.00 34.67 ? 301 COA A C5A 1 
HETATM 1059 C  C6A . COA B 2 .   ? -7.016  -15.435 -0.213  1.00 37.65 ? 301 COA A C6A 1 
HETATM 1060 N  N6A . COA B 2 .   ? -8.129  -15.321 0.441   1.00 39.40 ? 301 COA A N6A 1 
HETATM 1061 N  N7A . COA B 2 .   ? -7.153  -13.267 -1.713  1.00 35.47 ? 301 COA A N7A 1 
HETATM 1062 C  C8A . COA B 2 .   ? -6.282  -12.795 -2.641  1.00 34.83 ? 301 COA A C8A 1 
HETATM 1063 N  N9A . COA B 2 .   ? -5.150  -13.609 -2.797  1.00 34.10 ? 301 COA A N9A 1 
HETATM 1064 C  C1B . COA B 2 .   ? -3.981  -13.408 -3.736  1.00 34.65 ? 301 COA A C1B 1 
HETATM 1065 C  C2B . COA B 2 .   ? -4.371  -13.094 -5.161  1.00 37.03 ? 301 COA A C2B 1 
HETATM 1066 O  O2B . COA B 2 .   ? -5.001  -14.243 -5.714  1.00 38.26 ? 301 COA A O2B 1 
HETATM 1067 C  C3B . COA B 2 .   ? -3.029  -12.703 -5.812  1.00 37.05 ? 301 COA A C3B 1 
HETATM 1068 O  O3B . COA B 2 .   ? -2.309  -13.848 -6.173  1.00 43.10 ? 301 COA A O3B 1 
HETATM 1069 P  P3B . COA B 2 .   ? -0.848  -13.584 -6.956  1.00 44.90 ? 301 COA A P3B 1 
HETATM 1070 O  O7A . COA B 2 .   ? -1.255  -12.937 -8.360  1.00 47.71 ? 301 COA A O7A 1 
HETATM 1071 O  O8A . COA B 2 .   ? -0.117  -14.970 -7.304  1.00 47.60 ? 301 COA A O8A 1 
HETATM 1072 O  O9A . COA B 2 .   ? 0.061   -12.586 -6.109  1.00 47.56 ? 301 COA A O9A 1 
HETATM 1073 C  C4B . COA B 2 .   ? -2.447  -11.803 -4.675  1.00 35.64 ? 301 COA A C4B 1 
HETATM 1074 O  O4B . COA B 2 .   ? -3.120  -12.277 -3.400  1.00 34.58 ? 301 COA A O4B 1 
HETATM 1075 C  C5B . COA B 2 .   ? -2.643  -10.270 -4.772  1.00 33.12 ? 301 COA A C5B 1 
HETATM 1076 O  O5B . COA B 2 .   ? -3.880  -9.989  -5.487  1.00 27.14 ? 301 COA A O5B 1 
HETATM 1077 P  P1A . COA B 2 .   ? -4.228  -8.479  -6.008  1.00 21.00 ? 301 COA A P1A 1 
HETATM 1078 O  O1A . COA B 2 .   ? -5.557  -8.562  -6.673  1.00 18.58 ? 301 COA A O1A 1 
HETATM 1079 O  O2A . COA B 2 .   ? -3.131  -7.919  -6.880  1.00 19.46 ? 301 COA A O2A 1 
HETATM 1080 O  O3A . COA B 2 .   ? -4.379  -7.638  -4.771  1.00 19.18 ? 301 COA A O3A 1 
HETATM 1081 P  P2A . COA B 2 .   ? -5.692  -6.992  -4.050  1.00 18.02 ? 301 COA A P2A 1 
HETATM 1082 O  O4A . COA B 2 .   ? -6.695  -8.055  -3.681  1.00 17.42 ? 301 COA A O4A 1 
HETATM 1083 O  O5A . COA B 2 .   ? -6.399  -5.969  -4.906  1.00 17.56 ? 301 COA A O5A 1 
HETATM 1084 O  O6A . COA B 2 .   ? -4.986  -6.268  -2.797  1.00 17.46 ? 301 COA A O6A 1 
HETATM 1085 C  CBP . COA B 2 .   ? -4.251  -6.133  -0.456  1.00 16.04 ? 301 COA A CBP 1 
HETATM 1086 C  CCP . COA B 2 .   ? -4.184  -6.932  -1.803  1.00 15.30 ? 301 COA A CCP 1 
HETATM 1087 C  CDP . COA B 2 .   ? -3.339  -6.786  0.659   1.00 16.99 ? 301 COA A CDP 1 
HETATM 1088 C  CEP . COA B 2 .   ? -3.787  -4.704  -0.863  1.00 17.20 ? 301 COA A CEP 1 
HETATM 1089 C  CAP . COA B 2 .   ? -5.792  -6.243  0.005   1.00 17.35 ? 301 COA A CAP 1 
HETATM 1090 O  OAP . COA B 2 .   ? -6.152  -7.616  0.388   1.00 17.88 ? 301 COA A OAP 1 
HETATM 1091 C  C9P . COA B 2 .   ? -6.105  -5.299  1.173   1.00 17.58 ? 301 COA A C9P 1 
HETATM 1092 O  O9P . COA B 2 .   ? -6.522  -4.046  0.910   1.00 18.68 ? 301 COA A O9P 1 
HETATM 1093 N  N8P . COA B 2 .   ? -5.913  -5.786  2.383   1.00 18.52 ? 301 COA A N8P 1 
HETATM 1094 C  C7P . COA B 2 .   ? -6.130  -5.039  3.650   1.00 19.48 ? 301 COA A C7P 1 
HETATM 1095 C  C6P . COA B 2 .   ? -5.058  -3.957  3.823   1.00 17.05 ? 301 COA A C6P 1 
HETATM 1096 C  C5P . COA B 2 .   ? -3.667  -4.538  3.847   1.00 19.82 ? 301 COA A C5P 1 
HETATM 1097 O  O5P . COA B 2 .   ? -3.404  -5.738  4.250   1.00 18.21 ? 301 COA A O5P 1 
HETATM 1098 N  N4P . COA B 2 .   ? -2.752  -3.693  3.415   1.00 20.12 ? 301 COA A N4P 1 
HETATM 1099 C  C3P . COA B 2 .   ? -1.252  -3.967  3.324   1.00 22.44 ? 301 COA A C3P 1 
HETATM 1100 C  C2P . COA B 2 .   ? -0.293  -3.094  3.564   1.00 23.31 ? 301 COA A C2P 1 
HETATM 1101 S  S1P . COA B 2 .   ? 1.647   -3.473  3.459   1.00 23.59 ? 301 COA A S1P 1 
HETATM 1102 O  O   . HOH C 3 .   ? -12.653 14.643  -1.990  1.00 40.86 ? 161 HOH A O   1 
HETATM 1103 O  O   . HOH C 3 .   ? -14.552 7.730   -1.888  1.00 29.11 ? 162 HOH A O   1 
HETATM 1104 O  O   . HOH C 3 .   ? -13.357 -5.689  5.227   1.00 36.76 ? 163 HOH A O   1 
HETATM 1105 O  O   . HOH C 3 .   ? 0.278   -4.225  6.919   1.00 17.91 ? 164 HOH A O   1 
HETATM 1106 O  O   . HOH C 3 .   ? 3.907   12.622  4.885   1.00 54.14 ? 165 HOH A O   1 
HETATM 1107 O  O   . HOH C 3 .   ? 0.177   12.735  -3.476  1.00 33.74 ? 166 HOH A O   1 
HETATM 1108 O  O   . HOH C 3 .   ? 4.189   -1.021  5.344   1.00 20.46 ? 167 HOH A O   1 
HETATM 1109 O  O   . HOH C 3 .   ? -13.747 -8.265  -6.737  1.00 36.63 ? 168 HOH A O   1 
HETATM 1110 O  O   . HOH C 3 .   ? -8.037  -6.127  -6.975  1.00 18.43 ? 169 HOH A O   1 
HETATM 1111 O  O   . HOH C 3 .   ? -0.597  -16.223 5.933   1.00 40.13 ? 170 HOH A O   1 
HETATM 1112 O  O   . HOH C 3 .   ? -6.575  -9.672  -1.436  1.00 19.22 ? 171 HOH A O   1 
HETATM 1113 O  O   . HOH C 3 .   ? 12.743  -14.787 3.019   1.00 29.10 ? 172 HOH A O   1 
HETATM 1114 O  O   . HOH C 3 .   ? 12.289  -15.095 7.329   1.00 33.70 ? 173 HOH A O   1 
HETATM 1115 O  O   . HOH C 3 .   ? 13.703  -7.722  9.716   1.00 44.18 ? 174 HOH A O   1 
HETATM 1116 O  O   . HOH C 3 .   ? 11.964  -13.514 0.129   1.00 43.79 ? 175 HOH A O   1 
HETATM 1117 O  O   . HOH C 3 .   ? 13.178  -13.963 9.686   1.00 40.17 ? 176 HOH A O   1 
HETATM 1118 O  O   . HOH C 3 .   ? -5.185  -8.583  2.888   1.00 24.01 ? 177 HOH A O   1 
HETATM 1119 O  O   . HOH C 3 .   ? -4.633  8.740   4.066   1.00 24.24 ? 178 HOH A O   1 
HETATM 1120 O  O   . HOH C 3 .   ? 0.977   4.814   6.219   1.00 47.18 ? 179 HOH A O   1 
HETATM 1121 O  O   . HOH C 3 .   ? -5.198  -11.112 -8.268  1.00 35.26 ? 180 HOH A O   1 
HETATM 1122 O  O   . HOH C 3 .   ? -6.012  -10.533 -11.130 1.00 38.04 ? 181 HOH A O   1 
HETATM 1123 O  O   . HOH C 3 .   ? 10.812  -12.345 -3.691  1.00 36.13 ? 182 HOH A O   1 
HETATM 1124 O  O   . HOH C 3 .   ? 9.211   0.452   -11.956 1.00 26.16 ? 183 HOH A O   1 
HETATM 1125 O  O   . HOH C 3 .   ? 6.747   -1.089  -11.191 1.00 38.94 ? 184 HOH A O   1 
HETATM 1126 O  O   . HOH C 3 .   ? 6.198   -3.437  12.195  1.00 28.68 ? 185 HOH A O   1 
HETATM 1127 O  O   . HOH C 3 .   ? 7.414   5.636   6.881   1.00 35.42 ? 186 HOH A O   1 
HETATM 1128 O  O   . HOH C 3 .   ? -1.126  15.365  -1.281  1.00 48.81 ? 187 HOH A O   1 
HETATM 1129 O  O   . HOH C 3 .   ? -8.752  11.374  4.345   1.00 39.59 ? 188 HOH A O   1 
HETATM 1130 O  O   . HOH C 3 .   ? -5.972  11.223  3.467   1.00 45.21 ? 189 HOH A O   1 
HETATM 1131 O  O   . HOH C 3 .   ? 8.717   3.696   19.007  1.00 42.93 ? 190 HOH A O   1 
HETATM 1132 O  O   . HOH C 3 .   ? 1.256   3.809   23.621  1.00 33.04 ? 191 HOH A O   1 
HETATM 1133 O  O   . HOH C 3 .   ? -13.021 -3.473  2.537   1.00 29.89 ? 192 HOH A O   1 
HETATM 1134 O  O   . HOH C 3 .   ? 0.714   -12.430 14.344  1.00 38.85 ? 193 HOH A O   1 
HETATM 1135 O  O   . HOH C 3 .   ? 0.079   -5.166  -12.595 1.00 41.96 ? 194 HOH A O   1 
HETATM 1136 O  O   . HOH C 3 .   ? -10.014 -11.692 5.996   1.00 55.97 ? 195 HOH A O   1 
HETATM 1137 O  O   . HOH C 3 .   ? 10.175  2.640   8.230   1.00 58.04 ? 196 HOH A O   1 
HETATM 1138 O  O   . HOH C 3 .   ? -2.333  -6.181  -11.595 1.00 27.51 ? 197 HOH A O   1 
HETATM 1139 O  O   . HOH C 3 .   ? -15.120 -3.470  4.085   1.00 38.72 ? 198 HOH A O   1 
HETATM 1140 O  O   . HOH C 3 .   ? -8.254  -0.044  13.154  1.00 30.42 ? 199 HOH A O   1 
HETATM 1141 O  O   . HOH C 3 .   ? 16.064  0.122   -9.202  1.00 45.38 ? 200 HOH A O   1 
HETATM 1142 O  O   . HOH C 3 .   ? -7.620  -1.336  15.313  1.00 43.78 ? 201 HOH A O   1 
HETATM 1143 O  O   . HOH C 3 .   ? -8.534  -5.138  14.243  1.00 40.75 ? 202 HOH A O   1 
HETATM 1144 O  O   . HOH C 3 .   ? -2.057  -8.862  -11.358 1.00 41.22 ? 203 HOH A O   1 
HETATM 1145 O  O   . HOH C 3 .   ? -18.099 5.540   3.210   1.00 36.73 ? 204 HOH A O   1 
HETATM 1146 O  O   . HOH C 3 .   ? -18.669 8.094   4.988   1.00 46.56 ? 205 HOH A O   1 
HETATM 1147 O  O   . HOH C 3 .   ? -8.547  -11.080 -0.582  1.00 36.04 ? 206 HOH A O   1 
HETATM 1148 O  O   . HOH C 3 .   ? 16.407  -6.135  -2.598  1.00 44.07 ? 207 HOH A O   1 
HETATM 1149 O  O   . HOH C 3 .   ? -2.111  11.565  -11.456 1.00 41.33 ? 208 HOH A O   1 
HETATM 1150 O  O   . HOH C 3 .   ? 2.674   0.558   23.345  1.00 45.63 ? 209 HOH A O   1 
HETATM 1151 O  O   . HOH C 3 .   ? -18.068 -1.866  3.052   1.00 46.88 ? 210 HOH A O   1 
HETATM 1152 O  O   . HOH C 3 .   ? 2.063   16.404  3.320   1.00 54.28 ? 211 HOH A O   1 
HETATM 1153 O  O   . HOH C 3 .   ? -2.805  11.894  1.144   1.00 53.73 ? 212 HOH A O   1 
HETATM 1154 O  O   . HOH C 3 .   ? -4.140  -16.222 6.531   1.00 43.45 ? 213 HOH A O   1 
HETATM 1155 O  O   . HOH C 3 .   ? 9.118   -5.494  -9.437  1.00 42.28 ? 214 HOH A O   1 
HETATM 1156 O  O   . HOH C 3 .   ? 10.967  -3.555  -9.928  1.00 48.70 ? 215 HOH A O   1 
HETATM 1157 O  O   . HOH C 3 .   ? -4.326  -17.859 3.682   1.00 46.87 ? 216 HOH A O   1 
HETATM 1158 O  O   . HOH C 3 .   ? -7.086  -19.321 1.014   1.00 50.74 ? 217 HOH A O   1 
HETATM 1159 O  O   . HOH C 3 .   ? -15.180 4.898   -1.687  1.00 30.27 ? 218 HOH A O   1 
HETATM 1160 O  O   . HOH C 3 .   ? 16.495  -6.462  0.759   1.00 50.26 ? 219 HOH A O   1 
HETATM 1161 O  O   . HOH C 3 .   ? 1.830   -7.665  15.735  1.00 50.55 ? 220 HOH A O   1 
HETATM 1162 O  O   . HOH C 3 .   ? -9.755  -9.979  1.383   1.00 42.38 ? 221 HOH A O   1 
HETATM 1163 O  O   . HOH C 3 .   ? 10.379  -14.600 -2.102  1.00 44.75 ? 222 HOH A O   1 
HETATM 1164 O  O   . HOH C 3 .   ? 14.069  -1.648  8.510   1.00 53.73 ? 223 HOH A O   1 
HETATM 1165 O  O   . HOH C 3 .   ? 7.326   -3.597  -10.804 1.00 42.28 ? 224 HOH A O   1 
HETATM 1166 O  O   . HOH C 3 .   ? -12.128 15.876  -6.293  1.00 45.38 ? 225 HOH A O   1 
HETATM 1167 O  O   . HOH C 3 .   ? -17.111 8.436   -1.652  1.00 41.17 ? 226 HOH A O   1 
HETATM 1168 O  O   . HOH C 3 .   ? -18.505 1.123   -4.413  1.00 46.56 ? 227 HOH A O   1 
HETATM 1169 O  O   . HOH C 3 .   ? -4.515  -5.200  -13.736 1.00 45.31 ? 228 HOH A O   1 
HETATM 1170 O  O   . HOH C 3 .   ? -14.226 -4.647  16.275  1.00 52.94 ? 229 HOH A O   1 
HETATM 1171 O  O   . HOH C 3 .   ? 12.836  -3.673  10.681  1.00 48.79 ? 230 HOH A O   1 
HETATM 1172 O  O   . HOH C 3 .   ? 10.727  -12.496 -7.746  1.00 45.87 ? 231 HOH A O   1 
HETATM 1173 O  O   . HOH C 3 .   ? 1.280   -3.195  18.376  1.00 51.11 ? 232 HOH A O   1 
HETATM 1174 O  O   . HOH C 3 .   ? 3.235   3.754   5.139   1.00 39.52 ? 233 HOH A O   1 
# 
